data_6C8J
# 
_entry.id   6C8J 
# 
_audit_conform.dict_name       mmcif_pdbx.dic 
_audit_conform.dict_version    5.379 
_audit_conform.dict_location   http://mmcif.pdb.org/dictionaries/ascii/mmcif_pdbx.dic 
# 
loop_
_database_2.database_id 
_database_2.database_code 
_database_2.pdbx_database_accession 
_database_2.pdbx_DOI 
PDB   6C8J         pdb_00006c8j 10.2210/pdb6c8j/pdb 
WWPDB D_1000232280 ?            ?                   
# 
_pdbx_database_status.status_code                     REL 
_pdbx_database_status.status_code_sf                  REL 
_pdbx_database_status.status_code_mr                  ? 
_pdbx_database_status.entry_id                        6C8J 
_pdbx_database_status.recvd_initial_deposition_date   2018-01-24 
_pdbx_database_status.SG_entry                        N 
_pdbx_database_status.deposit_site                    RCSB 
_pdbx_database_status.process_site                    RCSB 
_pdbx_database_status.status_code_cs                  ? 
_pdbx_database_status.methods_development_category    ? 
_pdbx_database_status.pdb_format_compatible           Y 
_pdbx_database_status.status_code_nmr_data            ? 
# 
loop_
_audit_author.name 
_audit_author.pdbx_ordinal 
_audit_author.identifier_ORCID 
'Zhang, W.'     1 ? 
'Szostak, J.W.' 2 ? 
# 
_citation.abstract                  ? 
_citation.abstract_id_CAS           ? 
_citation.book_id_ISBN              ? 
_citation.book_publisher            ? 
_citation.book_publisher_city       ? 
_citation.book_title                ? 
_citation.coordinate_linkage        ? 
_citation.country                   US 
_citation.database_id_Medline       ? 
_citation.details                   ? 
_citation.id                        primary 
_citation.journal_abbrev            Elife 
_citation.journal_id_ASTM           ? 
_citation.journal_id_CSD            ? 
_citation.journal_id_ISSN           2050-084X 
_citation.journal_full              ? 
_citation.journal_issue             ? 
_citation.journal_volume            7 
_citation.language                  ? 
_citation.page_first                ? 
_citation.page_last                 ? 
_citation.title                     'Crystallographic observation of nonenzymatic RNA primer extension.' 
_citation.year                      2018 
_citation.database_id_CSD           ? 
_citation.pdbx_database_id_DOI      10.7554/eLife.36422 
_citation.pdbx_database_id_PubMed   29851379 
_citation.unpublished_flag          ? 
# 
loop_
_citation_author.citation_id 
_citation_author.name 
_citation_author.ordinal 
_citation_author.identifier_ORCID 
primary 'Zhang, W.'     1 0000-0003-4811-4384 
primary 'Walton, T.'    2 0000-0001-6812-1579 
primary 'Li, L.'        3 0000-0003-4766-5782 
primary 'Szostak, J.W.' 4 0000-0003-4131-1203 
# 
_cell.angle_alpha                  90.00 
_cell.angle_alpha_esd              ? 
_cell.angle_beta                   90.00 
_cell.angle_beta_esd               ? 
_cell.angle_gamma                  120.00 
_cell.angle_gamma_esd              ? 
_cell.entry_id                     6C8J 
_cell.details                      ? 
_cell.formula_units_Z              ? 
_cell.length_a                     49.091 
_cell.length_a_esd                 ? 
_cell.length_b                     49.091 
_cell.length_b_esd                 ? 
_cell.length_c                     81.097 
_cell.length_c_esd                 ? 
_cell.volume                       ? 
_cell.volume_esd                   ? 
_cell.Z_PDB                        12 
_cell.reciprocal_angle_alpha       ? 
_cell.reciprocal_angle_beta        ? 
_cell.reciprocal_angle_gamma       ? 
_cell.reciprocal_angle_alpha_esd   ? 
_cell.reciprocal_angle_beta_esd    ? 
_cell.reciprocal_angle_gamma_esd   ? 
_cell.reciprocal_length_a          ? 
_cell.reciprocal_length_b          ? 
_cell.reciprocal_length_c          ? 
_cell.reciprocal_length_a_esd      ? 
_cell.reciprocal_length_b_esd      ? 
_cell.reciprocal_length_c_esd      ? 
_cell.pdbx_unique_axis             ? 
# 
_symmetry.entry_id                         6C8J 
_symmetry.cell_setting                     ? 
_symmetry.Int_Tables_number                150 
_symmetry.space_group_name_Hall            ? 
_symmetry.space_group_name_H-M             'P 3 2 1' 
_symmetry.pdbx_full_space_group_name_H-M   ? 
# 
loop_
_entity.id 
_entity.type 
_entity.src_method 
_entity.pdbx_description 
_entity.formula_weight 
_entity.pdbx_number_of_molecules 
_entity.pdbx_ec 
_entity.pdbx_mutation 
_entity.pdbx_fragment 
_entity.details 
1 polymer     syn 
;RNA (5'-R(*(LCC)P*(LCC)P*(LCC)P*(LCG)P*AP*CP*UP*UP*AP*AP*GP*UP*CP*G)-3')
;
4512.804 2   ? ? ? ? 
2 non-polymer syn "5'-O-[(R)-(2-amino-1H-imidazol-1-yl)(hydroxy)phosphoryl]guanosine"        428.297  4   ? ? ? ? 
3 non-polymer syn 'MAGNESIUM ION'                                                            24.305   6   ? ? ? ? 
4 water       nat water                                                                      18.015   110 ? ? ? ? 
# 
_entity_poly.entity_id                      1 
_entity_poly.type                           polyribonucleotide 
_entity_poly.nstd_linkage                   no 
_entity_poly.nstd_monomer                   yes 
_entity_poly.pdbx_seq_one_letter_code       '(LCC)(LCC)(LCC)(LCG)ACUUAAGUCG' 
_entity_poly.pdbx_seq_one_letter_code_can   NNNGACUUAAGUCG 
_entity_poly.pdbx_strand_id                 A,B 
_entity_poly.pdbx_target_identifier         ? 
# 
loop_
_entity_poly_seq.entity_id 
_entity_poly_seq.num 
_entity_poly_seq.mon_id 
_entity_poly_seq.hetero 
1 1  LCC n 
1 2  LCC n 
1 3  LCC n 
1 4  LCG n 
1 5  A   n 
1 6  C   n 
1 7  U   n 
1 8  U   n 
1 9  A   n 
1 10 A   n 
1 11 G   n 
1 12 U   n 
1 13 C   n 
1 14 G   n 
# 
_pdbx_entity_src_syn.entity_id              1 
_pdbx_entity_src_syn.pdbx_src_id            1 
_pdbx_entity_src_syn.pdbx_alt_source_flag   sample 
_pdbx_entity_src_syn.pdbx_beg_seq_num       1 
_pdbx_entity_src_syn.pdbx_end_seq_num       14 
_pdbx_entity_src_syn.organism_scientific    'synthetic construct' 
_pdbx_entity_src_syn.organism_common_name   ? 
_pdbx_entity_src_syn.ncbi_taxonomy_id       32630 
_pdbx_entity_src_syn.details                ? 
# 
_struct_ref.id                         1 
_struct_ref.db_name                    PDB 
_struct_ref.db_code                    6C8J 
_struct_ref.pdbx_db_accession          6C8J 
_struct_ref.pdbx_db_isoform            ? 
_struct_ref.entity_id                  1 
_struct_ref.pdbx_seq_one_letter_code   ? 
_struct_ref.pdbx_align_begin           1 
# 
loop_
_struct_ref_seq.align_id 
_struct_ref_seq.ref_id 
_struct_ref_seq.pdbx_PDB_id_code 
_struct_ref_seq.pdbx_strand_id 
_struct_ref_seq.seq_align_beg 
_struct_ref_seq.pdbx_seq_align_beg_ins_code 
_struct_ref_seq.seq_align_end 
_struct_ref_seq.pdbx_seq_align_end_ins_code 
_struct_ref_seq.pdbx_db_accession 
_struct_ref_seq.db_align_beg 
_struct_ref_seq.pdbx_db_align_beg_ins_code 
_struct_ref_seq.db_align_end 
_struct_ref_seq.pdbx_db_align_end_ins_code 
_struct_ref_seq.pdbx_auth_seq_align_beg 
_struct_ref_seq.pdbx_auth_seq_align_end 
1 1 6C8J A 1 ? 14 ? 6C8J 1 ? 14 ? 1 14 
2 1 6C8J B 1 ? 14 ? 6C8J 1 ? 14 ? 1 14 
# 
loop_
_chem_comp.id 
_chem_comp.type 
_chem_comp.mon_nstd_flag 
_chem_comp.name 
_chem_comp.pdbx_synonyms 
_chem_comp.formula 
_chem_comp.formula_weight 
A   'RNA linking' y "ADENOSINE-5'-MONOPHOSPHATE" ? 'C10 H14 N5 O7 P' 347.221 
C   'RNA linking' y "CYTIDINE-5'-MONOPHOSPHATE" ? 'C9 H14 N3 O8 P'  323.197 
EQ4 'RNA linking' n "5'-O-[(R)-(2-amino-1H-imidazol-1-yl)(hydroxy)phosphoryl]guanosine" ? 'C13 H17 N8 O7 P' 428.297 
G   'RNA linking' y "GUANOSINE-5'-MONOPHOSPHATE" ? 'C10 H14 N5 O8 P' 363.221 
HOH non-polymer   . WATER ? 'H2 O'            18.015  
LCC 'RNA linking' . 
'[(1R,3R,4R,7S)-7-HYDROXY-3-(5-METHYLCYTOSIN-1-YL)-2,5-DIOXABICYCLO[2.2.1]HEPT-1-YL]METHYL DIHYDROGEN PHOSPHATE' ? 
'C11 H16 N3 O8 P' 349.234 
LCG 'RNA linking' n '[(1R,3R,4R,7S)-7-HYDROXY-3-(GUANIN-9-YL)-2,5-DIOXABICYCLO[2.2.1]HEPT-1-YL]METHYL DIHYDROGEN PHOSPHATE' ? 
'C11 H14 N5 O8 P' 375.231 
MG  non-polymer   . 'MAGNESIUM ION' ? 'Mg 2'            24.305  
U   'RNA linking' y "URIDINE-5'-MONOPHOSPHATE" ? 'C9 H13 N2 O9 P'  324.181 
# 
_exptl.absorpt_coefficient_mu     ? 
_exptl.absorpt_correction_T_max   ? 
_exptl.absorpt_correction_T_min   ? 
_exptl.absorpt_correction_type    ? 
_exptl.absorpt_process_details    ? 
_exptl.entry_id                   6C8J 
_exptl.crystals_number            1 
_exptl.details                    ? 
_exptl.method                     'X-RAY DIFFRACTION' 
_exptl.method_details             ? 
# 
_exptl_crystal.colour                      ? 
_exptl_crystal.density_diffrn              ? 
_exptl_crystal.density_Matthews            2.9 
_exptl_crystal.density_method              ? 
_exptl_crystal.density_percent_sol         57.58 
_exptl_crystal.description                 ? 
_exptl_crystal.F_000                       ? 
_exptl_crystal.id                          1 
_exptl_crystal.preparation                 ? 
_exptl_crystal.size_max                    ? 
_exptl_crystal.size_mid                    ? 
_exptl_crystal.size_min                    ? 
_exptl_crystal.size_rad                    ? 
_exptl_crystal.colour_lustre               ? 
_exptl_crystal.colour_modifier             ? 
_exptl_crystal.colour_primary              ? 
_exptl_crystal.density_meas                ? 
_exptl_crystal.density_meas_esd            ? 
_exptl_crystal.density_meas_gt             ? 
_exptl_crystal.density_meas_lt             ? 
_exptl_crystal.density_meas_temp           ? 
_exptl_crystal.density_meas_temp_esd       ? 
_exptl_crystal.density_meas_temp_gt        ? 
_exptl_crystal.density_meas_temp_lt        ? 
_exptl_crystal.pdbx_crystal_image_url      ? 
_exptl_crystal.pdbx_crystal_image_format   ? 
_exptl_crystal.pdbx_mosaicity              ? 
_exptl_crystal.pdbx_mosaicity_esd          ? 
# 
_exptl_crystal_grow.apparatus       ? 
_exptl_crystal_grow.atmosphere      ? 
_exptl_crystal_grow.crystal_id      1 
_exptl_crystal_grow.details         ? 
_exptl_crystal_grow.method          'VAPOR DIFFUSION, HANGING DROP' 
_exptl_crystal_grow.method_ref      ? 
_exptl_crystal_grow.pH              7.0 
_exptl_crystal_grow.pressure        ? 
_exptl_crystal_grow.pressure_esd    ? 
_exptl_crystal_grow.seeding         ? 
_exptl_crystal_grow.seeding_ref     ? 
_exptl_crystal_grow.temp            291 
_exptl_crystal_grow.temp_details    ? 
_exptl_crystal_grow.temp_esd        ? 
_exptl_crystal_grow.time            ? 
_exptl_crystal_grow.pdbx_details    
;10% v/v (+/-)-2-Methyl-2,4-pentanediol, 0.040 M Sodium cacodylate trihydrate pH 7.0, 0.012 M Spermine tetrahydrochloride, 0.080 M Sodium chloride, 0.020 M Magnesium chloride hexahydrate
;
_exptl_crystal_grow.pdbx_pH_range   ? 
# 
_diffrn.ambient_environment    ? 
_diffrn.ambient_temp           99 
_diffrn.ambient_temp_details   ? 
_diffrn.ambient_temp_esd       ? 
_diffrn.crystal_id             1 
_diffrn.crystal_support        ? 
_diffrn.crystal_treatment      ? 
_diffrn.details                ? 
_diffrn.id                     1 
_diffrn.ambient_pressure       ? 
_diffrn.ambient_pressure_esd   ? 
_diffrn.ambient_pressure_gt    ? 
_diffrn.ambient_pressure_lt    ? 
_diffrn.ambient_temp_gt        ? 
_diffrn.ambient_temp_lt        ? 
# 
_diffrn_detector.details                      ? 
_diffrn_detector.detector                     CCD 
_diffrn_detector.diffrn_id                    1 
_diffrn_detector.type                         'MAR CCD 130 mm' 
_diffrn_detector.area_resol_mean              ? 
_diffrn_detector.dtime                        ? 
_diffrn_detector.pdbx_frames_total            ? 
_diffrn_detector.pdbx_collection_time_total   ? 
_diffrn_detector.pdbx_collection_date         2017-07-09 
# 
_diffrn_radiation.collimation                      ? 
_diffrn_radiation.diffrn_id                        1 
_diffrn_radiation.filter_edge                      ? 
_diffrn_radiation.inhomogeneity                    ? 
_diffrn_radiation.monochromator                    ? 
_diffrn_radiation.polarisn_norm                    ? 
_diffrn_radiation.polarisn_ratio                   ? 
_diffrn_radiation.probe                            ? 
_diffrn_radiation.type                             ? 
_diffrn_radiation.xray_symbol                      ? 
_diffrn_radiation.wavelength_id                    1 
_diffrn_radiation.pdbx_monochromatic_or_laue_m_l   M 
_diffrn_radiation.pdbx_wavelength_list             ? 
_diffrn_radiation.pdbx_wavelength                  ? 
_diffrn_radiation.pdbx_diffrn_protocol             'SINGLE WAVELENGTH' 
_diffrn_radiation.pdbx_analyzer                    ? 
_diffrn_radiation.pdbx_scattering_type             x-ray 
# 
_diffrn_radiation_wavelength.id           1 
_diffrn_radiation_wavelength.wavelength   1 
_diffrn_radiation_wavelength.wt           1.0 
# 
_diffrn_source.current                     ? 
_diffrn_source.details                     ? 
_diffrn_source.diffrn_id                   1 
_diffrn_source.power                       ? 
_diffrn_source.size                        ? 
_diffrn_source.source                      SYNCHROTRON 
_diffrn_source.target                      ? 
_diffrn_source.type                        'ALS BEAMLINE 8.2.1' 
_diffrn_source.voltage                     ? 
_diffrn_source.take-off_angle              ? 
_diffrn_source.pdbx_wavelength_list        1 
_diffrn_source.pdbx_wavelength             ? 
_diffrn_source.pdbx_synchrotron_beamline   8.2.1 
_diffrn_source.pdbx_synchrotron_site       ALS 
# 
_reflns.B_iso_Wilson_estimate            ? 
_reflns.entry_id                         6C8J 
_reflns.data_reduction_details           ? 
_reflns.data_reduction_method            ? 
_reflns.d_resolution_high                1.50 
_reflns.d_resolution_low                 50 
_reflns.details                          ? 
_reflns.limit_h_max                      ? 
_reflns.limit_h_min                      ? 
_reflns.limit_k_max                      ? 
_reflns.limit_k_min                      ? 
_reflns.limit_l_max                      ? 
_reflns.limit_l_min                      ? 
_reflns.number_all                       ? 
_reflns.number_obs                       16980 
_reflns.observed_criterion               ? 
_reflns.observed_criterion_F_max         ? 
_reflns.observed_criterion_F_min         ? 
_reflns.observed_criterion_I_max         ? 
_reflns.observed_criterion_I_min         ? 
_reflns.observed_criterion_sigma_F       ? 
_reflns.observed_criterion_sigma_I       ? 
_reflns.percent_possible_obs             90.1 
_reflns.R_free_details                   ? 
_reflns.Rmerge_F_all                     ? 
_reflns.Rmerge_F_obs                     ? 
_reflns.Friedel_coverage                 ? 
_reflns.number_gt                        ? 
_reflns.threshold_expression             ? 
_reflns.pdbx_redundancy                  10.6 
_reflns.pdbx_Rmerge_I_obs                0.11 
_reflns.pdbx_Rmerge_I_all                ? 
_reflns.pdbx_Rsym_value                  ? 
_reflns.pdbx_netI_over_av_sigmaI         ? 
_reflns.pdbx_netI_over_sigmaI            12.41 
_reflns.pdbx_res_netI_over_av_sigmaI_2   ? 
_reflns.pdbx_res_netI_over_sigmaI_2      ? 
_reflns.pdbx_chi_squared                 1.151 
_reflns.pdbx_scaling_rejects             ? 
_reflns.pdbx_d_res_high_opt              ? 
_reflns.pdbx_d_res_low_opt               ? 
_reflns.pdbx_d_res_opt_method            ? 
_reflns.phase_calculation_details        ? 
_reflns.pdbx_Rrim_I_all                  0.116 
_reflns.pdbx_Rpim_I_all                  0.036 
_reflns.pdbx_d_opt                       ? 
_reflns.pdbx_number_measured_all         ? 
_reflns.pdbx_diffrn_id                   1 
_reflns.pdbx_ordinal                     1 
_reflns.pdbx_CC_half                     0.981 
_reflns.pdbx_R_split                     ? 
# 
_reflns_shell.d_res_high                  1.50 
_reflns_shell.d_res_low                   1.55 
_reflns_shell.meanI_over_sigI_all         ? 
_reflns_shell.meanI_over_sigI_obs         3.76 
_reflns_shell.number_measured_all         ? 
_reflns_shell.number_measured_obs         ? 
_reflns_shell.number_possible             ? 
_reflns_shell.number_unique_all           ? 
_reflns_shell.number_unique_obs           1761 
_reflns_shell.percent_possible_all        95.7 
_reflns_shell.percent_possible_obs        ? 
_reflns_shell.Rmerge_F_all                ? 
_reflns_shell.Rmerge_F_obs                ? 
_reflns_shell.Rmerge_I_all                ? 
_reflns_shell.Rmerge_I_obs                0.553 
_reflns_shell.meanI_over_sigI_gt          ? 
_reflns_shell.meanI_over_uI_all           ? 
_reflns_shell.meanI_over_uI_gt            ? 
_reflns_shell.number_measured_gt          ? 
_reflns_shell.number_unique_gt            ? 
_reflns_shell.percent_possible_gt         ? 
_reflns_shell.Rmerge_F_gt                 ? 
_reflns_shell.Rmerge_I_gt                 ? 
_reflns_shell.pdbx_redundancy             9.1 
_reflns_shell.pdbx_Rsym_value             ? 
_reflns_shell.pdbx_chi_squared            0.874 
_reflns_shell.pdbx_netI_over_sigmaI_all   ? 
_reflns_shell.pdbx_netI_over_sigmaI_obs   ? 
_reflns_shell.pdbx_Rrim_I_all             0.586 
_reflns_shell.pdbx_Rpim_I_all             0.189 
_reflns_shell.pdbx_rejects                ? 
_reflns_shell.pdbx_ordinal                1 
_reflns_shell.pdbx_diffrn_id              1 
_reflns_shell.pdbx_CC_half                0.918 
_reflns_shell.pdbx_R_split                ? 
# 
_refine.aniso_B[1][1]                            0.00 
_refine.aniso_B[1][2]                            0.00 
_refine.aniso_B[1][3]                            0.00 
_refine.aniso_B[2][2]                            0.00 
_refine.aniso_B[2][3]                            -0.00 
_refine.aniso_B[3][3]                            -0.01 
_refine.B_iso_max                                ? 
_refine.B_iso_mean                               28.724 
_refine.B_iso_min                                ? 
_refine.correlation_coeff_Fo_to_Fc               0.956 
_refine.correlation_coeff_Fo_to_Fc_free          0.945 
_refine.details                                  'HYDROGENS HAVE BEEN ADDED IN THE RIDING POSITIONS' 
_refine.diff_density_max                         ? 
_refine.diff_density_max_esd                     ? 
_refine.diff_density_min                         ? 
_refine.diff_density_min_esd                     ? 
_refine.diff_density_rms                         ? 
_refine.diff_density_rms_esd                     ? 
_refine.entry_id                                 6C8J 
_refine.pdbx_refine_id                           'X-RAY DIFFRACTION' 
_refine.ls_abs_structure_details                 ? 
_refine.ls_abs_structure_Flack                   ? 
_refine.ls_abs_structure_Flack_esd               ? 
_refine.ls_abs_structure_Rogers                  ? 
_refine.ls_abs_structure_Rogers_esd              ? 
_refine.ls_d_res_high                            1.50 
_refine.ls_d_res_low                             50 
_refine.ls_extinction_coef                       ? 
_refine.ls_extinction_coef_esd                   ? 
_refine.ls_extinction_expression                 ? 
_refine.ls_extinction_method                     ? 
_refine.ls_goodness_of_fit_all                   ? 
_refine.ls_goodness_of_fit_all_esd               ? 
_refine.ls_goodness_of_fit_obs                   ? 
_refine.ls_goodness_of_fit_obs_esd               ? 
_refine.ls_hydrogen_treatment                    ? 
_refine.ls_matrix_type                           ? 
_refine.ls_number_constraints                    ? 
_refine.ls_number_parameters                     ? 
_refine.ls_number_reflns_all                     ? 
_refine.ls_number_reflns_obs                     16084 
_refine.ls_number_reflns_R_free                  857 
_refine.ls_number_reflns_R_work                  ? 
_refine.ls_number_restraints                     ? 
_refine.ls_percent_reflns_obs                    89.83 
_refine.ls_percent_reflns_R_free                 5.1 
_refine.ls_R_factor_all                          ? 
_refine.ls_R_factor_obs                          0.21261 
_refine.ls_R_factor_R_free                       0.24415 
_refine.ls_R_factor_R_free_error                 ? 
_refine.ls_R_factor_R_free_error_details         ? 
_refine.ls_R_factor_R_work                       0.21090 
_refine.ls_R_Fsqd_factor_obs                     ? 
_refine.ls_R_I_factor_obs                        ? 
_refine.ls_redundancy_reflns_all                 ? 
_refine.ls_redundancy_reflns_obs                 ? 
_refine.ls_restrained_S_all                      ? 
_refine.ls_restrained_S_obs                      ? 
_refine.ls_shift_over_esd_max                    ? 
_refine.ls_shift_over_esd_mean                   ? 
_refine.ls_structure_factor_coef                 ? 
_refine.ls_weighting_details                     ? 
_refine.ls_weighting_scheme                      ? 
_refine.ls_wR_factor_all                         ? 
_refine.ls_wR_factor_obs                         ? 
_refine.ls_wR_factor_R_free                      ? 
_refine.ls_wR_factor_R_work                      ? 
_refine.occupancy_max                            ? 
_refine.occupancy_min                            ? 
_refine.solvent_model_details                    ? 
_refine.solvent_model_param_bsol                 ? 
_refine.solvent_model_param_ksol                 ? 
_refine.ls_R_factor_gt                           ? 
_refine.ls_goodness_of_fit_gt                    ? 
_refine.ls_goodness_of_fit_ref                   ? 
_refine.ls_shift_over_su_max                     ? 
_refine.ls_shift_over_su_max_lt                  ? 
_refine.ls_shift_over_su_mean                    ? 
_refine.ls_shift_over_su_mean_lt                 ? 
_refine.pdbx_ls_sigma_I                          ? 
_refine.pdbx_ls_sigma_F                          ? 
_refine.pdbx_ls_sigma_Fsqd                       ? 
_refine.pdbx_data_cutoff_high_absF               ? 
_refine.pdbx_data_cutoff_high_rms_absF           ? 
_refine.pdbx_data_cutoff_low_absF                ? 
_refine.pdbx_isotropic_thermal_model             ? 
_refine.pdbx_ls_cross_valid_method               THROUGHOUT 
_refine.pdbx_method_to_determine_struct          'MOLECULAR REPLACEMENT' 
_refine.pdbx_starting_model                      5dhc 
_refine.pdbx_stereochemistry_target_values       ? 
_refine.pdbx_R_Free_selection_details            RANDOM 
_refine.pdbx_stereochem_target_val_spec_case     ? 
_refine.pdbx_overall_ESU_R                       0.085 
_refine.pdbx_overall_ESU_R_Free                  0.088 
_refine.pdbx_solvent_vdw_probe_radii             1.20 
_refine.pdbx_solvent_ion_probe_radii             0.80 
_refine.pdbx_solvent_shrinkage_radii             0.80 
_refine.pdbx_real_space_R                        ? 
_refine.pdbx_density_correlation                 ? 
_refine.pdbx_pd_number_of_powder_patterns        ? 
_refine.pdbx_pd_number_of_points                 ? 
_refine.pdbx_pd_meas_number_of_points            ? 
_refine.pdbx_pd_proc_ls_prof_R_factor            ? 
_refine.pdbx_pd_proc_ls_prof_wR_factor           ? 
_refine.pdbx_pd_Marquardt_correlation_coeff      ? 
_refine.pdbx_pd_Fsqrd_R_factor                   ? 
_refine.pdbx_pd_ls_matrix_band_width             ? 
_refine.pdbx_overall_phase_error                 ? 
_refine.pdbx_overall_SU_R_free_Cruickshank_DPI   ? 
_refine.pdbx_overall_SU_R_free_Blow_DPI          ? 
_refine.pdbx_overall_SU_R_Blow_DPI               ? 
_refine.pdbx_TLS_residual_ADP_flag               ? 
_refine.pdbx_diffrn_id                           1 
_refine.overall_SU_B                             1.235 
_refine.overall_SU_ML                            0.047 
_refine.overall_SU_R_Cruickshank_DPI             ? 
_refine.overall_SU_R_free                        ? 
_refine.overall_FOM_free_R_set                   ? 
_refine.overall_FOM_work_R_set                   ? 
_refine.pdbx_average_fsc_overall                 ? 
_refine.pdbx_average_fsc_work                    ? 
_refine.pdbx_average_fsc_free                    ? 
# 
_refine_hist.pdbx_refine_id                   'X-RAY DIFFRACTION' 
_refine_hist.cycle_id                         1 
_refine_hist.pdbx_number_atoms_protein        0 
_refine_hist.pdbx_number_atoms_nucleic_acid   598 
_refine_hist.pdbx_number_atoms_ligand         122 
_refine_hist.number_atoms_solvent             110 
_refine_hist.number_atoms_total               830 
_refine_hist.d_res_high                       1.50 
_refine_hist.d_res_low                        50 
# 
loop_
_refine_ls_restr.pdbx_refine_id 
_refine_ls_restr.criterion 
_refine_ls_restr.dev_ideal 
_refine_ls_restr.dev_ideal_target 
_refine_ls_restr.number 
_refine_ls_restr.rejects 
_refine_ls_restr.type 
_refine_ls_restr.weight 
_refine_ls_restr.pdbx_restraint_function 
'X-RAY DIFFRACTION' ? 0.030 0.017  792  ? r_bond_refined_d             ? ? 
'X-RAY DIFFRACTION' ? 0.079 0.024  356  ? r_bond_other_d               ? ? 
'X-RAY DIFFRACTION' ? 3.237 2.014  1224 ? r_angle_refined_deg          ? ? 
'X-RAY DIFFRACTION' ? 3.818 3.279  848  ? r_angle_other_deg            ? ? 
'X-RAY DIFFRACTION' ? ?     ?      ?    ? r_dihedral_angle_1_deg       ? ? 
'X-RAY DIFFRACTION' ? ?     ?      ?    ? r_dihedral_angle_2_deg       ? ? 
'X-RAY DIFFRACTION' ? ?     ?      ?    ? r_dihedral_angle_3_deg       ? ? 
'X-RAY DIFFRACTION' ? ?     ?      ?    ? r_dihedral_angle_4_deg       ? ? 
'X-RAY DIFFRACTION' ? 0.139 0.200  138  ? r_chiral_restr               ? ? 
'X-RAY DIFFRACTION' ? 0.025 0.021  424  ? r_gen_planes_refined         ? ? 
'X-RAY DIFFRACTION' ? 0.003 0.022  160  ? r_gen_planes_other           ? ? 
'X-RAY DIFFRACTION' ? ?     ?      ?    ? r_nbd_refined                ? ? 
'X-RAY DIFFRACTION' ? ?     ?      ?    ? r_nbd_other                  ? ? 
'X-RAY DIFFRACTION' ? ?     ?      ?    ? r_nbtor_refined              ? ? 
'X-RAY DIFFRACTION' ? ?     ?      ?    ? r_nbtor_other                ? ? 
'X-RAY DIFFRACTION' ? ?     ?      ?    ? r_xyhbond_nbd_refined        ? ? 
'X-RAY DIFFRACTION' ? ?     ?      ?    ? r_xyhbond_nbd_other          ? ? 
'X-RAY DIFFRACTION' ? ?     ?      ?    ? r_metal_ion_refined          ? ? 
'X-RAY DIFFRACTION' ? ?     ?      ?    ? r_metal_ion_other            ? ? 
'X-RAY DIFFRACTION' ? ?     ?      ?    ? r_symmetry_vdw_refined       ? ? 
'X-RAY DIFFRACTION' ? ?     ?      ?    ? r_symmetry_vdw_other         ? ? 
'X-RAY DIFFRACTION' ? ?     ?      ?    ? r_symmetry_hbond_refined     ? ? 
'X-RAY DIFFRACTION' ? ?     ?      ?    ? r_symmetry_hbond_other       ? ? 
'X-RAY DIFFRACTION' ? ?     ?      ?    ? r_symmetry_metal_ion_refined ? ? 
'X-RAY DIFFRACTION' ? ?     ?      ?    ? r_symmetry_metal_ion_other   ? ? 
'X-RAY DIFFRACTION' ? ?     ?      ?    ? r_mcbond_it                  ? ? 
'X-RAY DIFFRACTION' ? ?     ?      ?    ? r_mcbond_other               ? ? 
'X-RAY DIFFRACTION' ? ?     ?      ?    ? r_mcangle_it                 ? ? 
'X-RAY DIFFRACTION' ? ?     ?      ?    ? r_mcangle_other              ? ? 
'X-RAY DIFFRACTION' ? 3.333 2.970  790  ? r_scbond_it                  ? ? 
'X-RAY DIFFRACTION' ? 3.331 2.977  791  ? r_scbond_other               ? ? 
'X-RAY DIFFRACTION' ? ?     ?      ?    ? r_scangle_it                 ? ? 
'X-RAY DIFFRACTION' ? 4.663 4.454  1225 ? r_scangle_other              ? ? 
'X-RAY DIFFRACTION' ? 4.615 28.626 1319 ? r_long_range_B_refined       ? ? 
'X-RAY DIFFRACTION' ? 4.698 28.625 1209 ? r_long_range_B_other         ? ? 
'X-RAY DIFFRACTION' ? ?     ?      ?    ? r_rigid_bond_restr           ? ? 
'X-RAY DIFFRACTION' ? ?     ?      ?    ? r_sphericity_free            ? ? 
'X-RAY DIFFRACTION' ? ?     ?      ?    ? r_sphericity_bonded          ? ? 
# 
_refine_ls_shell.pdbx_refine_id                   'X-RAY DIFFRACTION' 
_refine_ls_shell.d_res_high                       1.497 
_refine_ls_shell.d_res_low                        1.536 
_refine_ls_shell.number_reflns_all                ? 
_refine_ls_shell.number_reflns_obs                ? 
_refine_ls_shell.number_reflns_R_free             71 
_refine_ls_shell.number_reflns_R_work             1238 
_refine_ls_shell.percent_reflns_obs               95.13 
_refine_ls_shell.percent_reflns_R_free            ? 
_refine_ls_shell.R_factor_all                     ? 
_refine_ls_shell.R_factor_obs                     ? 
_refine_ls_shell.R_factor_R_free                  0.260 
_refine_ls_shell.R_factor_R_free_error            ? 
_refine_ls_shell.R_factor_R_work                  0.261 
_refine_ls_shell.redundancy_reflns_all            ? 
_refine_ls_shell.redundancy_reflns_obs            ? 
_refine_ls_shell.wR_factor_all                    ? 
_refine_ls_shell.wR_factor_obs                    ? 
_refine_ls_shell.wR_factor_R_free                 ? 
_refine_ls_shell.wR_factor_R_work                 ? 
_refine_ls_shell.pdbx_total_number_of_bins_used   20 
_refine_ls_shell.pdbx_phase_error                 ? 
_refine_ls_shell.pdbx_fsc_work                    ? 
_refine_ls_shell.pdbx_fsc_free                    ? 
# 
_struct.entry_id                     6C8J 
_struct.title                        'RNA-activated 2-AIpG monomer complex, 15 min soaking' 
_struct.pdbx_model_details           ? 
_struct.pdbx_formula_weight          ? 
_struct.pdbx_formula_weight_method   ? 
_struct.pdbx_model_type_details      ? 
_struct.pdbx_CASP_flag               N 
# 
_struct_keywords.entry_id        6C8J 
_struct_keywords.text            'RNA, activated monomer' 
_struct_keywords.pdbx_keywords   RNA 
# 
loop_
_struct_asym.id 
_struct_asym.pdbx_blank_PDB_chainid_flag 
_struct_asym.pdbx_modified 
_struct_asym.entity_id 
_struct_asym.details 
A N N 1 ? 
B N N 1 ? 
C N N 2 ? 
D N N 2 ? 
E N N 2 ? 
F N N 3 ? 
G N N 3 ? 
H N N 3 ? 
I N N 3 ? 
J N N 3 ? 
K N N 2 ? 
L N N 3 ? 
M N N 4 ? 
N N N 4 ? 
# 
loop_
_struct_conn.id 
_struct_conn.conn_type_id 
_struct_conn.pdbx_leaving_atom_flag 
_struct_conn.pdbx_PDB_id 
_struct_conn.ptnr1_label_asym_id 
_struct_conn.ptnr1_label_comp_id 
_struct_conn.ptnr1_label_seq_id 
_struct_conn.ptnr1_label_atom_id 
_struct_conn.pdbx_ptnr1_label_alt_id 
_struct_conn.pdbx_ptnr1_PDB_ins_code 
_struct_conn.pdbx_ptnr1_standard_comp_id 
_struct_conn.ptnr1_symmetry 
_struct_conn.ptnr2_label_asym_id 
_struct_conn.ptnr2_label_comp_id 
_struct_conn.ptnr2_label_seq_id 
_struct_conn.ptnr2_label_atom_id 
_struct_conn.pdbx_ptnr2_label_alt_id 
_struct_conn.pdbx_ptnr2_PDB_ins_code 
_struct_conn.ptnr1_auth_asym_id 
_struct_conn.ptnr1_auth_comp_id 
_struct_conn.ptnr1_auth_seq_id 
_struct_conn.ptnr2_auth_asym_id 
_struct_conn.ptnr2_auth_comp_id 
_struct_conn.ptnr2_auth_seq_id 
_struct_conn.ptnr2_symmetry 
_struct_conn.pdbx_ptnr3_label_atom_id 
_struct_conn.pdbx_ptnr3_label_seq_id 
_struct_conn.pdbx_ptnr3_label_comp_id 
_struct_conn.pdbx_ptnr3_label_asym_id 
_struct_conn.pdbx_ptnr3_label_alt_id 
_struct_conn.pdbx_ptnr3_PDB_ins_code 
_struct_conn.details 
_struct_conn.pdbx_dist_value 
_struct_conn.pdbx_value_order 
_struct_conn.pdbx_role 
covale1  covale both ? A LCC 1  "O3'" ? ? ? 1_555 A LCC 2  P  ? ? A LCC 1   A LCC 2   1_555 ? ? ? ? ? ? ?            1.655 ? ? 
covale2  covale both ? A LCC 2  "O3'" ? ? ? 1_555 A LCC 3  P  ? ? A LCC 2   A LCC 3   1_555 ? ? ? ? ? ? ?            1.638 ? ? 
covale3  covale both ? A LCC 3  "O3'" ? ? ? 1_555 A LCG 4  P  ? ? A LCC 3   A LCG 4   1_555 ? ? ? ? ? ? ?            1.629 ? ? 
covale4  covale both ? A LCG 4  "O3'" ? ? ? 1_555 A A   5  P  ? ? A LCG 4   A A   5   1_555 ? ? ? ? ? ? ?            1.542 ? ? 
covale5  covale both ? B LCC 1  "O3'" ? ? ? 1_555 B LCC 2  P  ? ? B LCC 1   B LCC 2   1_555 ? ? ? ? ? ? ?            1.656 ? ? 
covale6  covale both ? B LCC 2  "O3'" ? ? ? 1_555 B LCC 3  P  ? ? B LCC 2   B LCC 3   1_555 ? ? ? ? ? ? ?            1.708 ? ? 
covale7  covale both ? B LCC 3  "O3'" ? ? ? 1_555 B LCG 4  P  ? ? B LCC 3   B LCG 4   1_555 ? ? ? ? ? ? ?            1.648 ? ? 
covale8  covale both ? B LCG 4  "O3'" ? ? ? 1_555 B A   5  P  ? ? B LCG 4   B A   5   1_555 ? ? ? ? ? ? ?            1.562 ? ? 
metalc1  metalc ?    ? F MG  .  MG    ? ? ? 1_555 M HOH .  O  ? ? A MG  104 A HOH 209 1_555 ? ? ? ? ? ? ?            2.056 ? ? 
metalc2  metalc ?    ? F MG  .  MG    ? ? ? 1_555 M HOH .  O  ? ? A MG  104 A HOH 220 1_555 ? ? ? ? ? ? ?            1.981 ? ? 
metalc3  metalc ?    ? F MG  .  MG    ? ? ? 1_555 M HOH .  O  ? ? A MG  104 A HOH 257 1_555 ? ? ? ? ? ? ?            2.072 ? ? 
metalc4  metalc ?    ? F MG  .  MG    ? ? ? 1_555 N HOH .  O  ? ? A MG  104 B HOH 208 1_555 ? ? ? ? ? ? ?            2.042 ? ? 
metalc5  metalc ?    ? F MG  .  MG    ? ? ? 1_555 N HOH .  O  ? ? A MG  104 B HOH 209 1_555 ? ? ? ? ? ? ?            2.027 ? ? 
metalc6  metalc ?    ? F MG  .  MG    ? ? ? 1_555 N HOH .  O  ? ? A MG  104 B HOH 247 1_555 ? ? ? ? ? ? ?            2.068 ? ? 
metalc7  metalc ?    ? G MG  .  MG    ? ? ? 1_555 M HOH .  O  ? ? A MG  105 A HOH 202 1_555 ? ? ? ? ? ? ?            2.046 ? ? 
metalc8  metalc ?    ? G MG  .  MG    ? ? ? 1_555 M HOH .  O  ? ? A MG  105 A HOH 214 1_555 ? ? ? ? ? ? ?            2.095 ? ? 
metalc9  metalc ?    ? G MG  .  MG    ? ? ? 1_555 M HOH .  O  ? ? A MG  105 A HOH 239 1_555 ? ? ? ? ? ? ?            2.105 ? ? 
metalc10 metalc ?    ? G MG  .  MG    ? ? ? 1_555 M HOH .  O  ? ? A MG  105 A HOH 253 1_555 ? ? ? ? ? ? ?            2.081 ? ? 
metalc11 metalc ?    ? G MG  .  MG    ? ? ? 1_555 M HOH .  O  ? ? A MG  105 A HOH 258 1_555 ? ? ? ? ? ? ?            2.040 ? ? 
metalc12 metalc ?    ? G MG  .  MG    ? ? ? 1_555 M HOH .  O  ? ? A MG  105 A HOH 259 1_555 ? ? ? ? ? ? ?            2.027 ? ? 
metalc13 metalc ?    ? H MG  .  MG    ? ? ? 1_555 M HOH .  O  ? ? A MG  106 A HOH 203 3_665 ? ? ? ? ? ? ?            1.984 ? ? 
metalc14 metalc ?    ? H MG  .  MG    ? ? ? 1_555 M HOH .  O  ? ? A MG  106 A HOH 229 3_665 ? ? ? ? ? ? ?            2.023 ? ? 
metalc15 metalc ?    ? H MG  .  MG    ? ? ? 1_555 M HOH .  O  ? ? A MG  106 A HOH 231 3_665 ? ? ? ? ? ? ?            2.118 ? ? 
metalc16 metalc ?    ? H MG  .  MG    ? ? ? 1_555 N HOH .  O  ? ? A MG  106 B HOH 227 3_665 ? ? ? ? ? ? ?            2.069 ? ? 
metalc17 metalc ?    ? H MG  .  MG    ? ? ? 1_555 N HOH .  O  ? ? A MG  106 B HOH 236 3_665 ? ? ? ? ? ? ?            2.195 ? ? 
metalc18 metalc ?    ? H MG  .  MG    ? ? ? 1_555 N HOH .  O  ? ? A MG  106 B HOH 244 3_665 ? ? ? ? ? ? ?            1.998 ? ? 
metalc19 metalc ?    ? I MG  .  MG    ? ? ? 1_555 N HOH .  O  ? ? A MG  107 B HOH 202 3_665 ? ? ? ? ? ? ?            2.035 ? ? 
metalc20 metalc ?    ? I MG  .  MG    ? ? ? 1_555 N HOH .  O  ? ? A MG  107 B HOH 206 3_665 ? ? ? ? ? ? ?            2.119 ? ? 
metalc21 metalc ?    ? I MG  .  MG    ? ? ? 1_555 N HOH .  O  ? ? A MG  107 B HOH 231 3_665 ? ? ? ? ? ? ?            2.120 ? ? 
metalc22 metalc ?    ? I MG  .  MG    ? ? ? 1_555 N HOH .  O  ? ? A MG  107 B HOH 245 3_665 ? ? ? ? ? ? ?            2.061 ? ? 
metalc23 metalc ?    ? I MG  .  MG    ? ? ? 1_555 N HOH .  O  ? ? A MG  107 B HOH 250 3_665 ? ? ? ? ? ? ?            2.017 ? ? 
metalc24 metalc ?    ? I MG  .  MG    ? ? ? 1_555 N HOH .  O  ? ? A MG  107 B HOH 251 3_665 ? ? ? ? ? ? ?            2.088 ? ? 
metalc25 metalc ?    ? J MG  .  MG    ? ? ? 1_555 M HOH .  O  ? ? A MG  108 A HOH 254 1_555 ? ? ? ? ? ? ?            2.473 ? ? 
metalc26 metalc ?    ? J MG  .  MG    ? ? ? 1_555 M HOH .  O  ? ? A MG  108 A HOH 254 2_655 ? ? ? ? ? ? ?            2.483 ? ? 
metalc27 metalc ?    ? M HOH .  O     ? ? ? 1_555 L MG  .  MG ? ? A HOH 230 B MG  102 1_555 ? ? ? ? ? ? ?            2.080 ? ? 
metalc28 metalc ?    ? M HOH .  O     ? ? ? 1_555 L MG  .  MG ? ? A HOH 242 B MG  102 1_555 ? ? ? ? ? ? ?            2.190 ? ? 
metalc29 metalc ?    ? M HOH .  O     ? ? ? 1_555 L MG  .  MG ? ? A HOH 252 B MG  102 1_555 ? ? ? ? ? ? ?            1.992 ? ? 
metalc30 metalc ?    ? L MG  .  MG    ? ? ? 1_555 N HOH .  O  ? ? B MG  102 B HOH 203 1_555 ? ? ? ? ? ? ?            2.004 ? ? 
metalc31 metalc ?    ? L MG  .  MG    ? ? ? 1_555 N HOH .  O  ? ? B MG  102 B HOH 226 1_555 ? ? ? ? ? ? ?            1.992 ? ? 
metalc32 metalc ?    ? L MG  .  MG    ? ? ? 1_555 N HOH .  O  ? ? B MG  102 B HOH 229 3_665 ? ? ? ? ? ? ?            2.085 ? ? 
hydrog1  hydrog ?    ? A LCG 4  N1    ? ? ? 1_555 B C   13 N3 ? ? A LCG 4   B C   13  1_555 ? ? ? ? ? ? WATSON-CRICK ?     ? ? 
hydrog2  hydrog ?    ? A LCG 4  N2    ? ? ? 1_555 B C   13 O2 ? ? A LCG 4   B C   13  1_555 ? ? ? ? ? ? WATSON-CRICK ?     ? ? 
hydrog3  hydrog ?    ? A LCG 4  O6    ? ? ? 1_555 B C   13 N4 ? ? A LCG 4   B C   13  1_555 ? ? ? ? ? ? WATSON-CRICK ?     ? ? 
hydrog4  hydrog ?    ? A A   5  N1    ? ? ? 1_555 B U   12 N3 ? ? A A   5   B U   12  1_555 ? ? ? ? ? ? WATSON-CRICK ?     ? ? 
hydrog5  hydrog ?    ? A A   5  N6    ? ? ? 1_555 B U   12 O4 ? ? A A   5   B U   12  1_555 ? ? ? ? ? ? WATSON-CRICK ?     ? ? 
hydrog6  hydrog ?    ? A C   6  N3    ? ? ? 1_555 B G   11 N1 ? ? A C   6   B G   11  1_555 ? ? ? ? ? ? WATSON-CRICK ?     ? ? 
hydrog7  hydrog ?    ? A C   6  N4    ? ? ? 1_555 B G   11 O6 ? ? A C   6   B G   11  1_555 ? ? ? ? ? ? WATSON-CRICK ?     ? ? 
hydrog8  hydrog ?    ? A C   6  O2    ? ? ? 1_555 B G   11 N2 ? ? A C   6   B G   11  1_555 ? ? ? ? ? ? WATSON-CRICK ?     ? ? 
hydrog9  hydrog ?    ? A U   7  N3    ? ? ? 1_555 B A   10 N1 ? ? A U   7   B A   10  1_555 ? ? ? ? ? ? WATSON-CRICK ?     ? ? 
hydrog10 hydrog ?    ? A U   7  O4    ? ? ? 1_555 B A   10 N6 ? ? A U   7   B A   10  1_555 ? ? ? ? ? ? WATSON-CRICK ?     ? ? 
hydrog11 hydrog ?    ? A U   8  N3    ? ? ? 1_555 B A   9  N1 ? ? A U   8   B A   9   1_555 ? ? ? ? ? ? WATSON-CRICK ?     ? ? 
hydrog12 hydrog ?    ? A U   8  O4    ? ? ? 1_555 B A   9  N6 ? ? A U   8   B A   9   1_555 ? ? ? ? ? ? WATSON-CRICK ?     ? ? 
hydrog13 hydrog ?    ? A A   9  N1    ? ? ? 1_555 B U   8  N3 ? ? A A   9   B U   8   1_555 ? ? ? ? ? ? WATSON-CRICK ?     ? ? 
hydrog14 hydrog ?    ? A A   9  N6    ? ? ? 1_555 B U   8  O4 ? ? A A   9   B U   8   1_555 ? ? ? ? ? ? WATSON-CRICK ?     ? ? 
hydrog15 hydrog ?    ? A A   10 N1    ? ? ? 1_555 B U   7  N3 ? ? A A   10  B U   7   1_555 ? ? ? ? ? ? WATSON-CRICK ?     ? ? 
hydrog16 hydrog ?    ? A A   10 N6    ? ? ? 1_555 B U   7  O4 ? ? A A   10  B U   7   1_555 ? ? ? ? ? ? WATSON-CRICK ?     ? ? 
hydrog17 hydrog ?    ? A G   11 N1    ? ? ? 1_555 B C   6  N3 ? ? A G   11  B C   6   1_555 ? ? ? ? ? ? WATSON-CRICK ?     ? ? 
hydrog18 hydrog ?    ? A G   11 N2    ? ? ? 1_555 B C   6  O2 ? ? A G   11  B C   6   1_555 ? ? ? ? ? ? WATSON-CRICK ?     ? ? 
hydrog19 hydrog ?    ? A G   11 O6    ? ? ? 1_555 B C   6  N4 ? ? A G   11  B C   6   1_555 ? ? ? ? ? ? WATSON-CRICK ?     ? ? 
hydrog20 hydrog ?    ? A U   12 N3    ? ? ? 1_555 B A   5  N1 ? ? A U   12  B A   5   1_555 ? ? ? ? ? ? WATSON-CRICK ?     ? ? 
hydrog21 hydrog ?    ? A U   12 O4    ? ? ? 1_555 B A   5  N6 ? ? A U   12  B A   5   1_555 ? ? ? ? ? ? WATSON-CRICK ?     ? ? 
hydrog22 hydrog ?    ? A C   13 N3    ? ? ? 1_555 B LCG 4  N1 ? ? A C   13  B LCG 4   1_555 ? ? ? ? ? ? WATSON-CRICK ?     ? ? 
hydrog23 hydrog ?    ? A C   13 N4    ? ? ? 1_555 B LCG 4  O6 ? ? A C   13  B LCG 4   1_555 ? ? ? ? ? ? WATSON-CRICK ?     ? ? 
hydrog24 hydrog ?    ? A C   13 O2    ? ? ? 1_555 B LCG 4  N2 ? ? A C   13  B LCG 4   1_555 ? ? ? ? ? ? WATSON-CRICK ?     ? ? 
# 
loop_
_struct_conn_type.id 
_struct_conn_type.criteria 
_struct_conn_type.reference 
covale ? ? 
metalc ? ? 
hydrog ? ? 
# 
loop_
_struct_site.id 
_struct_site.pdbx_evidence_code 
_struct_site.pdbx_auth_asym_id 
_struct_site.pdbx_auth_comp_id 
_struct_site.pdbx_auth_seq_id 
_struct_site.pdbx_auth_ins_code 
_struct_site.pdbx_num_residues 
_struct_site.details 
AC1 Software A EQ4 101 ? 6 'binding site for residue EQ4 A 101' 
AC2 Software A EQ4 102 ? 6 'binding site for residue EQ4 A 102' 
AC3 Software A EQ4 103 ? 6 'binding site for residue EQ4 A 103' 
AC4 Software A MG  104 ? 6 'binding site for residue MG A 104'  
AC5 Software A MG  105 ? 6 'binding site for residue MG A 105'  
AC6 Software A MG  106 ? 6 'binding site for residue MG A 106'  
AC7 Software A MG  107 ? 6 'binding site for residue MG A 107'  
AC8 Software A MG  108 ? 3 'binding site for residue MG A 108'  
AC9 Software B EQ4 101 ? 6 'binding site for residue EQ4 B 101' 
AD1 Software B MG  102 ? 6 'binding site for residue MG B 102'  
# 
loop_
_struct_site_gen.id 
_struct_site_gen.site_id 
_struct_site_gen.pdbx_num_res 
_struct_site_gen.label_comp_id 
_struct_site_gen.label_asym_id 
_struct_site_gen.label_seq_id 
_struct_site_gen.pdbx_auth_ins_code 
_struct_site_gen.auth_comp_id 
_struct_site_gen.auth_asym_id 
_struct_site_gen.auth_seq_id 
_struct_site_gen.label_atom_id 
_struct_site_gen.label_alt_id 
_struct_site_gen.symmetry 
_struct_site_gen.details 
1  AC1 6 G   A 14 ? G   A 14  . ? 1_555 ? 
2  AC1 6 G   A 14 ? G   A 14  . ? 3_665 ? 
3  AC1 6 HOH M .  ? HOH A 249 . ? 1_555 ? 
4  AC1 6 LCC B 2  ? LCC B 2   . ? 1_555 ? 
5  AC1 6 LCC B 3  ? LCC B 3   . ? 1_555 ? 
6  AC1 6 EQ4 K .  ? EQ4 B 101 . ? 1_555 ? 
7  AC2 6 LCC A 2  ? LCC A 2   . ? 1_555 ? 
8  AC2 6 LCC A 3  ? LCC A 3   . ? 1_555 ? 
9  AC2 6 EQ4 E .  ? EQ4 A 103 . ? 1_555 ? 
10 AC2 6 HOH M .  ? HOH A 250 . ? 1_555 ? 
11 AC2 6 G   B 14 ? G   B 14  . ? 2_655 ? 
12 AC2 6 G   B 14 ? G   B 14  . ? 1_555 ? 
13 AC3 6 LCC A 1  ? LCC A 1   . ? 5_555 ? 
14 AC3 6 LCC A 1  ? LCC A 1   . ? 1_555 ? 
15 AC3 6 LCC A 2  ? LCC A 2   . ? 1_555 ? 
16 AC3 6 EQ4 D .  ? EQ4 A 102 . ? 1_555 ? 
17 AC3 6 G   B 14 ? G   B 14  . ? 2_655 ? 
18 AC3 6 HOH N .  ? HOH B 201 . ? 2_655 ? 
19 AC4 6 HOH M .  ? HOH A 209 . ? 1_555 ? 
20 AC4 6 HOH M .  ? HOH A 220 . ? 1_555 ? 
21 AC4 6 HOH M .  ? HOH A 257 . ? 1_555 ? 
22 AC4 6 HOH N .  ? HOH B 208 . ? 1_555 ? 
23 AC4 6 HOH N .  ? HOH B 209 . ? 1_555 ? 
24 AC4 6 HOH N .  ? HOH B 247 . ? 1_555 ? 
25 AC5 6 HOH M .  ? HOH A 202 . ? 1_555 ? 
26 AC5 6 HOH M .  ? HOH A 214 . ? 1_555 ? 
27 AC5 6 HOH M .  ? HOH A 239 . ? 1_555 ? 
28 AC5 6 HOH M .  ? HOH A 253 . ? 1_555 ? 
29 AC5 6 HOH M .  ? HOH A 258 . ? 1_555 ? 
30 AC5 6 HOH M .  ? HOH A 259 . ? 1_555 ? 
31 AC6 6 HOH M .  ? HOH A 203 . ? 3_665 ? 
32 AC6 6 HOH M .  ? HOH A 229 . ? 3_665 ? 
33 AC6 6 HOH M .  ? HOH A 231 . ? 3_665 ? 
34 AC6 6 HOH N .  ? HOH B 227 . ? 3_665 ? 
35 AC6 6 HOH N .  ? HOH B 236 . ? 3_665 ? 
36 AC6 6 HOH N .  ? HOH B 244 . ? 3_665 ? 
37 AC7 6 HOH N .  ? HOH B 202 . ? 3_665 ? 
38 AC7 6 HOH N .  ? HOH B 206 . ? 3_665 ? 
39 AC7 6 HOH N .  ? HOH B 231 . ? 3_665 ? 
40 AC7 6 HOH N .  ? HOH B 245 . ? 3_665 ? 
41 AC7 6 HOH N .  ? HOH B 250 . ? 3_665 ? 
42 AC7 6 HOH N .  ? HOH B 251 . ? 3_665 ? 
43 AC8 3 HOH M .  ? HOH A 254 . ? 1_555 ? 
44 AC8 3 HOH M .  ? HOH A 254 . ? 2_655 ? 
45 AC8 3 HOH M .  ? HOH A 254 . ? 3_665 ? 
46 AC9 6 G   A 14 ? G   A 14  . ? 3_665 ? 
47 AC9 6 EQ4 C .  ? EQ4 A 101 . ? 1_555 ? 
48 AC9 6 HOH M .  ? HOH A 201 . ? 3_665 ? 
49 AC9 6 LCC B 1  ? LCC B 1   . ? 1_555 ? 
50 AC9 6 LCC B 1  ? LCC B 1   . ? 4_556 ? 
51 AC9 6 LCC B 2  ? LCC B 2   . ? 1_555 ? 
52 AD1 6 HOH M .  ? HOH A 230 . ? 1_555 ? 
53 AD1 6 HOH M .  ? HOH A 242 . ? 1_555 ? 
54 AD1 6 HOH M .  ? HOH A 252 . ? 1_555 ? 
55 AD1 6 HOH N .  ? HOH B 203 . ? 1_555 ? 
56 AD1 6 HOH N .  ? HOH B 226 . ? 1_555 ? 
57 AD1 6 HOH N .  ? HOH B 229 . ? 3_665 ? 
# 
_atom_sites.entry_id                    6C8J 
_atom_sites.fract_transf_matrix[1][1]   -0.01402937 
_atom_sites.fract_transf_matrix[1][2]   0.01887097 
_atom_sites.fract_transf_matrix[1][3]   0.00056703 
_atom_sites.fract_transf_matrix[2][1]   -0.02191813 
_atom_sites.fract_transf_matrix[2][2]   -0.00138193 
_atom_sites.fract_transf_matrix[2][3]   -0.00842439 
_atom_sites.fract_transf_matrix[3][1]   -0.00407117 
_atom_sites.fract_transf_matrix[3][2]   -0.00336150 
_atom_sites.fract_transf_matrix[3][3]   0.01114358 
_atom_sites.fract_transf_vector[1]      0.410569 
_atom_sites.fract_transf_vector[2]      0.205747 
_atom_sites.fract_transf_vector[3]      0.249888 
# 
loop_
_atom_type.symbol 
C  
MG 
N  
O  
P  
# 
loop_
_atom_site.group_PDB 
_atom_site.id 
_atom_site.type_symbol 
_atom_site.label_atom_id 
_atom_site.label_alt_id 
_atom_site.label_comp_id 
_atom_site.label_asym_id 
_atom_site.label_entity_id 
_atom_site.label_seq_id 
_atom_site.pdbx_PDB_ins_code 
_atom_site.Cartn_x 
_atom_site.Cartn_y 
_atom_site.Cartn_z 
_atom_site.occupancy 
_atom_site.B_iso_or_equiv 
_atom_site.pdbx_formal_charge 
_atom_site.auth_seq_id 
_atom_site.auth_comp_id 
_atom_site.auth_asym_id 
_atom_site.auth_atom_id 
_atom_site.pdbx_PDB_model_num 
HETATM 1   O  "O5'" . LCC A 1 1  ? 17.943  7.569   -9.553  1.00 42.35 ? 1   LCC A "O5'" 1 
HETATM 2   C  "C5'" . LCC A 1 1  ? 18.156  8.945   -9.285  1.00 35.97 ? 1   LCC A "C5'" 1 
HETATM 3   C  "C4'" . LCC A 1 1  ? 16.866  9.648   -9.898  1.00 30.39 ? 1   LCC A "C4'" 1 
HETATM 4   O  "O4'" . LCC A 1 1  ? 16.698  9.425   -11.290 1.00 30.40 ? 1   LCC A "O4'" 1 
HETATM 5   C  "C1'" . LCC A 1 1  ? 15.369  9.870   -11.592 1.00 28.71 ? 1   LCC A "C1'" 1 
HETATM 6   N  N1    . LCC A 1 1  ? 14.700  8.828   -12.253 1.00 28.60 ? 1   LCC A N1    1 
HETATM 7   C  C6    . LCC A 1 1  ? 15.186  7.541   -12.393 1.00 27.18 ? 1   LCC A C6    1 
HETATM 8   C  C5    . LCC A 1 1  ? 14.522  6.602   -13.114 1.00 28.58 ? 1   LCC A C5    1 
HETATM 9   C  C5M   . LCC A 1 1  ? 15.077  5.256   -13.126 1.00 36.25 ? 1   LCC A C5M   1 
HETATM 10  C  C4    . LCC A 1 1  ? 13.330  6.983   -13.721 1.00 28.32 ? 1   LCC A C4    1 
HETATM 11  N  N4    . LCC A 1 1  ? 12.615  6.154   -14.456 1.00 31.58 ? 1   LCC A N4    1 
HETATM 12  N  N3    . LCC A 1 1  ? 12.920  8.273   -13.614 1.00 26.31 ? 1   LCC A N3    1 
HETATM 13  C  C2    . LCC A 1 1  ? 13.560  9.137   -12.884 1.00 25.79 ? 1   LCC A C2    1 
HETATM 14  O  O2    . LCC A 1 1  ? 13.133  10.316  -12.806 1.00 26.79 ? 1   LCC A O2    1 
HETATM 15  C  "C3'" . LCC A 1 1  ? 15.537  9.123   -9.372  1.00 28.94 ? 1   LCC A "C3'" 1 
HETATM 16  C  "C2'" . LCC A 1 1  ? 14.900  10.245  -10.205 1.00 26.68 ? 1   LCC A "C2'" 1 
HETATM 17  O  "O2'" . LCC A 1 1  ? 15.447  11.519  -9.836  1.00 27.94 ? 1   LCC A "O2'" 1 
HETATM 18  O  "O3'" . LCC A 1 1  ? 15.473  9.513   -7.966  1.00 30.15 ? 1   LCC A "O3'" 1 
HETATM 19  C  "C6'" . LCC A 1 1  ? 16.889  11.148  -9.542  1.00 28.66 ? 1   LCC A "C6'" 1 
HETATM 20  O  "O5'" . LCC A 1 2  ? 12.910  9.817   -7.696  1.00 26.35 ? 2   LCC A "O5'" 1 
HETATM 21  C  "C5'" . LCC A 1 2  ? 12.907  11.128  -7.402  1.00 23.07 ? 2   LCC A "C5'" 1 
HETATM 22  C  "C4'" . LCC A 1 2  ? 11.594  11.643  -8.135  1.00 24.64 ? 2   LCC A "C4'" 1 
HETATM 23  O  "O4'" . LCC A 1 2  ? 11.681  11.522  -9.549  1.00 24.55 ? 2   LCC A "O4'" 1 
HETATM 24  C  "C1'" . LCC A 1 2  ? 10.319  11.477  -9.992  1.00 22.93 ? 2   LCC A "C1'" 1 
HETATM 25  N  N1    . LCC A 1 2  ? 10.031  10.182  -10.582 1.00 22.83 ? 2   LCC A N1    1 
HETATM 26  C  C6    . LCC A 1 2  ? 10.839  9.045   -10.408 1.00 21.88 ? 2   LCC A C6    1 
HETATM 27  C  C5    . LCC A 1 2  ? 10.533  7.914   -11.065 1.00 24.68 ? 2   LCC A C5    1 
HETATM 28  C  C5M   . LCC A 1 2  ? 11.332  6.753   -10.917 1.00 30.84 ? 2   LCC A C5M   1 
HETATM 29  C  C4    . LCC A 1 2  ? 9.361   7.931   -11.857 1.00 25.06 ? 2   LCC A C4    1 
HETATM 30  N  N4    . LCC A 1 2  ? 9.077   6.795   -12.541 1.00 27.84 ? 2   LCC A N4    1 
HETATM 31  N  N3    . LCC A 1 2  ? 8.564   9.013   -12.028 1.00 25.13 ? 2   LCC A N3    1 
HETATM 32  C  C2    . LCC A 1 2  ? 8.900   10.160  -11.366 1.00 23.18 ? 2   LCC A C2    1 
HETATM 33  O  O2    . LCC A 1 2  ? 8.156   11.157  -11.494 1.00 25.02 ? 2   LCC A O2    1 
HETATM 34  C  "C3'" . LCC A 1 2  ? 10.320  10.917  -7.748  1.00 24.28 ? 2   LCC A "C3'" 1 
HETATM 35  C  "C2'" . LCC A 1 2  ? 9.595   11.747  -8.713  1.00 22.41 ? 2   LCC A "C2'" 1 
HETATM 36  O  "O2'" . LCC A 1 2  ? 9.824   13.086  -8.379  1.00 25.12 ? 2   LCC A "O2'" 1 
HETATM 37  O  "O3'" . LCC A 1 2  ? 9.980   11.217  -6.389  1.00 25.83 ? 2   LCC A "O3'" 1 
HETATM 38  C  "C6'" . LCC A 1 2  ? 11.264  13.072  -7.848  1.00 24.11 ? 2   LCC A "C6'" 1 
HETATM 39  P  P     . LCC A 1 2  ? 14.143  8.948   -7.160  1.00 29.56 ? 2   LCC A P     1 
HETATM 40  O  O1P   . LCC A 1 2  ? 14.477  9.431   -5.761  1.00 34.24 ? 2   LCC A O1P   1 
HETATM 41  O  O2P   . LCC A 1 2  ? 13.839  7.599   -7.541  1.00 30.31 ? 2   LCC A O2P   1 
HETATM 42  O  "O5'" . LCC A 1 3  ? 7.492   10.572  -6.357  1.00 23.27 ? 3   LCC A "O5'" 1 
HETATM 43  C  "C5'" . LCC A 1 3  ? 7.012   11.934  -6.085  1.00 23.67 ? 3   LCC A "C5'" 1 
HETATM 44  C  "C4'" . LCC A 1 3  ? 5.767   12.045  -7.002  1.00 21.32 ? 3   LCC A "C4'" 1 
HETATM 45  O  "O4'" . LCC A 1 3  ? 6.034   11.751  -8.397  1.00 22.83 ? 3   LCC A "O4'" 1 
HETATM 46  C  "C1'" . LCC A 1 3  ? 4.781   11.320  -9.029  1.00 20.69 ? 3   LCC A "C1'" 1 
HETATM 47  N  N1    . LCC A 1 3  ? 4.944   9.940   -9.492  1.00 19.52 ? 3   LCC A N1    1 
HETATM 48  C  C6    . LCC A 1 3  ? 6.035   9.135   -9.134  1.00 20.60 ? 3   LCC A C6    1 
HETATM 49  C  C5    . LCC A 1 3  ? 6.251   7.890   -9.644  1.00 19.04 ? 3   LCC A C5    1 
HETATM 50  C  C5M   . LCC A 1 3  ? 7.398   7.125   -9.307  1.00 21.74 ? 3   LCC A C5M   1 
HETATM 51  C  C4    . LCC A 1 3  ? 5.280   7.436   -10.539 1.00 21.17 ? 3   LCC A C4    1 
HETATM 52  N  N4    . LCC A 1 3  ? 5.360   6.279   -11.126 1.00 23.14 ? 3   LCC A N4    1 
HETATM 53  N  N3    . LCC A 1 3  ? 4.227   8.233   -10.831 1.00 21.13 ? 3   LCC A N3    1 
HETATM 54  C  C2    . LCC A 1 3  ? 4.002   9.427   -10.310 1.00 20.89 ? 3   LCC A C2    1 
HETATM 55  O  O2    . LCC A 1 3  ? 2.997   10.079  -10.561 1.00 22.47 ? 3   LCC A O2    1 
HETATM 56  C  "C3'" . LCC A 1 3  ? 4.643   10.961  -6.763  1.00 20.12 ? 3   LCC A "C3'" 1 
HETATM 57  C  "C2'" . LCC A 1 3  ? 3.854   11.487  -7.845  1.00 19.52 ? 3   LCC A "C2'" 1 
HETATM 58  O  "O2'" . LCC A 1 3  ? 3.692   12.939  -7.588  1.00 21.82 ? 3   LCC A "O2'" 1 
HETATM 59  O  "O3'" . LCC A 1 3  ? 4.144   11.270  -5.441  1.00 21.30 ? 3   LCC A "O3'" 1 
HETATM 60  C  "C6'" . LCC A 1 3  ? 5.005   13.349  -6.945  1.00 21.22 ? 3   LCC A "C6'" 1 
HETATM 61  P  P     . LCC A 1 3  ? 8.934   10.149  -5.717  1.00 25.98 ? 3   LCC A P     1 
HETATM 62  O  O1P   . LCC A 1 3  ? 8.969   10.457  -4.350  1.00 28.40 ? 3   LCC A O1P   1 
HETATM 63  O  O2P   . LCC A 1 3  ? 9.098   8.775   -6.096  1.00 26.18 ? 3   LCC A O2P   1 
HETATM 64  P  P     . LCG A 1 4  ? 3.569   10.072  -4.498  1.00 20.85 ? 4   LCG A P     1 
HETATM 65  O  OP1   . LCG A 1 4  ? 3.309   10.738  -3.216  1.00 21.24 ? 4   LCG A OP1   1 
HETATM 66  O  "O5'" . LCG A 1 4  ? 2.246   9.665   -5.268  1.00 19.24 ? 4   LCG A "O5'" 1 
HETATM 67  C  "C5'" . LCG A 1 4  ? 1.189   10.629  -5.382  1.00 19.18 ? 4   LCG A "C5'" 1 
HETATM 68  C  "C3'" . LCG A 1 4  ? -0.321  8.530   -5.900  1.00 21.14 ? 4   LCG A "C3'" 1 
HETATM 69  C  "C6'" . LCG A 1 4  ? -1.136  10.671  -6.423  1.00 20.18 ? 4   LCG A "C6'" 1 
HETATM 70  N  N9    . LCG A 1 4  ? 0.808   7.637   -8.476  1.00 21.25 ? 4   LCG A N9    1 
HETATM 71  C  C8    . LCG A 1 4  ? 2.072   7.408   -8.098  1.00 22.40 ? 4   LCG A C8    1 
HETATM 72  C  C4    . LCG A 1 4  ? 0.520   6.612   -9.314  1.00 21.94 ? 4   LCG A C4    1 
HETATM 73  N  N7    . LCG A 1 4  ? 2.621   6.299   -8.622  1.00 23.00 ? 4   LCG A N7    1 
HETATM 74  C  C5    . LCG A 1 4  ? 1.658   5.799   -9.417  1.00 20.81 ? 4   LCG A C5    1 
HETATM 75  C  C6    . LCG A 1 4  ? 1.645   4.721   -10.253 1.00 21.21 ? 4   LCG A C6    1 
HETATM 76  C  "C2'" . LCG A 1 4  ? -1.131  8.428   -7.096  1.00 20.68 ? 4   LCG A "C2'" 1 
HETATM 77  O  O6    . LCG A 1 4  ? 2.621   3.945   -10.490 1.00 23.65 ? 4   LCG A O6    1 
HETATM 78  C  "C4'" . LCG A 1 4  ? 0.136   9.934   -6.261  1.00 19.10 ? 4   LCG A "C4'" 1 
HETATM 79  C  "C1'" . LCG A 1 4  ? -0.176  8.681   -8.199  1.00 21.18 ? 4   LCG A "C1'" 1 
HETATM 80  C  C2    . LCG A 1 4  ? -0.579  5.292   -10.828 1.00 22.13 ? 4   LCG A C2    1 
HETATM 81  N  N1    . LCG A 1 4  ? 0.505   4.478   -10.922 1.00 21.61 ? 4   LCG A N1    1 
HETATM 82  O  "O4'" . LCG A 1 4  ? 0.669   9.688   -7.631  1.00 20.38 ? 4   LCG A "O4'" 1 
HETATM 83  O  OP2   . LCG A 1 4  ? 4.418   8.880   -4.549  1.00 24.27 ? 4   LCG A OP2   1 
HETATM 84  N  N2    . LCG A 1 4  ? -1.716  4.995   -11.460 1.00 21.65 ? 4   LCG A N2    1 
HETATM 85  N  N3    . LCG A 1 4  ? -0.614  6.374   -9.988  1.00 21.31 ? 4   LCG A N3    1 
HETATM 86  O  "O2'" . LCG A 1 4  ? -1.982  9.602   -7.067  1.00 20.91 ? 4   LCG A "O2'" 1 
HETATM 87  O  "O3'" . LCG A 1 4  ? -1.059  8.603   -4.634  1.00 20.83 ? 4   LCG A "O3'" 1 
ATOM   88  P  P     . A   A 1 5  ? -1.187  7.392   -3.688  1.00 22.02 ? 5   A   A P     1 
ATOM   89  O  OP1   . A   A 1 5  ? -1.675  7.978   -2.370  1.00 23.70 ? 5   A   A OP1   1 
ATOM   90  O  OP2   . A   A 1 5  ? -0.014  6.585   -3.731  1.00 22.71 ? 5   A   A OP2   1 
ATOM   91  O  "O5'" . A   A 1 5  ? -2.308  6.502   -4.384  1.00 21.58 ? 5   A   A "O5'" 1 
ATOM   92  C  "C5'" . A   A 1 5  ? -3.626  6.995   -4.563  1.00 21.45 ? 5   A   A "C5'" 1 
ATOM   93  C  "C4'" . A   A 1 5  ? -4.361  6.090   -5.517  1.00 19.97 ? 5   A   A "C4'" 1 
ATOM   94  O  "O4'" . A   A 1 5  ? -3.711  6.095   -6.830  1.00 21.10 ? 5   A   A "O4'" 1 
ATOM   95  C  "C3'" . A   A 1 5  ? -4.374  4.633   -5.140  1.00 19.20 ? 5   A   A "C3'" 1 
ATOM   96  O  "O3'" . A   A 1 5  ? -5.346  4.330   -4.145  1.00 19.19 ? 5   A   A "O3'" 1 
ATOM   97  C  "C2'" . A   A 1 5  ? -4.717  4.020   -6.478  1.00 18.78 ? 5   A   A "C2'" 1 
ATOM   98  O  "O2'" . A   A 1 5  ? -6.056  4.269   -6.768  1.00 20.34 ? 5   A   A "O2'" 1 
ATOM   99  C  "C1'" . A   A 1 5  ? -3.802  4.797   -7.411  1.00 20.92 ? 5   A   A "C1'" 1 
ATOM   100 N  N9    . A   A 1 5  ? -2.450  4.238   -7.475  1.00 20.45 ? 5   A   A N9    1 
ATOM   101 C  C8    . A   A 1 5  ? -1.357  4.681   -6.776  1.00 21.73 ? 5   A   A C8    1 
ATOM   102 N  N7    . A   A 1 5  ? -0.252  4.023   -7.038  1.00 21.64 ? 5   A   A N7    1 
ATOM   103 C  C5    . A   A 1 5  ? -0.646  3.086   -7.973  1.00 19.82 ? 5   A   A C5    1 
ATOM   104 C  C6    . A   A 1 5  ? 0.061   2.097   -8.659  1.00 21.31 ? 5   A   A C6    1 
ATOM   105 N  N6    . A   A 1 5  ? 1.364   1.857   -8.477  1.00 22.17 ? 5   A   A N6    1 
ATOM   106 N  N1    . A   A 1 5  ? -0.623  1.360   -9.552  1.00 22.41 ? 5   A   A N1    1 
ATOM   107 C  C2    . A   A 1 5  ? -1.937  1.538   -9.673  1.00 23.02 ? 5   A   A C2    1 
ATOM   108 N  N3    . A   A 1 5  ? -2.711  2.461   -9.104  1.00 21.06 ? 5   A   A N3    1 
ATOM   109 C  C4    . A   A 1 5  ? -1.991  3.215   -8.266  1.00 21.80 ? 5   A   A C4    1 
ATOM   110 P  P     . C   A 1 6  ? -5.092  3.115   -3.136  1.00 21.35 ? 6   C   A P     1 
ATOM   111 O  OP1   . C   A 1 6  ? -6.130  3.269   -2.048  1.00 22.67 ? 6   C   A OP1   1 
ATOM   112 O  OP2   . C   A 1 6  ? -3.660  2.983   -2.722  1.00 23.57 ? 6   C   A OP2   1 
ATOM   113 O  "O5'" . C   A 1 6  ? -5.370  1.809   -3.999  1.00 20.22 ? 6   C   A "O5'" 1 
ATOM   114 C  "C5'" . C   A 1 6  ? -6.608  1.527   -4.677  1.00 20.43 ? 6   C   A "C5'" 1 
ATOM   115 C  "C4'" . C   A 1 6  ? -6.386  0.448   -5.704  1.00 21.61 ? 6   C   A "C4'" 1 
ATOM   116 O  "O4'" . C   A 1 6  ? -5.344  0.865   -6.639  1.00 20.74 ? 6   C   A "O4'" 1 
ATOM   117 C  "C3'" . C   A 1 6  ? -5.849  -0.845  -5.135  1.00 21.74 ? 6   C   A "C3'" 1 
ATOM   118 O  "O3'" . C   A 1 6  ? -6.893  -1.615  -4.545  1.00 22.15 ? 6   C   A "O3'" 1 
ATOM   119 C  "C2'" . C   A 1 6  ? -5.247  -1.480  -6.369  1.00 21.72 ? 6   C   A "C2'" 1 
ATOM   120 O  "O2'" . C   A 1 6  ? -6.239  -1.950  -7.243  1.00 23.54 ? 6   C   A "O2'" 1 
ATOM   121 C  "C1'" . C   A 1 6  ? -4.562  -0.284  -7.023  1.00 21.27 ? 6   C   A "C1'" 1 
ATOM   122 N  N1    . C   A 1 6  ? -3.190  -0.085  -6.525  1.00 22.69 ? 6   C   A N1    1 
ATOM   123 C  C2    . C   A 1 6  ? -2.190  -0.775  -7.173  1.00 20.92 ? 6   C   A C2    1 
ATOM   124 O  O2    . C   A 1 6  ? -2.514  -1.612  -8.032  1.00 24.87 ? 6   C   A O2    1 
ATOM   125 N  N3    . C   A 1 6  ? -0.905  -0.576  -6.806  1.00 21.29 ? 6   C   A N3    1 
ATOM   126 C  C4    . C   A 1 6  ? -0.597  0.322   -5.884  1.00 23.26 ? 6   C   A C4    1 
ATOM   127 N  N4    . C   A 1 6  ? 0.705   0.517   -5.595  1.00 23.79 ? 6   C   A N4    1 
ATOM   128 C  C5    . C   A 1 6  ? -1.590  1.040   -5.193  1.00 21.27 ? 6   C   A C5    1 
ATOM   129 C  C6    . C   A 1 6  ? -2.871  0.842   -5.571  1.00 22.87 ? 6   C   A C6    1 
ATOM   130 P  P     . U   A 1 7  ? -6.622  -2.603  -3.403  1.00 24.30 ? 7   U   A P     1 
ATOM   131 O  OP1   . U   A 1 7  ? -7.966  -3.157  -3.062  1.00 27.16 ? 7   U   A OP1   1 
ATOM   132 O  OP2   . U   A 1 7  ? -5.774  -2.081  -2.402  1.00 23.60 ? 7   U   A OP2   1 
ATOM   133 O  "O5'" . U   A 1 7  ? -5.773  -3.792  -4.084  1.00 24.88 ? 7   U   A "O5'" 1 
ATOM   134 C  "C5'" . U   A 1 7  ? -6.394  -4.598  -5.067  1.00 25.09 ? 7   U   A "C5'" 1 
ATOM   135 C  "C4'" . U   A 1 7  ? -5.361  -5.568  -5.588  1.00 26.42 ? 7   U   A "C4'" 1 
ATOM   136 O  "O4'" . U   A 1 7  ? -4.317  -4.819  -6.266  1.00 25.37 ? 7   U   A "O4'" 1 
ATOM   137 C  "C3'" . U   A 1 7  ? -4.598  -6.343  -4.539  1.00 28.20 ? 7   U   A "C3'" 1 
ATOM   138 O  "O3'" . U   A 1 7  ? -5.405  -7.401  -4.038  1.00 27.82 ? 7   U   A "O3'" 1 
ATOM   139 C  "C2'" . U   A 1 7  ? -3.400  -6.791  -5.367  1.00 25.33 ? 7   U   A "C2'" 1 
ATOM   140 O  "O2'" . U   A 1 7  ? -3.750  -7.785  -6.314  1.00 31.25 ? 7   U   A "O2'" 1 
ATOM   141 C  "C1'" . U   A 1 7  ? -3.068  -5.496  -6.095  1.00 26.27 ? 7   U   A "C1'" 1 
ATOM   142 N  N1    . U   A 1 7  ? -2.131  -4.611  -5.389  1.00 24.30 ? 7   U   A N1    1 
ATOM   143 C  C2    . U   A 1 7  ? -0.787  -4.883  -5.552  1.00 25.87 ? 7   U   A C2    1 
ATOM   144 O  O2    . U   A 1 7  ? -0.386  -5.890  -6.086  1.00 27.88 ? 7   U   A O2    1 
ATOM   145 N  N3    . U   A 1 7  ? 0.064   -4.003  -4.939  1.00 24.36 ? 7   U   A N3    1 
ATOM   146 C  C4    . U   A 1 7  ? -0.265  -2.858  -4.250  1.00 22.93 ? 7   U   A C4    1 
ATOM   147 O  O4    . U   A 1 7  ? 0.621   -2.175  -3.770  1.00 22.51 ? 7   U   A O4    1 
ATOM   148 C  C5    . U   A 1 7  ? -1.662  -2.654  -4.092  1.00 22.36 ? 7   U   A C5    1 
ATOM   149 C  C6    . U   A 1 7  ? -2.531  -3.503  -4.649  1.00 23.30 ? 7   U   A C6    1 
ATOM   150 P  P     . U   A 1 8  ? -5.238  -7.903  -2.614  1.00 29.20 ? 8   U   A P     1 
ATOM   151 O  OP1   . U   A 1 8  ? -6.421  -8.782  -2.311  1.00 33.89 ? 8   U   A OP1   1 
ATOM   152 O  OP2   . U   A 1 8  ? -5.017  -6.801  -1.665  1.00 27.88 ? 8   U   A OP2   1 
ATOM   153 O  "O5'" . U   A 1 8  ? -3.877  -8.732  -2.606  1.00 29.73 ? 8   U   A "O5'" 1 
ATOM   154 C  "C5'" . U   A 1 8  ? -3.801  -9.946  -3.404  1.00 32.70 ? 8   U   A "C5'" 1 
ATOM   155 C  "C4'" . U   A 1 8  ? -2.374  -10.385 -3.392  1.00 30.57 ? 8   U   A "C4'" 1 
ATOM   156 O  "O4'" . U   A 1 8  ? -1.527  -9.379  -4.040  1.00 31.84 ? 8   U   A "O4'" 1 
ATOM   157 C  "C3'" . U   A 1 8  ? -1.743  -10.506 -2.013  1.00 34.02 ? 8   U   A "C3'" 1 
ATOM   158 O  "O3'" . U   A 1 8  ? -2.140  -11.677 -1.301  1.00 31.91 ? 8   U   A "O3'" 1 
ATOM   159 C  "C2'" . U   A 1 8  ? -0.276  -10.488 -2.379  1.00 31.99 ? 8   U   A "C2'" 1 
ATOM   160 O  "O2'" . U   A 1 8  ? 0.097   -11.744 -2.962  1.00 35.09 ? 8   U   A "O2'" 1 
ATOM   161 C  "C1'" . U   A 1 8  ? -0.259  -9.400  -3.447  1.00 29.58 ? 8   U   A "C1'" 1 
ATOM   162 N  N1    . U   A 1 8  ? 0.049   -8.058  -2.919  1.00 28.96 ? 8   U   A N1    1 
ATOM   163 C  C2    . U   A 1 8  ? 1.377   -7.709  -2.801  1.00 31.67 ? 8   U   A C2    1 
ATOM   164 O  O2    . U   A 1 8  ? 2.301   -8.488  -3.011  1.00 31.46 ? 8   U   A O2    1 
ATOM   165 N  N3    . U   A 1 8  ? 1.593   -6.449  -2.325  1.00 25.34 ? 8   U   A N3    1 
ATOM   166 C  C4    . U   A 1 8  ? 0.639   -5.477  -2.068  1.00 25.84 ? 8   U   A C4    1 
ATOM   167 O  O4    . U   A 1 8  ? 1.009   -4.392  -1.670  1.00 25.16 ? 8   U   A O4    1 
ATOM   168 C  C5    . U   A 1 8  ? -0.707  -5.924  -2.174  1.00 28.02 ? 8   U   A C5    1 
ATOM   169 C  C6    . U   A 1 8  ? -0.960  -7.161  -2.606  1.00 29.70 ? 8   U   A C6    1 
ATOM   170 P  P     . A   A 1 9  ? -2.193  -11.703 0.282   1.00 32.83 ? 9   A   A P     1 
ATOM   171 O  OP1   . A   A 1 9  ? -2.766  -13.067 0.627   1.00 40.60 ? 9   A   A OP1   1 
ATOM   172 O  OP2   . A   A 1 9  ? -2.817  -10.442 0.840   1.00 35.53 ? 9   A   A OP2   1 
ATOM   173 O  "O5'" . A   A 1 9  ? -0.714  -11.652 0.791   1.00 31.53 ? 9   A   A "O5'" 1 
ATOM   174 C  "C5'" . A   A 1 9  ? 0.129   -12.828 0.643   1.00 34.96 ? 9   A   A "C5'" 1 
ATOM   175 C  "C4'" . A   A 1 9  ? 1.533   -12.502 1.004   1.00 31.43 ? 9   A   A "C4'" 1 
ATOM   176 O  "O4'" . A   A 1 9  ? 2.116   -11.519 0.099   1.00 31.69 ? 9   A   A "O4'" 1 
ATOM   177 C  "C3'" . A   A 1 9  ? 1.760   -11.875 2.369   1.00 31.54 ? 9   A   A "C3'" 1 
ATOM   178 O  "O3'" . A   A 1 9  ? 1.504   -12.873 3.338   1.00 34.98 ? 9   A   A "O3'" 1 
ATOM   179 C  "C2'" . A   A 1 9  ? 3.183   -11.405 2.193   1.00 32.22 ? 9   A   A "C2'" 1 
ATOM   180 O  "O2'" . A   A 1 9  ? 4.067   -12.524 2.212   1.00 35.46 ? 9   A   A "O2'" 1 
ATOM   181 C  "C1'" . A   A 1 9  ? 3.077   -10.754 0.810   1.00 30.49 ? 9   A   A "C1'" 1 
ATOM   182 N  N9    . A   A 1 9  ? 2.580   -9.369  0.873   1.00 29.10 ? 9   A   A N9    1 
ATOM   183 C  C8    . A   A 1 9  ? 1.309   -8.892  0.664   1.00 31.45 ? 9   A   A C8    1 
ATOM   184 N  N7    . A   A 1 9  ? 1.216   -7.586  0.764   1.00 28.11 ? 9   A   A N7    1 
ATOM   185 C  C5    . A   A 1 9  ? 2.507   -7.182  1.060   1.00 26.59 ? 9   A   A C5    1 
ATOM   186 C  C6    . A   A 1 9  ? 3.075   -5.920  1.291   1.00 28.31 ? 9   A   A C6    1 
ATOM   187 N  N6    . A   A 1 9  ? 2.392   -4.778  1.224   1.00 23.46 ? 9   A   A N6    1 
ATOM   188 N  N1    . A   A 1 9  ? 4.386   -5.856  1.586   1.00 29.08 ? 9   A   A N1    1 
ATOM   189 C  C2    . A   A 1 9  ? 5.091   -6.996  1.603   1.00 31.83 ? 9   A   A C2    1 
ATOM   190 N  N3    . A   A 1 9  ? 4.679   -8.237  1.351   1.00 29.10 ? 9   A   A N3    1 
ATOM   191 C  C4    . A   A 1 9  ? 3.356   -8.272  1.134   1.00 28.06 ? 9   A   A C4    1 
ATOM   192 P  P     . A   A 1 10 ? 0.990   -12.501 4.794   1.00 37.07 ? 10  A   A P     1 
ATOM   193 O  OP1   . A   A 1 10 ? 0.795   -13.805 5.510   1.00 38.89 ? 10  A   A OP1   1 
ATOM   194 O  OP2   . A   A 1 10 ? -0.187  -11.636 4.688   1.00 34.58 ? 10  A   A OP2   1 
ATOM   195 O  "O5'" . A   A 1 10 ? 2.216   -11.749 5.451   1.00 34.79 ? 10  A   A "O5'" 1 
ATOM   196 C  "C5'" . A   A 1 10 ? 3.483   -12.329 5.779   1.00 32.12 ? 10  A   A "C5'" 1 
ATOM   197 C  "C4'" . A   A 1 10 ? 4.472   -11.247 6.077   1.00 34.32 ? 10  A   A "C4'" 1 
ATOM   198 O  "O4'" . A   A 1 10 ? 4.658   -10.346 4.942   1.00 32.79 ? 10  A   A "O4'" 1 
ATOM   199 C  "C3'" . A   A 1 10 ? 4.133   -10.289 7.205   1.00 34.83 ? 10  A   A "C3'" 1 
ATOM   200 O  "O3'" . A   A 1 10 ? 4.127   -10.989 8.465   1.00 35.28 ? 10  A   A "O3'" 1 
ATOM   201 C  "C2'" . A   A 1 10 ? 5.179   -9.219  6.942   1.00 31.00 ? 10  A   A "C2'" 1 
ATOM   202 O  "O2'" . A   A 1 10 ? 6.462   -9.629  7.356   1.00 39.63 ? 10  A   A "O2'" 1 
ATOM   203 C  "C1'" . A   A 1 10 ? 5.066   -9.081  5.414   1.00 30.47 ? 10  A   A "C1'" 1 
ATOM   204 N  N9    . A   A 1 10 ? 4.001   -8.144  5.042   1.00 29.96 ? 10  A   A N9    1 
ATOM   205 C  C8    . A   A 1 10 ? 2.673   -8.389  4.798   1.00 28.46 ? 10  A   A C8    1 
ATOM   206 N  N7    . A   A 1 10 ? 1.971   -7.301  4.554   1.00 28.49 ? 10  A   A N7    1 
ATOM   207 C  C5    . A   A 1 10 ? 2.887   -6.275  4.729   1.00 25.98 ? 10  A   A C5    1 
ATOM   208 C  C6    . A   A 1 10 ? 2.780   -4.871  4.631   1.00 25.19 ? 10  A   A C6    1 
ATOM   209 N  N6    . A   A 1 10 ? 1.644   -4.219  4.356   1.00 24.99 ? 10  A   A N6    1 
ATOM   210 N  N1    . A   A 1 10 ? 3.881   -4.145  4.881   1.00 27.85 ? 10  A   A N1    1 
ATOM   211 C  C2    . A   A 1 10 ? 5.023   -4.781  5.181   1.00 28.50 ? 10  A   A C2    1 
ATOM   212 N  N3    . A   A 1 10 ? 5.256   -6.087  5.269   1.00 30.51 ? 10  A   A N3    1 
ATOM   213 C  C4    . A   A 1 10 ? 4.131   -6.781  5.065   1.00 30.06 ? 10  A   A C4    1 
ATOM   214 P  P     . G   A 1 11 ? 3.203   -10.498 9.671   1.00 37.25 ? 11  G   A P     1 
ATOM   215 O  OP1   . G   A 1 11 ? 3.489   -11.442 10.793  1.00 48.11 ? 11  G   A OP1   1 
ATOM   216 O  OP2   . G   A 1 11 ? 1.820   -10.356 9.247   1.00 36.33 ? 11  G   A OP2   1 
ATOM   217 O  "O5'" . G   A 1 11 ? 3.848   -9.107  10.075  1.00 35.88 ? 11  G   A "O5'" 1 
ATOM   218 C  "C5'" . G   A 1 11 ? 5.183   -9.038  10.578  1.00 34.69 ? 11  G   A "C5'" 1 
ATOM   219 C  "C4'" . G   A 1 11 ? 5.639   -7.611  10.656  1.00 31.68 ? 11  G   A "C4'" 1 
ATOM   220 O  "O4'" . G   A 1 11 ? 5.546   -6.995  9.320   1.00 32.08 ? 11  G   A "O4'" 1 
ATOM   221 C  "C3'" . G   A 1 11 ? 4.823   -6.667  11.540  1.00 33.04 ? 11  G   A "C3'" 1 
ATOM   222 O  "O3'" . G   A 1 11 ? 5.190   -6.778  12.919  1.00 31.54 ? 11  G   A "O3'" 1 
ATOM   223 C  "C2'" . G   A 1 11 ? 5.265   -5.343  10.956  1.00 28.60 ? 11  G   A "C2'" 1 
ATOM   224 O  "O2'" . G   A 1 11 ? 6.584   -4.976  11.337  1.00 32.80 ? 11  G   A "O2'" 1 
ATOM   225 C  "C1'" . G   A 1 11 ? 5.231   -5.641  9.459   1.00 27.81 ? 11  G   A "C1'" 1 
ATOM   226 N  N9    . G   A 1 11 ? 3.928   -5.384  8.844   1.00 25.54 ? 11  G   A N9    1 
ATOM   227 C  C8    . G   A 1 11 ? 2.929   -6.233  8.453   1.00 27.17 ? 11  G   A C8    1 
ATOM   228 N  N7    . G   A 1 11 ? 1.893   -5.612  7.945   1.00 26.46 ? 11  G   A N7    1 
ATOM   229 C  C5    . G   A 1 11 ? 2.234   -4.266  8.015   1.00 23.81 ? 11  G   A C5    1 
ATOM   230 C  C6    . G   A 1 11 ? 1.527   -3.103  7.577   1.00 22.99 ? 11  G   A C6    1 
ATOM   231 O  O6    . G   A 1 11 ? 0.421   -3.036  7.020   1.00 24.28 ? 11  G   A O6    1 
ATOM   232 N  N1    . G   A 1 11 ? 2.226   -1.953  7.869   1.00 23.23 ? 11  G   A N1    1 
ATOM   233 C  C2    . G   A 1 11 ? 3.499   -1.903  8.380   1.00 24.19 ? 11  G   A C2    1 
ATOM   234 N  N2    . G   A 1 11 ? 4.040   -0.701  8.574   1.00 24.38 ? 11  G   A N2    1 
ATOM   235 N  N3    . G   A 1 11 ? 4.167   -2.971  8.780   1.00 25.73 ? 11  G   A N3    1 
ATOM   236 C  C4    . G   A 1 11 ? 3.487   -4.106  8.551   1.00 25.11 ? 11  G   A C4    1 
ATOM   237 P  P     . U   A 1 12 ? 4.176   -6.339  14.094  1.00 32.51 ? 12  U   A P     1 
ATOM   238 O  OP1   . U   A 1 12 ? 4.780   -6.786  15.419  1.00 39.77 ? 12  U   A OP1   1 
ATOM   239 O  OP2   . U   A 1 12 ? 2.853   -6.792  13.785  1.00 33.75 ? 12  U   A OP2   1 
ATOM   240 O  "O5'" . U   A 1 12 ? 4.262   -4.760  14.211  1.00 33.54 ? 12  U   A "O5'" 1 
ATOM   241 C  "C5'" . U   A 1 12 ? 5.460   -4.033  14.520  1.00 32.69 ? 12  U   A "C5'" 1 
ATOM   242 C  "C4'" . U   A 1 12 ? 5.167   -2.574  14.348  1.00 31.83 ? 12  U   A "C4'" 1 
ATOM   243 O  "O4'" . U   A 1 12 ? 4.953   -2.298  12.933  1.00 30.20 ? 12  U   A "O4'" 1 
ATOM   244 C  "C3'" . U   A 1 12 ? 3.911   -2.036  15.016  1.00 31.36 ? 12  U   A "C3'" 1 
ATOM   245 O  "O3'" . U   A 1 12 ? 4.109   -1.810  16.417  1.00 28.52 ? 12  U   A "O3'" 1 
ATOM   246 C  "C2'" . U   A 1 12 ? 3.740   -0.745  14.220  1.00 29.41 ? 12  U   A "C2'" 1 
ATOM   247 O  "O2'" . U   A 1 12 ? 4.782   0.153   14.562  1.00 31.34 ? 12  U   A "O2'" 1 
ATOM   248 C  "C1'" . U   A 1 12 ? 3.984   -1.267  12.806  1.00 31.28 ? 12  U   A "C1'" 1 
ATOM   249 N  N1    . U   A 1 12 ? 2.804   -1.801  12.103  1.00 27.86 ? 12  U   A N1    1 
ATOM   250 C  C2    . U   A 1 12 ? 2.002   -0.830  11.537  1.00 24.87 ? 12  U   A C2    1 
ATOM   251 O  O2    . U   A 1 12 ? 2.288   0.369   11.607  1.00 26.47 ? 12  U   A O2    1 
ATOM   252 N  N3    . U   A 1 12 ? 0.892   -1.315  10.880  1.00 25.15 ? 12  U   A N3    1 
ATOM   253 C  C4    . U   A 1 12 ? 0.543   -2.634  10.685  1.00 24.56 ? 12  U   A C4    1 
ATOM   254 O  O4    . U   A 1 12 ? -0.462  -2.929  10.041  1.00 27.12 ? 12  U   A O4    1 
ATOM   255 C  C5    . U   A 1 12 ? 1.378   -3.563  11.359  1.00 25.17 ? 12  U   A C5    1 
ATOM   256 C  C6    . U   A 1 12 ? 2.464   -3.130  12.012  1.00 26.66 ? 12  U   A C6    1 
ATOM   257 P  P     . C   A 1 13 ? 2.914   -1.925  17.388  1.00 32.28 ? 13  C   A P     1 
ATOM   258 O  OP1   . C   A 1 13 ? 3.388   -1.880  18.797  1.00 36.55 ? 13  C   A OP1   1 
ATOM   259 O  OP2   . C   A 1 13 ? 1.958   -2.964  16.999  1.00 30.63 ? 13  C   A OP2   1 
ATOM   260 O  "O5'" . C   A 1 13 ? 2.088   -0.571  17.132  1.00 28.21 ? 13  C   A "O5'" 1 
ATOM   261 C  "C5'" . C   A 1 13 ? 2.674   0.689   17.354  1.00 27.58 ? 13  C   A "C5'" 1 
ATOM   262 C  "C4'" . C   A 1 13 ? 1.800   1.752   16.703  1.00 25.85 ? 13  C   A "C4'" 1 
ATOM   263 O  "O4'" . C   A 1 13 ? 1.794   1.432   15.289  1.00 25.88 ? 13  C   A "O4'" 1 
ATOM   264 C  "C3'" . C   A 1 13 ? 0.333   1.856   17.063  1.00 26.25 ? 13  C   A "C3'" 1 
ATOM   265 O  "O3'" . C   A 1 13 ? 0.139   2.615   18.243  1.00 27.80 ? 13  C   A "O3'" 1 
ATOM   266 C  "C2'" . C   A 1 13 ? -0.210  2.566   15.829  1.00 23.72 ? 13  C   A "C2'" 1 
ATOM   267 O  "O2'" . C   A 1 13 ? 0.168   3.927   15.792  1.00 23.93 ? 13  C   A "O2'" 1 
ATOM   268 C  "C1'" . C   A 1 13 ? 0.527   1.813   14.733  1.00 24.02 ? 13  C   A "C1'" 1 
ATOM   269 N  N1    . C   A 1 13 ? -0.184  0.641   14.219  1.00 23.23 ? 13  C   A N1    1 
ATOM   270 C  C2    . C   A 1 13 ? -1.220  0.876   13.321  1.00 23.11 ? 13  C   A C2    1 
ATOM   271 O  O2    . C   A 1 13 ? -1.465  2.059   12.993  1.00 24.43 ? 13  C   A O2    1 
ATOM   272 N  N3    . C   A 1 13 ? -1.914  -0.166  12.816  1.00 22.47 ? 13  C   A N3    1 
ATOM   273 C  C4    . C   A 1 13 ? -1.615  -1.410  13.194  1.00 23.54 ? 13  C   A C4    1 
ATOM   274 N  N4    . C   A 1 13 ? -2.305  -2.407  12.669  1.00 23.54 ? 13  C   A N4    1 
ATOM   275 C  C5    . C   A 1 13 ? -0.625  -1.671  14.184  1.00 24.34 ? 13  C   A C5    1 
ATOM   276 C  C6    . C   A 1 13 ? 0.082   -0.632  14.637  1.00 24.08 ? 13  C   A C6    1 
ATOM   277 P  P     . G   A 1 14 ? -1.006  2.266   19.259  1.00 31.47 ? 14  G   A P     1 
ATOM   278 O  OP1   . G   A 1 14 ? -0.759  3.242   20.376  1.00 32.36 ? 14  G   A OP1   1 
ATOM   279 O  OP2   . G   A 1 14 ? -1.050  0.801   19.478  1.00 31.01 ? 14  G   A OP2   1 
ATOM   280 O  "O5'" . G   A 1 14 ? -2.346  2.631   18.474  1.00 26.36 ? 14  G   A "O5'" 1 
ATOM   281 C  "C5'" . G   A 1 14 ? -2.644  4.020   18.299  1.00 26.28 ? 14  G   A "C5'" 1 
ATOM   282 C  "C4'" . G   A 1 14 ? -3.837  4.123   17.394  1.00 26.94 ? 14  G   A "C4'" 1 
ATOM   283 O  "O4'" . G   A 1 14 ? -3.541  3.460   16.152  1.00 25.13 ? 14  G   A "O4'" 1 
ATOM   284 C  "C3'" . G   A 1 14 ? -5.115  3.435   17.842  1.00 26.62 ? 14  G   A "C3'" 1 
ATOM   285 O  "O3'" . G   A 1 14 ? -5.777  4.237   18.809  1.00 29.87 ? 14  G   A "O3'" 1 
ATOM   286 C  "C2'" . G   A 1 14 ? -5.883  3.440   16.535  1.00 24.66 ? 14  G   A "C2'" 1 
ATOM   287 O  "O2'" . G   A 1 14 ? -6.446  4.705   16.271  1.00 28.86 ? 14  G   A "O2'" 1 
ATOM   288 C  "C1'" . G   A 1 14 ? -4.771  3.096   15.555  1.00 25.72 ? 14  G   A "C1'" 1 
ATOM   289 N  N9    . G   A 1 14 ? -4.741  1.689   15.224  1.00 23.84 ? 14  G   A N9    1 
ATOM   290 C  C8    . G   A 1 14 ? -3.916  0.697   15.702  1.00 24.97 ? 14  G   A C8    1 
ATOM   291 N  N7    . G   A 1 14 ? -4.211  -0.484  15.237  1.00 25.17 ? 14  G   A N7    1 
ATOM   292 C  C5    . G   A 1 14 ? -5.261  -0.255  14.359  1.00 23.89 ? 14  G   A C5    1 
ATOM   293 C  C6    . G   A 1 14 ? -5.997  -1.160  13.545  1.00 21.86 ? 14  G   A C6    1 
ATOM   294 O  O6    . G   A 1 14 ? -5.807  -2.389  13.368  1.00 24.89 ? 14  G   A O6    1 
ATOM   295 N  N1    . G   A 1 14 ? -7.014  -0.503  12.858  1.00 20.91 ? 14  G   A N1    1 
ATOM   296 C  C2    . G   A 1 14 ? -7.312  0.836   12.968  1.00 22.72 ? 14  G   A C2    1 
ATOM   297 N  N2    . G   A 1 14 ? -8.312  1.286   12.209  1.00 24.05 ? 14  G   A N2    1 
ATOM   298 N  N3    . G   A 1 14 ? -6.587  1.700   13.668  1.00 22.19 ? 14  G   A N3    1 
ATOM   299 C  C4    . G   A 1 14 ? -5.620  1.079   14.368  1.00 23.37 ? 14  G   A C4    1 
HETATM 300 O  "O5'" . LCC B 1 1  ? -12.157 -15.293 9.282   1.00 41.32 ? 1   LCC B "O5'" 1 
HETATM 301 C  "C5'" . LCC B 1 1  ? -13.572 -15.144 9.193   1.00 35.96 ? 1   LCC B "C5'" 1 
HETATM 302 C  "C4'" . LCC B 1 1  ? -13.819 -13.724 9.825   1.00 30.78 ? 1   LCC B "C4'" 1 
HETATM 303 O  "O4'" . LCC B 1 1  ? -13.508 -13.676 11.207  1.00 29.98 ? 1   LCC B "O4'" 1 
HETATM 304 C  "C1'" . LCC B 1 1  ? -13.557 -12.313 11.549  1.00 29.06 ? 1   LCC B "C1'" 1 
HETATM 305 N  N1    . LCC B 1 1  ? -12.329 -12.019 12.195  1.00 27.50 ? 1   LCC B N1    1 
HETATM 306 C  C6    . LCC B 1 1  ? -11.214 -12.851 12.261  1.00 26.91 ? 1   LCC B C6    1 
HETATM 307 C  C5    . LCC B 1 1  ? -10.115 -12.512 12.970  1.00 28.21 ? 1   LCC B C5    1 
HETATM 308 C  C5M   . LCC B 1 1  ? -8.960  -13.401 12.948  1.00 35.50 ? 1   LCC B C5M   1 
HETATM 309 C  C4    . LCC B 1 1  ? -10.154 -11.292 13.628  1.00 28.31 ? 1   LCC B C4    1 
HETATM 310 N  N4    . LCC B 1 1  ? -9.116  -10.869 14.320  1.00 31.48 ? 1   LCC B N4    1 
HETATM 311 N  N3    . LCC B 1 1  ? -11.246 -10.494 13.579  1.00 26.89 ? 1   LCC B N3    1 
HETATM 312 C  C2    . LCC B 1 1  ? -12.293 -10.849 12.872  1.00 25.67 ? 1   LCC B C2    1 
HETATM 313 O  O2    . LCC B 1 1  ? -13.272 -10.055 12.849  1.00 27.20 ? 1   LCC B O2    1 
HETATM 314 C  "C3'" . LCC B 1 1  ? -12.955 -12.587 9.292   1.00 29.22 ? 1   LCC B "C3'" 1 
HETATM 315 C  "C2'" . LCC B 1 1  ? -13.793 -11.691 10.189  1.00 26.79 ? 1   LCC B "C2'" 1 
HETATM 316 O  "O2'" . LCC B 1 1  ? -15.185 -11.843 9.855   1.00 28.22 ? 1   LCC B "O2'" 1 
HETATM 317 O  "O3'" . LCC B 1 1  ? -13.343 -12.348 7.907   1.00 30.26 ? 1   LCC B "O3'" 1 
HETATM 318 C  "C6'" . LCC B 1 1  ? -15.268 -13.318 9.498   1.00 30.14 ? 1   LCC B "C6'" 1 
HETATM 319 O  "O5'" . LCC B 1 2  ? -12.880 -9.805  7.731   1.00 27.28 ? 2   LCC B "O5'" 1 
HETATM 320 C  "C5'" . LCC B 1 2  ? -14.167 -9.431  7.449   1.00 24.02 ? 2   LCC B "C5'" 1 
HETATM 321 C  "C4'" . LCC B 1 2  ? -14.251 -8.046  8.254   1.00 25.23 ? 2   LCC B "C4'" 1 
HETATM 322 O  "O4'" . LCC B 1 2  ? -14.078 -8.209  9.680   1.00 24.62 ? 2   LCC B "O4'" 1 
HETATM 323 C  "C1'" . LCC B 1 2  ? -13.646 -6.923  10.148  1.00 23.63 ? 2   LCC B "C1'" 1 
HETATM 324 N  N1    . LCC B 1 2  ? -12.295 -7.051  10.712  1.00 22.13 ? 2   LCC B N1    1 
HETATM 325 C  C6    . LCC B 1 2  ? -11.465 -8.153  10.475  1.00 21.74 ? 2   LCC B C6    1 
HETATM 326 C  C5    . LCC B 1 2  ? -10.269 -8.189  11.095  1.00 25.32 ? 2   LCC B C5    1 
HETATM 327 C  C5M   . LCC B 1 2  ? -9.362  -9.263  10.895  1.00 30.26 ? 2   LCC B C5M   1 
HETATM 328 C  C4    . LCC B 1 2  ? -9.936  -7.098  11.924  1.00 25.10 ? 2   LCC B C4    1 
HETATM 329 N  N4    . LCC B 1 2  ? -8.758  -7.180  12.556  1.00 27.50 ? 2   LCC B N4    1 
HETATM 330 N  N3    . LCC B 1 2  ? -10.733 -6.026  12.156  1.00 25.11 ? 2   LCC B N3    1 
HETATM 331 C  C2    . LCC B 1 2  ? -11.932 -6.006  11.532  1.00 22.84 ? 2   LCC B C2    1 
HETATM 332 O  O2    . LCC B 1 2  ? -12.667 -5.017  11.691  1.00 25.04 ? 2   LCC B O2    1 
HETATM 333 C  "C3'" . LCC B 1 2  ? -13.175 -7.022  7.880   1.00 24.66 ? 2   LCC B "C3'" 1 
HETATM 334 C  "C2'" . LCC B 1 2  ? -13.737 -6.118  8.907   1.00 21.95 ? 2   LCC B "C2'" 1 
HETATM 335 O  "O2'" . LCC B 1 2  ? -15.074 -5.938  8.622   1.00 25.21 ? 2   LCC B "O2'" 1 
HETATM 336 O  "O3'" . LCC B 1 2  ? -13.394 -6.544  6.553   1.00 25.48 ? 2   LCC B "O3'" 1 
HETATM 337 C  "C6'" . LCC B 1 2  ? -15.519 -7.296  8.038   1.00 25.10 ? 2   LCC B "C6'" 1 
HETATM 338 P  P     . LCC B 1 2  ? -12.409 -11.217 7.137   1.00 29.30 ? 2   LCC B P     1 
HETATM 339 O  O1P   . LCC B 1 2  ? -10.995 -11.317 7.483   1.00 30.51 ? 2   LCC B O1P   1 
HETATM 340 O  O2P   . LCC B 1 2  ? -13.030 -11.428 5.851   1.00 32.71 ? 2   LCC B O2P   1 
HETATM 341 O  "O5'" . LCC B 1 3  ? -12.069 -4.345  6.572   1.00 23.03 ? 3   LCC B "O5'" 1 
HETATM 342 C  "C5'" . LCC B 1 3  ? -13.245 -3.494  6.367   1.00 23.46 ? 3   LCC B "C5'" 1 
HETATM 343 C  "C4'" . LCC B 1 3  ? -12.952 -2.314  7.324   1.00 21.17 ? 3   LCC B "C4'" 1 
HETATM 344 O  "O4'" . LCC B 1 3  ? -12.702 -2.707  8.695   1.00 22.55 ? 3   LCC B "O4'" 1 
HETATM 345 C  "C1'" . LCC B 1 3  ? -11.939 -1.649  9.357   1.00 21.03 ? 3   LCC B "C1'" 1 
HETATM 346 N  N1    . LCC B 1 3  ? -10.644 -2.212  9.762   1.00 19.77 ? 3   LCC B N1    1 
HETATM 347 C  C6    . LCC B 1 3  ? -10.200 -3.464  9.321   1.00 20.04 ? 3   LCC B C6    1 
HETATM 348 C  C5    . LCC B 1 3  ? -9.074  -4.069  9.801   1.00 18.99 ? 3   LCC B C5    1 
HETATM 349 C  C5M   . LCC B 1 3  ? -8.672  -5.362  9.397   1.00 21.95 ? 3   LCC B C5M   1 
HETATM 350 C  C4    . LCC B 1 3  ? -8.322  -3.290  10.698  1.00 20.84 ? 3   LCC B C4    1 
HETATM 351 N  N4    . LCC B 1 3  ? -7.223  -3.716  11.236  1.00 22.33 ? 3   LCC B N4    1 
HETATM 352 N  N3    . LCC B 1 3  ? -8.754  -2.066  11.050  1.00 20.70 ? 3   LCC B N3    1 
HETATM 353 C  C2    . LCC B 1 3  ? -9.877  -1.494  10.588  1.00 20.09 ? 3   LCC B C2    1 
HETATM 354 O  O2    . LCC B 1 3  ? -10.183 -0.348  10.895  1.00 22.13 ? 3   LCC B O2    1 
HETATM 355 C  "C3'" . LCC B 1 3  ? -11.614 -1.570  7.071   1.00 20.37 ? 3   LCC B "C3'" 1 
HETATM 356 C  "C2'" . LCC B 1 3  ? -11.840 -0.673  8.202   1.00 18.86 ? 3   LCC B "C2'" 1 
HETATM 357 O  "O2'" . LCC B 1 3  ? -13.195 -0.088  8.015   1.00 22.18 ? 3   LCC B "O2'" 1 
HETATM 358 O  "O3'" . LCC B 1 3  ? -11.815 -0.904  5.796   1.00 22.02 ? 3   LCC B "O3'" 1 
HETATM 359 C  "C6'" . LCC B 1 3  ? -13.969 -1.214  7.362   1.00 22.52 ? 3   LCC B "C6'" 1 
HETATM 360 P  P     . LCC B 1 3  ? -12.028 -5.796  5.852   1.00 26.06 ? 3   LCC B P     1 
HETATM 361 O  O1P   . LCC B 1 3  ? -10.766 -6.369  6.160   1.00 25.95 ? 3   LCC B O1P   1 
HETATM 362 O  O2P   . LCC B 1 3  ? -12.443 -5.699  4.486   1.00 27.98 ? 3   LCC B O2P   1 
HETATM 363 P  P     . LCG B 1 4  ? -10.509 -0.688  4.815   1.00 21.13 ? 4   LCG B P     1 
HETATM 364 O  OP1   . LCG B 1 4  ? -11.111 -0.198  3.579   1.00 20.77 ? 4   LCG B OP1   1 
HETATM 365 O  "O5'" . LCG B 1 4  ? -9.720  0.439   5.612   1.00 19.84 ? 4   LCG B "O5'" 1 
HETATM 366 C  "C5'" . LCG B 1 4  ? -10.332 1.745   5.786   1.00 19.59 ? 4   LCG B "C5'" 1 
HETATM 367 C  "C3'" . LCG B 1 4  ? -7.861  2.528   6.275   1.00 20.38 ? 4   LCG B "C3'" 1 
HETATM 368 C  "C6'" . LCG B 1 4  ? -9.666  3.945   6.895   1.00 20.39 ? 4   LCG B "C6'" 1 
HETATM 369 N  N9    . LCG B 1 4  ? -7.266  1.109   8.769   1.00 21.85 ? 4   LCG B N9    1 
HETATM 370 C  C8    . LCG B 1 4  ? -7.444  -0.138  8.350   1.00 22.31 ? 4   LCG B C8    1 
HETATM 371 C  C4    . LCG B 1 4  ? -6.180  1.056   9.594   1.00 21.49 ? 4   LCG B C4    1 
HETATM 372 N  N7    . LCG B 1 4  ? -6.514  -1.007  8.799   1.00 22.64 ? 4   LCG B N7    1 
HETATM 373 C  C5    . LCG B 1 4  ? -5.726  -0.276  9.606   1.00 20.66 ? 4   LCG B C5    1 
HETATM 374 C  C6    . LCG B 1 4  ? -4.665  -0.612  10.403  1.00 20.46 ? 4   LCG B C6    1 
HETATM 375 C  "C2'" . LCG B 1 4  ? -7.508  3.248   7.488   1.00 21.10 ? 4   LCG B "C2'" 1 
HETATM 376 O  O6    . LCG B 1 4  ? -4.192  -1.784  10.575  1.00 23.81 ? 4   LCG B O6    1 
HETATM 377 C  "C4'" . LCG B 1 4  ? -9.326  2.507   6.667   1.00 18.90 ? 4   LCG B "C4'" 1 
HETATM 378 C  "C1'" . LCG B 1 4  ? -8.013  2.344   8.567   1.00 21.64 ? 4   LCG B "C1'" 1 
HETATM 379 C  C2    . LCG B 1 4  ? -4.566  1.669   11.063  1.00 22.11 ? 4   LCG B C2    1 
HETATM 380 N  N1    . LCG B 1 4  ? -4.088  0.404   11.096  1.00 21.42 ? 4   LCG B N1    1 
HETATM 381 O  "O4'" . LCG B 1 4  ? -9.234  1.877   7.998   1.00 20.48 ? 4   LCG B "O4'" 1 
HETATM 382 O  OP2   . LCG B 1 4  ? -9.613  -1.845  4.783   1.00 24.73 ? 4   LCG B OP2   1 
HETATM 383 N  N2    . LCG B 1 4  ? -3.926  2.631   11.716  1.00 21.91 ? 4   LCG B N2    1 
HETATM 384 N  N3    . LCG B 1 4  ? -5.604  2.057   10.279  1.00 21.78 ? 4   LCG B N3    1 
HETATM 385 O  "O2'" . LCG B 1 4  ? -8.376  4.401   7.533   1.00 20.88 ? 4   LCG B "O2'" 1 
HETATM 386 O  "O3'" . LCG B 1 4  ? -7.770  3.318   5.045   1.00 20.90 ? 4   LCG B "O3'" 1 
ATOM   387 P  P     . A   B 1 5  ? -6.591  3.130   4.038   1.00 22.09 ? 5   A   B P     1 
ATOM   388 O  OP1   . A   B 1 5  ? -7.084  3.836   2.787   1.00 24.14 ? 5   A   B OP1   1 
ATOM   389 O  OP2   . A   B 1 5  ? -6.168  1.766   4.006   1.00 22.79 ? 5   A   B OP2   1 
ATOM   390 O  "O5'" . A   B 1 5  ? -5.389  3.912   4.714   1.00 21.80 ? 5   A   B "O5'" 1 
ATOM   391 C  "C5'" . A   B 1 5  ? -5.471  5.316   4.954   1.00 21.80 ? 5   A   B "C5'" 1 
ATOM   392 C  "C4'" . A   B 1 5  ? -4.377  5.725   5.902   1.00 19.70 ? 5   A   B "C4'" 1 
ATOM   393 O  "O4'" . A   B 1 5  ? -4.548  5.054   7.197   1.00 20.62 ? 5   A   B "O4'" 1 
ATOM   394 C  "C3'" . A   B 1 5  ? -2.980  5.339   5.485   1.00 19.74 ? 5   A   B "C3'" 1 
ATOM   395 O  "O3'" . A   B 1 5  ? -2.451  6.211   4.487   1.00 19.48 ? 5   A   B "O3'" 1 
ATOM   396 C  "C2'" . A   B 1 5  ? -2.269  5.422   6.809   1.00 18.45 ? 5   A   B "C2'" 1 
ATOM   397 O  "O2'" . A   B 1 5  ? -2.129  6.774   7.125   1.00 20.15 ? 5   A   B "O2'" 1 
ATOM   398 C  "C1'" . A   B 1 5  ? -3.261  4.739   7.743   1.00 20.79 ? 5   A   B "C1'" 1 
ATOM   399 N  N9    . A   B 1 5  ? -3.113  3.280   7.727   1.00 20.65 ? 5   A   B N9    1 
ATOM   400 C  C8    . A   B 1 5  ? -3.880  2.383   7.029   1.00 21.94 ? 5   A   B C8    1 
ATOM   401 N  N7    . A   B 1 5  ? -3.554  1.131   7.231   1.00 21.90 ? 5   A   B N7    1 
ATOM   402 C  C5    . A   B 1 5  ? -2.509  1.209   8.136   1.00 20.46 ? 5   A   B C5    1 
ATOM   403 C  C6    . A   B 1 5  ? -1.740  0.228   8.764   1.00 21.98 ? 5   A   B C6    1 
ATOM   404 N  N6    . A   B 1 5  ? -1.898  -1.083  8.542   1.00 22.62 ? 5   A   B N6    1 
ATOM   405 N  N1    . A   B 1 5  ? -0.807  0.645   9.645   1.00 22.59 ? 5   A   B N1    1 
ATOM   406 C  C2    . A   B 1 5  ? -0.598  1.951   9.804   1.00 23.29 ? 5   A   B C2    1 
ATOM   407 N  N3    . A   B 1 5  ? -1.273  2.972   9.276   1.00 20.88 ? 5   A   B N3    1 
ATOM   408 C  C4    . A   B 1 5  ? -2.233  2.522   8.458   1.00 21.34 ? 5   A   B C4    1 
ATOM   409 P  P     . C   B 1 6  ? -1.402  5.660   3.430   1.00 21.20 ? 6   C   B P     1 
ATOM   410 O  OP1   . C   B 1 6  ? -1.304  6.736   2.378   1.00 22.52 ? 6   C   B OP1   1 
ATOM   411 O  OP2   . C   B 1 6  ? -1.676  4.256   2.992   1.00 23.53 ? 6   C   B OP2   1 
ATOM   412 O  "O5'" . C   B 1 6  ? -0.045  5.511   4.251   1.00 20.02 ? 6   C   B "O5'" 1 
ATOM   413 C  "C5'" . C   B 1 6  ? 0.597   6.603   4.956   1.00 19.99 ? 6   C   B "C5'" 1 
ATOM   414 C  "C4'" . C   B 1 6  ? 1.614   6.032   5.919   1.00 21.41 ? 6   C   B "C4'" 1 
ATOM   415 O  "O4'" . C   B 1 6  ? 0.928   5.118   6.828   1.00 20.74 ? 6   C   B "O4'" 1 
ATOM   416 C  "C3'" . C   B 1 6  ? 2.680   5.171   5.303   1.00 21.67 ? 6   C   B "C3'" 1 
ATOM   417 O  "O3'" . C   B 1 6  ? 3.680   5.986   4.696   1.00 22.23 ? 6   C   B "O3'" 1 
ATOM   418 C  "C2'" . C   B 1 6  ? 3.145   4.375   6.498   1.00 22.00 ? 6   C   B "C2'" 1 
ATOM   419 O  "O2'" . C   B 1 6  ? 3.897   5.190   7.368   1.00 23.16 ? 6   C   B "O2'" 1 
ATOM   420 C  "C1'" . C   B 1 6  ? 1.815   4.034   7.163   1.00 21.65 ? 6   C   B "C1'" 1 
ATOM   421 N  N1    . C   B 1 6  ? 1.213   2.791   6.644   1.00 21.94 ? 6   C   B N1    1 
ATOM   422 C  C2    . C   B 1 6  ? 1.595   1.612   7.248   1.00 20.67 ? 6   C   B C2    1 
ATOM   423 O  O2    . C   B 1 6  ? 2.525   1.651   8.072   1.00 24.36 ? 6   C   B O2    1 
ATOM   424 N  N3    . C   B 1 6  ? 1.039   0.448   6.839   1.00 21.77 ? 6   C   B N3    1 
ATOM   425 C  C4    . C   B 1 6  ? 0.066   0.444   5.940   1.00 22.98 ? 6   C   B C4    1 
ATOM   426 N  N4    . C   B 1 6  ? -0.494  -0.731  5.616   1.00 24.01 ? 6   C   B N4    1 
ATOM   427 C  C5    . C   B 1 6  ? -0.346  1.626   5.295   1.00 21.29 ? 6   C   B C5    1 
ATOM   428 C  C6    . C   B 1 6  ? 0.220   2.782   5.701   1.00 22.71 ? 6   C   B C6    1 
ATOM   429 P  P     . U   B 1 7  ? 4.527   5.479   3.511   1.00 24.06 ? 7   U   B P     1 
ATOM   430 O  OP1   . U   B 1 7  ? 5.416   6.629   3.184   1.00 26.37 ? 7   U   B OP1   1 
ATOM   431 O  OP2   . U   B 1 7  ? 3.776   4.835   2.518   1.00 23.52 ? 7   U   B OP2   1 
ATOM   432 O  "O5'" . U   B 1 7  ? 5.434   4.314   4.152   1.00 24.84 ? 7   U   B "O5'" 1 
ATOM   433 C  "C5'" . U   B 1 7  ? 6.404   4.645   5.117   1.00 25.21 ? 7   U   B "C5'" 1 
ATOM   434 C  "C4'" . U   B 1 7  ? 7.052   3.350   5.553   1.00 26.55 ? 7   U   B "C4'" 1 
ATOM   435 O  "O4'" . U   B 1 7  ? 6.066   2.523   6.234   1.00 25.93 ? 7   U   B "O4'" 1 
ATOM   436 C  "C3'" . U   B 1 7  ? 7.550   2.435   4.450   1.00 28.19 ? 7   U   B "C3'" 1 
ATOM   437 O  "O3'" . U   B 1 7  ? 8.787   2.922   3.930   1.00 27.88 ? 7   U   B "O3'" 1 
ATOM   438 C  "C2'" . U   B 1 7  ? 7.681   1.138   5.225   1.00 25.24 ? 7   U   B "C2'" 1 
ATOM   439 O  "O2'" . U   B 1 7  ? 8.753   1.185   6.155   1.00 30.32 ? 7   U   B "O2'" 1 
ATOM   440 C  "C1'" . U   B 1 7  ? 6.365   1.144   5.994   1.00 27.02 ? 7   U   B "C1'" 1 
ATOM   441 N  N1    . U   B 1 7  ? 5.222   0.518   5.309   1.00 24.12 ? 7   U   B N1    1 
ATOM   442 C  C2    . U   B 1 7  ? 5.088   -0.851  5.431   1.00 25.87 ? 7   U   B C2    1 
ATOM   443 O  O2    . U   B 1 7  ? 5.954   -1.553  5.904   1.00 27.28 ? 7   U   B O2    1 
ATOM   444 N  N3    . U   B 1 7  ? 3.974   -1.381  4.834   1.00 24.35 ? 7   U   B N3    1 
ATOM   445 C  C4    . U   B 1 7  ? 2.974   -0.707  4.178   1.00 22.63 ? 7   U   B C4    1 
ATOM   446 O  O4    . U   B 1 7  ? 2.032   -1.333  3.724   1.00 22.24 ? 7   U   B O4    1 
ATOM   447 C  C5    . U   B 1 7  ? 3.168   0.700   4.103   1.00 22.85 ? 7   U   B C5    1 
ATOM   448 C  C6    . U   B 1 7  ? 4.261   1.253   4.630   1.00 23.69 ? 7   U   B C6    1 
ATOM   449 P  P     . U   B 1 8  ? 9.184   2.670   2.494   1.00 29.10 ? 8   U   B P     1 
ATOM   450 O  OP1   . U   B 1 8  ? 10.357  3.577   2.206   1.00 33.48 ? 8   U   B OP1   1 
ATOM   451 O  OP2   . U   B 1 8  ? 8.041   2.860   1.596   1.00 28.24 ? 8   U   B OP2   1 
ATOM   452 O  "O5'" . U   B 1 8  ? 9.564   1.123   2.409   1.00 28.69 ? 8   U   B "O5'" 1 
ATOM   453 C  "C5'" . U   B 1 8  ? 10.744  0.669   3.151   1.00 32.75 ? 8   U   B "C5'" 1 
ATOM   454 C  "C4'" . U   B 1 8  ? 10.756  -0.819  3.093   1.00 30.11 ? 8   U   B "C4'" 1 
ATOM   455 O  "O4'" . U   B 1 8  ? 9.578   -1.369  3.770   1.00 32.00 ? 8   U   B "O4'" 1 
ATOM   456 C  "C3'" . U   B 1 8  ? 10.640  -1.412  1.698   1.00 33.34 ? 8   U   B "C3'" 1 
ATOM   457 O  "O3'" . U   B 1 8  ? 11.852  -1.321  0.954   1.00 32.16 ? 8   U   B "O3'" 1 
ATOM   458 C  "C2'" . U   B 1 8  ? 10.219  -2.825  2.027   1.00 31.84 ? 8   U   B "C2'" 1 
ATOM   459 O  "O2'" . U   B 1 8  ? 11.300  -3.603  2.544   1.00 34.82 ? 8   U   B "O2'" 1 
ATOM   460 C  "C1'" . U   B 1 8  ? 9.199   -2.558  3.124   1.00 30.12 ? 8   U   B "C1'" 1 
ATOM   461 N  N1    . U   B 1 8  ? 7.810   -2.436  2.638   1.00 29.30 ? 8   U   B N1    1 
ATOM   462 C  C2    . U   B 1 8  ? 7.101   -3.600  2.479   1.00 31.97 ? 8   U   B C2    1 
ATOM   463 O  O2    . U   B 1 8  ? 7.587   -4.711  2.650   1.00 31.42 ? 8   U   B O2    1 
ATOM   464 N  N3    . U   B 1 8  ? 5.811   -3.435  2.065   1.00 25.59 ? 8   U   B N3    1 
ATOM   465 C  C4    . U   B 1 8  ? 5.143   -2.242  1.867   1.00 25.72 ? 8   U   B C4    1 
ATOM   466 O  O4    . U   B 1 8  ? 3.982   -2.276  1.507   1.00 24.98 ? 8   U   B O4    1 
ATOM   467 C  C5    . U   B 1 8  ? 5.951   -1.082  2.004   1.00 27.39 ? 8   U   B C5    1 
ATOM   468 C  C6    . U   B 1 8  ? 7.228   -1.205  2.381   1.00 28.71 ? 8   U   B C6    1 
ATOM   469 P  P     . A   B 1 9  ? 11.851  -1.225  -0.625  1.00 32.94 ? 9   A   B P     1 
ATOM   470 O  OP1   . A   B 1 9  ? 13.322  -1.046  -0.979  1.00 39.76 ? 9   A   B OP1   1 
ATOM   471 O  OP2   . A   B 1 9  ? 10.825  -0.218  -1.105  1.00 35.99 ? 9   A   B OP2   1 
ATOM   472 O  "O5'" . A   B 1 9  ? 11.352  -2.619  -1.151  1.00 31.61 ? 9   A   B "O5'" 1 
ATOM   473 C  "C5'" . A   B 1 9  ? 12.232  -3.768  -1.039  1.00 36.61 ? 9   A   B "C5'" 1 
ATOM   474 C  "C4'" . A   B 1 9  ? 11.515  -4.994  -1.487  1.00 31.82 ? 9   A   B "C4'" 1 
ATOM   475 O  "O4'" . A   B 1 9  ? 10.426  -5.306  -0.574  1.00 31.59 ? 9   A   B "O4'" 1 
ATOM   476 C  "C3'" . A   B 1 9  ? 10.824  -4.972  -2.845  1.00 32.65 ? 9   A   B "C3'" 1 
ATOM   477 O  "O3'" . A   B 1 9  ? 11.812  -5.019  -3.859  1.00 35.88 ? 9   A   B "O3'" 1 
ATOM   478 C  "C2'" . A   B 1 9  ? 9.937   -6.189  -2.704  1.00 32.43 ? 9   A   B "C2'" 1 
ATOM   479 O  "O2'" . A   B 1 9  ? 10.720  -7.381  -2.830  1.00 35.17 ? 9   A   B "O2'" 1 
ATOM   480 C  "C1'" . A   B 1 9  ? 9.396   -5.971  -1.290  1.00 30.74 ? 9   A   B "C1'" 1 
ATOM   481 N  N9    . A   B 1 9  ? 8.222   -5.087  -1.279  1.00 29.02 ? 9   A   B N9    1 
ATOM   482 C  C8    . A   B 1 9  ? 8.138   -3.740  -1.019  1.00 30.63 ? 9   A   B C8    1 
ATOM   483 N  N7    . A   B 1 9  ? 6.909   -3.278  -1.046  1.00 27.74 ? 9   A   B N7    1 
ATOM   484 C  C5    . A   B 1 9  ? 6.145   -4.389  -1.362  1.00 26.10 ? 9   A   B C5    1 
ATOM   485 C  C6    . A   B 1 9  ? 4.774   -4.563  -1.568  1.00 27.54 ? 9   A   B C6    1 
ATOM   486 N  N6    . A   B 1 9  ? 3.879   -3.578  -1.444  1.00 22.98 ? 9   A   B N6    1 
ATOM   487 N  N1    . A   B 1 9  ? 4.327   -5.786  -1.892  1.00 29.47 ? 9   A   B N1    1 
ATOM   488 C  C2    . A   B 1 9  ? 5.215   -6.786  -1.980  1.00 31.37 ? 9   A   B C2    1 
ATOM   489 N  N3    . A   B 1 9  ? 6.528   -6.758  -1.756  1.00 29.06 ? 9   A   B N3    1 
ATOM   490 C  C4    . A   B 1 9  ? 6.944   -5.508  -1.507  1.00 28.06 ? 9   A   B C4    1 
ATOM   491 P  P     . A   B 1 10 ? 11.587  -4.340  -5.270  1.00 36.66 ? 10  A   B P     1 
ATOM   492 O  OP1   . A   B 1 10 ? 12.899  -4.448  -5.998  1.00 39.52 ? 10  A   B OP1   1 
ATOM   493 O  OP2   . A   B 1 10 ? 11.101  -2.979  -5.082  1.00 35.96 ? 10  A   B OP2   1 
ATOM   494 O  "O5'" . A   B 1 10 ? 10.500  -5.261  -5.956  1.00 33.60 ? 10  A   B "O5'" 1 
ATOM   495 C  "C5'" . A   B 1 10 ? 10.658  -6.649  -6.297  1.00 31.02 ? 10  A   B "C5'" 1 
ATOM   496 C  "C4'" . A   B 1 10 ? 9.318   -7.269  -6.599  1.00 33.73 ? 10  A   B "C4'" 1 
ATOM   497 O  "O4'" . A   B 1 10 ? 8.422   -7.256  -5.446  1.00 32.91 ? 10  A   B "O4'" 1 
ATOM   498 C  "C3'" . A   B 1 10 ? 8.474   -6.622  -7.685  1.00 34.61 ? 10  A   B "C3'" 1 
ATOM   499 O  "O3'" . A   B 1 10 ? 9.107   -6.776  -8.970  1.00 35.05 ? 10  A   B "O3'" 1 
ATOM   500 C  "C2'" . A   B 1 10 ? 7.151   -7.318  -7.422  1.00 31.50 ? 10  A   B "C2'" 1 
ATOM   501 O  "O2'" . A   B 1 10 ? 7.126   -8.661  -7.851  1.00 39.21 ? 10  A   B "O2'" 1 
ATOM   502 C  "C1'" . A   B 1 10 ? 7.085   -7.238  -5.890  1.00 30.24 ? 10  A   B "C1'" 1 
ATOM   503 N  N9    . A   B 1 10 ? 6.519   -5.961  -5.444  1.00 30.10 ? 10  A   B N9    1 
ATOM   504 C  C8    . A   B 1 10 ? 7.151   -4.770  -5.180  1.00 29.87 ? 10  A   B C8    1 
ATOM   505 N  N7    . A   B 1 10 ? 6.327   -3.793  -4.863  1.00 29.63 ? 10  A   B N7    1 
ATOM   506 C  C5    . A   B 1 10 ? 5.072   -4.360  -5.018  1.00 26.40 ? 10  A   B C5    1 
ATOM   507 C  C6    . A   B 1 10 ? 3.770   -3.849  -4.857  1.00 26.66 ? 10  A   B C6    1 
ATOM   508 N  N6    . A   B 1 10 ? 3.498   -2.592  -4.489  1.00 25.15 ? 10  A   B N6    1 
ATOM   509 N  N1    . A   B 1 10 ? 2.742   -4.677  -5.096  1.00 27.91 ? 10  A   B N1    1 
ATOM   510 C  C2    . A   B 1 10 ? 3.000   -5.940  -5.462  1.00 29.47 ? 10  A   B C2    1 
ATOM   511 N  N3    . A   B 1 10 ? 4.175   -6.544  -5.625  1.00 31.29 ? 10  A   B N3    1 
ATOM   512 C  C4    . A   B 1 10 ? 5.178   -5.686  -5.411  1.00 31.11 ? 10  A   B C4    1 
ATOM   513 P  P     . G   B 1 11 ? 8.862   -5.720  -10.135 1.00 37.89 ? 11  G   B P     1 
ATOM   514 O  OP1   . G   B 1 11 ? 9.596   -6.253  -11.322 1.00 47.48 ? 11  G   B OP1   1 
ATOM   515 O  OP2   . G   B 1 11 ? 9.151   -4.370  -9.696  1.00 37.09 ? 11  G   B OP2   1 
ATOM   516 O  "O5'" . G   B 1 11 ? 7.339   -5.936  -10.493 1.00 36.61 ? 11  G   B "O5'" 1 
ATOM   517 C  "C5'" . G   B 1 11 ? 6.875   -7.165  -11.038 1.00 36.82 ? 11  G   B "C5'" 1 
ATOM   518 C  "C4'" . G   B 1 11 ? 5.379   -7.169  -11.066 1.00 33.39 ? 11  G   B "C4'" 1 
ATOM   519 O  "O4'" . G   B 1 11 ? 4.883   -6.928  -9.704  1.00 33.18 ? 11  G   B "O4'" 1 
ATOM   520 C  "C3'" . G   B 1 11 ? 4.693   -6.077  -11.888 1.00 34.15 ? 11  G   B "C3'" 1 
ATOM   521 O  "O3'" . G   B 1 11 ? 4.676   -6.398  -13.276 1.00 31.26 ? 11  G   B "O3'" 1 
ATOM   522 C  "C2'" . G   B 1 11 ? 3.316   -6.114  -11.250 1.00 30.12 ? 11  G   B "C2'" 1 
ATOM   523 O  "O2'" . G   B 1 11 ? 2.558   -7.255  -11.626 1.00 33.08 ? 11  G   B "O2'" 1 
ATOM   524 C  "C1'" . G   B 1 11 ? 3.665   -6.251  -9.771  1.00 27.86 ? 11  G   B "C1'" 1 
ATOM   525 N  N9    . G   B 1 11 ? 3.800   -4.951  -9.116  1.00 26.04 ? 11  G   B N9    1 
ATOM   526 C  C8    . G   B 1 11 ? 4.911   -4.255  -8.725  1.00 27.50 ? 11  G   B C8    1 
ATOM   527 N  N7    . G   B 1 11 ? 4.628   -3.101  -8.173  1.00 26.31 ? 11  G   B N7    1 
ATOM   528 C  C5    . G   B 1 11 ? 3.238   -3.041  -8.199  1.00 24.26 ? 11  G   B C5    1 
ATOM   529 C  C6    . G   B 1 11 ? 2.340   -2.036  -7.723  1.00 23.21 ? 11  G   B C6    1 
ATOM   530 O  O6    . G   B 1 11 ? 2.605   -0.986  -7.118  1.00 24.38 ? 11  G   B O6    1 
ATOM   531 N  N1    . G   B 1 11 ? 1.028   -2.385  -7.963  1.00 23.33 ? 11  G   B N1    1 
ATOM   532 C  C2    . G   B 1 11 ? 0.601   -3.571  -8.508  1.00 24.06 ? 11  G   B C2    1 
ATOM   533 N  N2    . G   B 1 11 ? -0.707  -3.740  -8.681  1.00 23.91 ? 11  G   B N2    1 
ATOM   534 N  N3    . G   B 1 11 ? 1.423   -4.498  -8.970  1.00 25.69 ? 11  G   B N3    1 
ATOM   535 C  C4    . G   B 1 11 ? 2.710   -4.181  -8.755  1.00 25.90 ? 11  G   B C4    1 
ATOM   536 P  P     . U   B 1 12 ? 4.489   -5.255  -14.396 1.00 32.51 ? 12  U   B P     1 
ATOM   537 O  OP1   . U   B 1 12 ? 4.711   -5.903  -15.751 1.00 39.38 ? 12  U   B OP1   1 
ATOM   538 O  OP2   . U   B 1 12 ? 5.316   -4.129  -14.056 1.00 34.30 ? 12  U   B OP2   1 
ATOM   539 O  "O5'" . U   B 1 12 ? 2.944   -4.908  -14.447 1.00 33.36 ? 12  U   B "O5'" 1 
ATOM   540 C  "C5'" . U   B 1 12 ? 1.901   -5.843  -14.745 1.00 31.11 ? 12  U   B "C5'" 1 
ATOM   541 C  "C4'" . U   B 1 12 ? 0.592   -5.138  -14.526 1.00 31.23 ? 12  U   B "C4'" 1 
ATOM   542 O  "O4'" . U   B 1 12 ? 0.438   -4.883  -13.102 1.00 29.71 ? 12  U   B "O4'" 1 
ATOM   543 C  "C3'" . U   B 1 12 ? 0.434   -3.760  -15.149 1.00 31.65 ? 12  U   B "C3'" 1 
ATOM   544 O  "O3'" . U   B 1 12 ? 0.098   -3.811  -16.535 1.00 28.48 ? 12  U   B "O3'" 1 
ATOM   545 C  "C2'" . U   B 1 12 ? -0.724  -3.230  -14.314 1.00 30.23 ? 12  U   B "C2'" 1 
ATOM   546 O  "O2'" . U   B 1 12 ? -1.919  -3.924  -14.642 1.00 32.01 ? 12  U   B "O2'" 1 
ATOM   547 C  "C1'" . U   B 1 12 ? -0.277  -3.673  -12.927 1.00 31.51 ? 12  U   B "C1'" 1 
ATOM   548 N  N1    . U   B 1 12 ? 0.589   -2.724  -12.211 1.00 28.20 ? 12  U   B N1    1 
ATOM   549 C  C2    . U   B 1 12 ? -0.098  -1.691  -11.602 1.00 25.41 ? 12  U   B C2    1 
ATOM   550 O  O2    . U   B 1 12 ? -1.331  -1.624  -11.627 1.00 26.86 ? 12  U   B O2    1 
ATOM   551 N  N3    . U   B 1 12 ? 0.702   -0.802  -10.923 1.00 25.22 ? 12  U   B N3    1 
ATOM   552 C  C4    . U   B 1 12 ? 2.077   -0.841  -10.782 1.00 25.22 ? 12  U   B C4    1 
ATOM   553 O  O4    . U   B 1 12 ? 2.662   -0.003  -10.096 1.00 27.70 ? 12  U   B O4    1 
ATOM   554 C  C5    . U   B 1 12 ? 2.710   -1.886  -11.515 1.00 25.99 ? 12  U   B C5    1 
ATOM   555 C  C6    . U   B 1 12 ? 1.962   -2.783  -12.167 1.00 28.13 ? 12  U   B C6    1 
ATOM   556 P  P     . C   B 1 13 ? 0.519   -2.664  -17.484 1.00 32.36 ? 13  C   B P     1 
ATOM   557 O  OP1   . C   B 1 13 ? 0.216   -3.059  -18.876 1.00 36.23 ? 13  C   B OP1   1 
ATOM   558 O  OP2   . C   B 1 13 ? 1.809   -2.054  -17.153 1.00 30.55 ? 13  C   B OP2   1 
ATOM   559 O  "O5'" . C   B 1 13 ? -0.512  -1.479  -17.135 1.00 29.16 ? 13  C   B "O5'" 1 
ATOM   560 C  "C5'" . C   B 1 13 ? -1.878  -1.667  -17.357 1.00 27.19 ? 13  C   B "C5'" 1 
ATOM   561 C  "C4'" . C   B 1 13 ? -2.638  -0.570  -16.632 1.00 26.36 ? 13  C   B "C4'" 1 
ATOM   562 O  "O4'" . C   B 1 13 ? -2.298  -0.697  -15.230 1.00 26.03 ? 13  C   B "O4'" 1 
ATOM   563 C  "C3'" . C   B 1 13 ? -2.334  0.880   -16.951 1.00 26.05 ? 13  C   B "C3'" 1 
ATOM   564 O  "O3'" . C   B 1 13 ? -3.038  1.330   -18.102 1.00 28.77 ? 13  C   B "O3'" 1 
ATOM   565 C  "C2'" . C   B 1 13 ? -2.813  1.561   -15.676 1.00 23.67 ? 13  C   B "C2'" 1 
ATOM   566 O  "O2'" . C   B 1 13 ? -4.228  1.593   -15.591 1.00 24.33 ? 13  C   B "O2'" 1 
ATOM   567 C  "C1'" . C   B 1 13 ? -2.284  0.604   -14.625 1.00 24.03 ? 13  C   B "C1'" 1 
ATOM   568 N  N1    . C   B 1 13 ? -0.949  0.931   -14.140 1.00 23.65 ? 13  C   B N1    1 
ATOM   569 C  C2    . C   B 1 13 ? -0.850  1.955   -13.207 1.00 22.90 ? 13  C   B C2    1 
ATOM   570 O  O2    . C   B 1 13 ? -1.892  2.520   -12.832 1.00 24.62 ? 13  C   B O2    1 
ATOM   571 N  N3    . C   B 1 13 ? 0.358   2.299   -12.724 1.00 22.58 ? 13  C   B N3    1 
ATOM   572 C  C4    . C   B 1 13 ? 1.451   1.657   -13.145 1.00 23.51 ? 13  C   B C4    1 
ATOM   573 N  N4    . C   B 1 13 ? 2.624   2.028   -12.647 1.00 25.16 ? 13  C   B N4    1 
ATOM   574 C  C5    . C   B 1 13 ? 1.391   0.683   -14.179 1.00 24.78 ? 13  C   B C5    1 
ATOM   575 C  C6    . C   B 1 13 ? 0.182   0.321   -14.610 1.00 24.94 ? 13  C   B C6    1 
ATOM   576 P  P     . G   B 1 14 ? -2.418  2.380   -19.084 1.00 31.04 ? 14  G   B P     1 
ATOM   577 O  OP1   . G   B 1 14 ? -3.477  2.468   -20.163 1.00 32.11 ? 14  G   B OP1   1 
ATOM   578 O  OP2   . G   B 1 14 ? -1.009  2.023   -19.368 1.00 32.25 ? 14  G   B OP2   1 
ATOM   579 O  "O5'" . G   B 1 14 ? -2.352  3.741   -18.248 1.00 26.66 ? 14  G   B "O5'" 1 
ATOM   580 C  "C5'" . G   B 1 14 ? -3.579  4.416   -18.012 1.00 26.24 ? 14  G   B "C5'" 1 
ATOM   581 C  "C4'" . G   B 1 14 ? -3.295  5.556   -17.071 1.00 27.60 ? 14  G   B "C4'" 1 
ATOM   582 O  "O4'" . G   B 1 14 ? -2.734  5.042   -15.849 1.00 25.31 ? 14  G   B "O4'" 1 
ATOM   583 C  "C3'" . G   B 1 14 ? -2.274  6.592   -17.503 1.00 26.21 ? 14  G   B "C3'" 1 
ATOM   584 O  "O3'" . G   B 1 14 ? -2.886  7.484   -18.445 1.00 29.35 ? 14  G   B "O3'" 1 
ATOM   585 C  "C2'" . G   B 1 14 ? -2.036  7.279   -16.173 1.00 23.89 ? 14  G   B "C2'" 1 
ATOM   586 O  "O2'" . G   B 1 14 ? -3.103  8.156   -15.875 1.00 29.00 ? 14  G   B "O2'" 1 
ATOM   587 C  "C1'" . G   B 1 14 ? -2.013  6.090   -15.228 1.00 25.19 ? 14  G   B "C1'" 1 
ATOM   588 N  N9    . G   B 1 14 ? -0.663  5.640   -14.959 1.00 24.43 ? 14  G   B N9    1 
ATOM   589 C  C8    . G   B 1 14 ? 0.027   4.580   -15.497 1.00 24.86 ? 14  G   B C8    1 
ATOM   590 N  N7    . G   B 1 14 ? 1.250   4.491   -15.062 1.00 25.22 ? 14  G   B N7    1 
ATOM   591 C  C5    . G   B 1 14 ? 1.375   5.545   -14.165 1.00 23.49 ? 14  G   B C5    1 
ATOM   592 C  C6    . G   B 1 14 ? 2.481   5.955   -13.373 1.00 21.84 ? 14  G   B C6    1 
ATOM   593 O  O6    . G   B 1 14 ? 3.595   5.415   -13.252 1.00 24.37 ? 14  G   B O6    1 
ATOM   594 N  N1    . G   B 1 14 ? 2.176   7.087   -12.630 1.00 21.27 ? 14  G   B N1    1 
ATOM   595 C  C2    . G   B 1 14 ? 0.977   7.756   -12.658 1.00 22.34 ? 14  G   B C2    1 
ATOM   596 N  N2    . G   B 1 14 ? 0.874   8.821   -11.854 1.00 24.14 ? 14  G   B N2    1 
ATOM   597 N  N3    . G   B 1 14 ? -0.082  7.350   -13.349 1.00 21.38 ? 14  G   B N3    1 
ATOM   598 C  C4    . G   B 1 14 ? 0.201   6.262   -14.095 1.00 22.13 ? 14  G   B C4    1 
HETATM 599 P  P1    . EQ4 C 2 .  ? -6.172  -0.446  20.521  1.00 71.28 ? 101 EQ4 A P1    1 
HETATM 600 O  O1    . EQ4 C 2 .  ? -5.168  0.706   21.090  1.00 73.08 ? 101 EQ4 A O1    1 
HETATM 601 O  O2    . EQ4 C 2 .  ? -5.398  -1.565  19.909  1.00 60.89 ? 101 EQ4 A O2    1 
HETATM 602 C  C1    . EQ4 C 2 .  ? -7.843  1.423   19.594  1.00 45.81 ? 101 EQ4 A C1    1 
HETATM 603 O  O3    . EQ4 C 2 .  ? -6.927  0.370   19.386  1.00 49.03 ? 101 EQ4 A O3    1 
HETATM 604 C  C2    . EQ4 C 2 .  ? -8.755  1.500   18.391  1.00 45.89 ? 101 EQ4 A C2    1 
HETATM 605 O  O4    . EQ4 C 2 .  ? -8.166  1.175   17.070  1.00 39.04 ? 101 EQ4 A O4    1 
HETATM 606 C  C3    . EQ4 C 2 .  ? -9.835  0.448   18.595  1.00 44.62 ? 101 EQ4 A C3    1 
HETATM 607 O  O5    . EQ4 C 2 .  ? -10.862 1.010   19.498  1.00 48.22 ? 101 EQ4 A O5    1 
HETATM 608 C  C4    . EQ4 C 2 .  ? -10.379 0.358   17.177  1.00 43.06 ? 101 EQ4 A C4    1 
HETATM 609 O  O6    . EQ4 C 2 .  ? -11.289 1.455   16.888  1.00 49.82 ? 101 EQ4 A O6    1 
HETATM 610 C  C5    . EQ4 C 2 .  ? -9.171  0.443   16.269  1.00 38.38 ? 101 EQ4 A C5    1 
HETATM 611 N  N1    . EQ4 C 2 .  ? -9.897  -3.850  13.810  1.00 24.66 ? 101 EQ4 A N1    1 
HETATM 612 C  C6    . EQ4 C 2 .  ? -10.683 -2.761  13.742  1.00 24.63 ? 101 EQ4 A C6    1 
HETATM 613 N  N2    . EQ4 C 2 .  ? -11.749 -2.780  13.029  1.00 25.56 ? 101 EQ4 A N2    1 
HETATM 614 N  N3    . EQ4 C 2 .  ? -10.353 -1.620  14.455  1.00 29.47 ? 101 EQ4 A N3    1 
HETATM 615 C  C7    . EQ4 C 2 .  ? -9.225  -1.804  15.155  1.00 27.97 ? 101 EQ4 A C7    1 
HETATM 616 C  C8    . EQ4 C 2 .  ? -8.469  -2.894  15.289  1.00 25.10 ? 101 EQ4 A C8    1 
HETATM 617 C  C9    . EQ4 C 2 .  ? -8.725  -3.964  14.600  1.00 26.35 ? 101 EQ4 A C9    1 
HETATM 618 O  O7    . EQ4 C 2 .  ? -8.135  -4.990  14.477  1.00 30.07 ? 101 EQ4 A O7    1 
HETATM 619 N  N4    . EQ4 C 2 .  ? -7.380  -2.702  16.117  1.00 30.65 ? 101 EQ4 A N4    1 
HETATM 620 C  C10   . EQ4 C 2 .  ? -7.592  -1.478  16.515  1.00 28.10 ? 101 EQ4 A C10   1 
HETATM 621 N  N5    . EQ4 C 2 .  ? -8.641  -0.867  16.003  1.00 33.53 ? 101 EQ4 A N5    1 
HETATM 622 N  N6    . EQ4 C 2 .  ? -7.401  -0.800  21.653  1.00 75.24 ? 101 EQ4 A N6    1 
HETATM 623 C  C11   . EQ4 C 2 .  ? -7.826  -0.068  22.695  1.00 76.76 ? 101 EQ4 A C11   1 
HETATM 624 C  C12   . EQ4 C 2 .  ? -8.827  -0.734  23.268  1.00 79.80 ? 101 EQ4 A C12   1 
HETATM 625 N  N7    . EQ4 C 2 .  ? -9.019  -1.856  22.576  1.00 76.14 ? 101 EQ4 A N7    1 
HETATM 626 C  C13   . EQ4 C 2 .  ? -8.148  -1.899  21.578  1.00 71.73 ? 101 EQ4 A C13   1 
HETATM 627 N  N8    . EQ4 C 2 .  ? -8.031  -2.879  20.649  1.00 63.77 ? 101 EQ4 A N8    1 
HETATM 628 P  P1    . EQ4 D 2 .  ? 1.594   6.711   -20.378 1.00 73.52 ? 102 EQ4 A P1    1 
HETATM 629 O  O1    . EQ4 D 2 .  ? 2.466   5.599   -19.905 1.00 62.81 ? 102 EQ4 A O1    1 
HETATM 630 O  O2    . EQ4 D 2 .  ? 0.163   6.128   -20.918 1.00 72.33 ? 102 EQ4 A O2    1 
HETATM 631 C  C1    . EQ4 D 2 .  ? 0.351   8.782   -19.235 1.00 46.80 ? 102 EQ4 A C1    1 
HETATM 632 O  O3    . EQ4 D 2 .  ? 1.075   7.565   -19.120 1.00 50.86 ? 102 EQ4 A O3    1 
HETATM 633 C  C2    . EQ4 D 2 .  ? 0.537   9.613   -17.982 1.00 48.06 ? 102 EQ4 A C2    1 
HETATM 634 O  O4    . EQ4 D 2 .  ? 0.757   8.849   -16.722 1.00 39.90 ? 102 EQ4 A O4    1 
HETATM 635 C  C3    . EQ4 D 2 .  ? 1.792   10.472  -18.177 1.00 47.35 ? 102 EQ4 A C3    1 
HETATM 636 O  O5    . EQ4 D 2 .  ? 1.456   11.746  -18.886 1.00 46.00 ? 102 EQ4 A O5    1 
HETATM 637 C  C4    . EQ4 D 2 .  ? 2.125   10.790  -16.759 1.00 43.88 ? 102 EQ4 A C4    1 
HETATM 638 O  O6    . EQ4 D 2 .  ? 1.342   11.935  -16.365 1.00 49.18 ? 102 EQ4 A O6    1 
HETATM 639 C  C5    . EQ4 D 2 .  ? 1.791   9.550   -15.925 1.00 38.62 ? 102 EQ4 A C5    1 
HETATM 640 N  N1    . EQ4 D 2 .  ? 6.153   8.942   -13.615 1.00 24.80 ? 102 EQ4 A N1    1 
HETATM 641 C  C6    . EQ4 D 2 .  ? 5.341   9.992   -13.482 1.00 23.88 ? 102 EQ4 A C6    1 
HETATM 642 N  N2    . EQ4 D 2 .  ? 5.714   10.966  -12.721 1.00 26.24 ? 102 EQ4 A N2    1 
HETATM 643 N  N3    . EQ4 D 2 .  ? 4.142   10.009  -14.165 1.00 29.82 ? 102 EQ4 A N3    1 
HETATM 644 C  C7    . EQ4 D 2 .  ? 3.999   8.897   -14.906 1.00 27.48 ? 102 EQ4 A C7    1 
HETATM 645 C  C8    . EQ4 D 2 .  ? 4.832   7.873   -15.098 1.00 24.59 ? 102 EQ4 A C8    1 
HETATM 646 C  C9    . EQ4 D 2 .  ? 5.943   7.801   -14.429 1.00 26.02 ? 102 EQ4 A C9    1 
HETATM 647 O  O7    . EQ4 D 2 .  ? 6.748   6.928   -14.370 1.00 30.06 ? 102 EQ4 A O7    1 
HETATM 648 N  N4    . EQ4 D 2 .  ? 4.309   6.920   -15.958 1.00 30.33 ? 102 EQ4 A N4    1 
HETATM 649 C  C10   . EQ4 D 2 .  ? 3.171   7.475   -16.300 1.00 28.64 ? 102 EQ4 A C10   1 
HETATM 650 N  N5    . EQ4 D 2 .  ? 2.919   8.651   -15.744 1.00 33.67 ? 102 EQ4 A N5    1 
HETATM 651 N  N6    . EQ4 D 2 .  ? 2.261   7.869   -21.537 1.00 78.01 ? 102 EQ4 A N6    1 
HETATM 652 C  C11   . EQ4 D 2 .  ? 1.623   8.539   -22.511 1.00 83.40 ? 102 EQ4 A C11   1 
HETATM 653 C  C12   . EQ4 D 2 .  ? 2.515   9.319   -23.125 1.00 86.04 ? 102 EQ4 A C12   1 
HETATM 654 N  N7    . EQ4 D 2 .  ? 3.692   9.137   -22.530 1.00 80.01 ? 102 EQ4 A N7    1 
HETATM 655 C  C13   . EQ4 D 2 .  ? 3.538   8.252   -21.552 1.00 75.85 ? 102 EQ4 A C13   1 
HETATM 656 N  N8    . EQ4 D 2 .  ? 4.502   7.810   -20.717 1.00 70.23 ? 102 EQ4 A N8    1 
HETATM 657 P  P1    . EQ4 E 2 .  ? 6.538   10.428  -21.636 1.00 76.73 ? 103 EQ4 A P1    1 
HETATM 658 O  O1    . EQ4 E 2 .  ? 6.796   8.952   -21.520 1.00 54.09 ? 103 EQ4 A O1    1 
HETATM 659 O  O2    . EQ4 E 2 .  ? 5.382   10.855  -22.685 1.00 65.05 ? 103 EQ4 A O2    1 
HETATM 660 C  C1    . EQ4 E 2 .  ? 4.896   11.879  -20.003 1.00 53.22 ? 103 EQ4 A C1    1 
HETATM 661 O  O3    . EQ4 E 2 .  ? 5.610   10.690  -20.307 1.00 58.76 ? 103 EQ4 A O3    1 
HETATM 662 C  C2    . EQ4 E 2 .  ? 5.351   12.272  -18.605 1.00 45.25 ? 103 EQ4 A C2    1 
HETATM 663 O  O4    . EQ4 E 2 .  ? 5.313   11.099  -17.655 1.00 38.89 ? 103 EQ4 A O4    1 
HETATM 664 C  C3    . EQ4 E 2 .  ? 6.782   12.583  -18.708 1.00 47.23 ? 103 EQ4 A C3    1 
HETATM 665 O  O5    . EQ4 E 2 .  ? 6.964   13.915  -19.310 1.00 59.12 ? 103 EQ4 A O5    1 
HETATM 666 C  C4    . EQ4 E 2 .  ? 7.208   12.550  -17.335 1.00 33.90 ? 103 EQ4 A C4    1 
HETATM 667 O  O6    . EQ4 E 2 .  ? 6.707   13.764  -16.684 1.00 43.05 ? 103 EQ4 A O6    1 
HETATM 668 C  C5    . EQ4 E 2 .  ? 6.496   11.241  -16.786 1.00 27.96 ? 103 EQ4 A C5    1 
HETATM 669 N  N1    . EQ4 E 2 .  ? 10.474  9.069   -14.848 1.00 27.62 ? 103 EQ4 A N1    1 
HETATM 670 C  C6    . EQ4 E 2 .  ? 9.974   10.338  -14.578 1.00 25.46 ? 103 EQ4 A C6    1 
HETATM 671 N  N2    . EQ4 E 2 .  ? 10.645  11.145  -13.790 1.00 25.07 ? 103 EQ4 A N2    1 
HETATM 672 N  N3    . EQ4 E 2 .  ? 8.885   10.757  -15.196 1.00 28.04 ? 103 EQ4 A N3    1 
HETATM 673 C  C7    . EQ4 E 2 .  ? 8.349   9.832   -16.102 1.00 28.54 ? 103 EQ4 A C7    1 
HETATM 674 C  C8    . EQ4 E 2 .  ? 8.816   8.603   -16.357 1.00 27.90 ? 103 EQ4 A C8    1 
HETATM 675 C  C9    . EQ4 E 2 .  ? 9.875   8.150   -15.746 1.00 28.03 ? 103 EQ4 A C9    1 
HETATM 676 O  O7    . EQ4 E 2 .  ? 10.411  7.046   -15.906 1.00 31.92 ? 103 EQ4 A O7    1 
HETATM 677 N  N4    . EQ4 E 2 .  ? 8.049   7.977   -17.246 1.00 30.98 ? 103 EQ4 A N4    1 
HETATM 678 C  C10   . EQ4 E 2 .  ? 7.099   8.838   -17.480 1.00 26.56 ? 103 EQ4 A C10   1 
HETATM 679 N  N5    . EQ4 E 2 .  ? 7.271   10.016  -16.855 1.00 29.71 ? 103 EQ4 A N5    1 
HETATM 680 N  N6    . EQ4 E 2 .  ? 7.872   11.493  -21.987 1.00 82.37 ? 103 EQ4 A N6    1 
HETATM 681 C  C11   . EQ4 E 2 .  ? 8.743   12.238  -21.215 1.00 87.21 ? 103 EQ4 A C11   1 
HETATM 682 C  C12   . EQ4 E 2 .  ? 9.596   12.964  -22.042 1.00 95.10 ? 103 EQ4 A C12   1 
HETATM 683 N  N7    . EQ4 E 2 .  ? 9.290   12.712  -23.238 1.00 94.09 ? 103 EQ4 A N7    1 
HETATM 684 C  C13   . EQ4 E 2 .  ? 8.257   11.835  -23.265 1.00 88.16 ? 103 EQ4 A C13   1 
HETATM 685 N  N8    . EQ4 E 2 .  ? 7.718   11.404  -24.311 1.00 89.62 ? 103 EQ4 A N8    1 
HETATM 686 MG MG    . MG  F 3 .  ? 0.270   -0.337  0.009   1.00 22.16 ? 104 MG  A MG    1 
HETATM 687 MG MG    . MG  G 3 .  ? -1.972  -6.319  5.570   1.00 29.90 ? 105 MG  A MG    1 
HETATM 688 MG MG    . MG  H 3 .  ? -10.237 3.997   -6.000  1.00 23.46 ? 106 MG  A MG    1 
HETATM 689 MG MG    . MG  I 3 .  ? -17.303 7.560   -12.252 1.00 29.87 ? 107 MG  A MG    1 
HETATM 690 MG MG    . MG  J 3 .  ? -6.482  8.735   0.295   0.33 48.10 ? 108 MG  A MG    1 
HETATM 691 P  P1    . EQ4 K 2 .  ? -11.001 -4.221  21.970  1.00 75.15 ? 101 EQ4 B P1    1 
HETATM 692 O  O1    . EQ4 K 2 .  ? -11.123 -2.958  22.990  1.00 65.37 ? 101 EQ4 B O1    1 
HETATM 693 O  O2    . EQ4 K 2 .  ? -9.623  -4.705  21.702  1.00 55.74 ? 101 EQ4 B O2    1 
HETATM 694 C  C1    . EQ4 K 2 .  ? -12.040 -2.249  20.408  1.00 51.54 ? 101 EQ4 B C1    1 
HETATM 695 O  O3    . EQ4 K 2 .  ? -11.241 -3.417  20.583  1.00 60.12 ? 101 EQ4 B O3    1 
HETATM 696 C  C2    . EQ4 K 2 .  ? -12.678 -2.432  19.045  1.00 45.05 ? 101 EQ4 B C2    1 
HETATM 697 O  O4    . EQ4 K 2 .  ? -11.613 -2.560  17.954  1.00 38.67 ? 101 EQ4 B O4    1 
HETATM 698 C  C3    . EQ4 K 2 .  ? -13.375 -3.758  19.063  1.00 45.87 ? 101 EQ4 B C3    1 
HETATM 699 O  O5    . EQ4 K 2 .  ? -14.643 -3.683  19.811  1.00 56.47 ? 101 EQ4 B O5    1 
HETATM 700 C  C4    . EQ4 K 2 .  ? -13.551 -3.970  17.657  1.00 33.62 ? 101 EQ4 B C4    1 
HETATM 701 O  O6    . EQ4 K 2 .  ? -14.572 -3.049  17.097  1.00 44.10 ? 101 EQ4 B O6    1 
HETATM 702 C  C5    . EQ4 K 2 .  ? -12.111 -3.638  17.062  1.00 26.95 ? 101 EQ4 B C5    1 
HETATM 703 N  N1    . EQ4 K 2 .  ? -11.246 -7.963  14.944  1.00 27.55 ? 101 EQ4 B N1    1 
HETATM 704 C  C6    . EQ4 K 2 .  ? -12.319 -7.089  14.736  1.00 25.99 ? 101 EQ4 B C6    1 
HETATM 705 N  N2    . EQ4 K 2 .  ? -13.309 -7.491  13.963  1.00 24.78 ? 101 EQ4 B N2    1 
HETATM 706 N  N3    . EQ4 K 2 .  ? -12.409 -5.941  15.399  1.00 28.37 ? 101 EQ4 B N3    1 
HETATM 707 C  C7    . EQ4 K 2 .  ? -11.318 -5.786  16.260  1.00 27.81 ? 101 EQ4 B C7    1 
HETATM 708 C  C8    . EQ4 K 2 .  ? -10.258 -6.602  16.450  1.00 27.21 ? 101 EQ4 B C8    1 
HETATM 709 C  C9    . EQ4 K 2 .  ? -10.143 -7.733  15.811  1.00 27.64 ? 101 EQ4 B C9    1 
HETATM 710 O  O7    . EQ4 K 2 .  ? -9.218  -8.554  15.916  1.00 31.05 ? 101 EQ4 B O7    1 
HETATM 711 N  N4    . EQ4 K 2 .  ? -9.405  -6.088  17.340  1.00 30.96 ? 101 EQ4 B N4    1 
HETATM 712 C  C10   . EQ4 K 2 .  ? -9.961  -4.944  17.632  1.00 26.12 ? 101 EQ4 B C10   1 
HETATM 713 N  N5    . EQ4 K 2 .  ? -11.145 -4.746  17.052  1.00 29.61 ? 101 EQ4 B N5    1 
HETATM 714 N  N6    . EQ4 K 2 .  ? -12.197 -5.363  22.575  1.00 80.79 ? 101 EQ4 B N6    1 
HETATM 715 C  C11   . EQ4 K 2 .  ? -12.039 -6.692  22.491  1.00 84.03 ? 101 EQ4 B C11   1 
HETATM 716 C  C12   . EQ4 K 2 .  ? -13.096 -7.303  23.057  1.00 84.79 ? 101 EQ4 B C12   1 
HETATM 717 N  N7    . EQ4 K 2 .  ? -13.946 -6.357  23.545  1.00 88.73 ? 101 EQ4 B N7    1 
HETATM 718 C  C13   . EQ4 K 2 .  ? -13.382 -5.179  23.258  1.00 85.95 ? 101 EQ4 B C13   1 
HETATM 719 N  N8    . EQ4 K 2 .  ? -13.921 -4.053  23.584  1.00 86.92 ? 101 EQ4 B N8    1 
HETATM 720 MG MG    . MG  L 3 .  ? -7.923  0.161   0.635   1.00 23.56 ? 102 MG  B MG    1 
HETATM 721 O  O     . HOH M 4 .  ? -2.113  4.770   21.866  1.00 33.34 ? 201 HOH A O     1 
HETATM 722 O  O     . HOH M 4 .  ? -1.572  -4.376  6.072   1.00 28.11 ? 202 HOH A O     1 
HETATM 723 O  O     . HOH M 4 .  ? 2.065   6.800   -2.149  1.00 28.97 ? 203 HOH A O     1 
HETATM 724 O  O     . HOH M 4 .  ? -8.886  -4.721  -1.152  1.00 35.43 ? 204 HOH A O     1 
HETATM 725 O  O     . HOH M 4 .  ? -4.764  -4.618  14.363  1.00 39.13 ? 205 HOH A O     1 
HETATM 726 O  O     . HOH M 4 .  ? -8.747  2.897   -2.306  1.00 21.31 ? 206 HOH A O     1 
HETATM 727 O  O     . HOH M 4 .  ? 1.382   12.151  -10.127 1.00 31.03 ? 207 HOH A O     1 
HETATM 728 O  O     . HOH M 4 .  ? 3.458   2.671   10.896  1.00 35.32 ? 208 HOH A O     1 
HETATM 729 O  O     . HOH M 4 .  ? -0.059  -2.342  -0.308  1.00 25.56 ? 209 HOH A O     1 
HETATM 730 O  O     . HOH M 4 .  ? -5.198  -3.640  -9.051  1.00 41.27 ? 210 HOH A O     1 
HETATM 731 O  O     . HOH M 4 .  ? 3.845   6.278   -4.183  1.00 34.80 ? 211 HOH A O     1 
HETATM 732 O  O     . HOH M 4 .  ? 3.423   -11.008 13.458  1.00 44.76 ? 212 HOH A O     1 
HETATM 733 O  O     . HOH M 4 .  ? -3.265  -7.809  0.427   1.00 31.53 ? 213 HOH A O     1 
HETATM 734 O  O     . HOH M 4 .  ? -0.515  -6.360  4.065   1.00 30.08 ? 214 HOH A O     1 
HETATM 735 O  O     . HOH M 4 .  ? -3.984  -4.315  -1.390  1.00 31.02 ? 215 HOH A O     1 
HETATM 736 O  O     . HOH M 4 .  ? 5.001   3.090   -9.529  1.00 33.90 ? 216 HOH A O     1 
HETATM 737 O  O     . HOH M 4 .  ? 4.479   2.632   13.467  1.00 36.02 ? 217 HOH A O     1 
HETATM 738 O  O     . HOH M 4 .  ? 10.731  7.041   -7.440  1.00 37.56 ? 218 HOH A O     1 
HETATM 739 O  O     . HOH M 4 .  ? -10.018 -1.379  -2.723  1.00 23.96 ? 219 HOH A O     1 
HETATM 740 O  O     . HOH M 4 .  ? 0.504   -0.138  -1.948  1.00 26.89 ? 220 HOH A O     1 
HETATM 741 O  O     . HOH M 4 .  ? -1.685  -5.292  9.389   1.00 35.09 ? 221 HOH A O     1 
HETATM 742 O  O     . HOH M 4 .  ? -3.049  -2.865  15.947  1.00 34.79 ? 222 HOH A O     1 
HETATM 743 O  O     . HOH M 4 .  ? 4.465   13.183  -2.760  1.00 27.09 ? 223 HOH A O     1 
HETATM 744 O  O     . HOH M 4 .  ? -1.098  -9.545  3.157   1.00 34.56 ? 224 HOH A O     1 
HETATM 745 O  O     . HOH M 4 .  ? 4.804   5.008   -7.549  1.00 30.40 ? 225 HOH A O     1 
HETATM 746 O  O     . HOH M 4 .  ? 13.636  12.942  -12.144 1.00 38.93 ? 226 HOH A O     1 
HETATM 747 O  O     . HOH M 4 .  ? 0.723   -0.204  21.335  1.00 43.48 ? 227 HOH A O     1 
HETATM 748 O  O     . HOH M 4 .  ? 2.664   4.512   14.732  1.00 34.48 ? 228 HOH A O     1 
HETATM 749 O  O     . HOH M 4 .  ? 3.440   9.111   -0.957  1.00 27.51 ? 229 HOH A O     1 
HETATM 750 O  O     . HOH M 4 .  ? -7.179  -1.675  0.000   1.00 27.42 ? 230 HOH A O     1 
HETATM 751 O  O     . HOH M 4 .  ? 0.528   8.921   -0.893  1.00 21.18 ? 231 HOH A O     1 
HETATM 752 O  O     . HOH M 4 .  ? 1.778   5.066   -5.385  1.00 26.24 ? 232 HOH A O     1 
HETATM 753 O  O     . HOH M 4 .  ? -3.183  7.471   -10.373 1.00 31.33 ? 233 HOH A O     1 
HETATM 754 O  O     . HOH M 4 .  ? 1.118   -4.824  15.044  1.00 34.96 ? 234 HOH A O     1 
HETATM 755 O  O     . HOH M 4 .  ? -0.990  3.887   -3.127  1.00 33.47 ? 235 HOH A O     1 
HETATM 756 O  O     . HOH M 4 .  ? -1.254  -6.318  1.401   1.00 28.23 ? 236 HOH A O     1 
HETATM 757 O  O     . HOH M 4 .  ? 6.754   8.909   -2.918  1.00 35.13 ? 237 HOH A O     1 
HETATM 758 O  O     . HOH M 4 .  ? 1.371   2.225   -3.410  1.00 30.71 ? 238 HOH A O     1 
HETATM 759 O  O     . HOH M 4 .  ? -0.417  -6.899  6.865   1.00 32.22 ? 239 HOH A O     1 
HETATM 760 O  O     . HOH M 4 .  ? 6.455   7.558   -6.055  1.00 36.49 ? 240 HOH A O     1 
HETATM 761 O  O     . HOH M 4 .  ? -9.111  -1.986  -6.939  1.00 33.75 ? 241 HOH A O     1 
HETATM 762 O  O     . HOH M 4 .  ? -6.112  1.217   0.002   1.00 26.45 ? 242 HOH A O     1 
HETATM 763 O  O     . HOH M 4 .  ? -3.457  -0.262  -2.370  1.00 27.12 ? 243 HOH A O     1 
HETATM 764 O  O     . HOH M 4 .  ? 3.308   2.865   -6.504  1.00 28.46 ? 244 HOH A O     1 
HETATM 765 O  O     . HOH M 4 .  ? 6.480   -0.069  10.155  1.00 37.58 ? 245 HOH A O     1 
HETATM 766 O  O     . HOH M 4 .  ? -10.029 -4.062  -5.023  1.00 35.88 ? 246 HOH A O     1 
HETATM 767 O  O     . HOH M 4 .  ? 7.213   3.946   -10.794 1.00 34.28 ? 247 HOH A O     1 
HETATM 768 O  O     . HOH M 4 .  ? -1.518  -5.026  13.955  1.00 34.81 ? 248 HOH A O     1 
HETATM 769 O  O     . HOH M 4 .  ? -5.069  -4.504  17.036  1.00 38.05 ? 249 HOH A O     1 
HETATM 770 O  O     . HOH M 4 .  ? 5.298   4.188   -16.985 1.00 37.30 ? 250 HOH A O     1 
HETATM 771 O  O     . HOH M 4 .  ? -2.144  -3.906  0.577   1.00 29.40 ? 251 HOH A O     1 
HETATM 772 O  O     . HOH M 4 .  ? -8.702  0.432   -1.178  1.00 22.20 ? 252 HOH A O     1 
HETATM 773 O  O     . HOH M 4 .  ? -2.495  -8.275  5.086   1.00 31.89 ? 253 HOH A O     1 
HETATM 774 O  O     . HOH M 4 .  ? -5.013  6.748   0.205   1.00 37.58 ? 254 HOH A O     1 
HETATM 775 O  O     . HOH M 4 .  ? -5.040  -7.065  2.661   1.00 34.97 ? 255 HOH A O     1 
HETATM 776 O  O     . HOH M 4 .  ? -6.126  -3.573  1.722   1.00 39.16 ? 256 HOH A O     1 
HETATM 777 O  O     . HOH M 4 .  ? -1.781  -0.092  -0.163  1.00 26.84 ? 257 HOH A O     1 
HETATM 778 O  O     . HOH M 4 .  ? -3.333  -6.506  7.077   1.00 32.74 ? 258 HOH A O     1 
HETATM 779 O  O     . HOH M 4 .  ? -3.417  -5.524  4.391   1.00 30.84 ? 259 HOH A O     1 
HETATM 780 O  O     . HOH N 4 .  ? -4.540  4.318   -21.573 1.00 33.42 ? 201 HOH B O     1 
HETATM 781 O  O     . HOH N 4 .  ? 4.511   0.502   -6.153  1.00 27.94 ? 202 HOH B O     1 
HETATM 782 O  O     . HOH N 4 .  ? -6.981  -0.102  2.384   1.00 28.89 ? 203 HOH B O     1 
HETATM 783 O  O     . HOH N 4 .  ? 5.224   3.666   -14.361 1.00 37.97 ? 204 HOH B O     1 
HETATM 784 O  O     . HOH N 4 .  ? -11.737 1.768   10.570  1.00 31.61 ? 205 HOH B O     1 
HETATM 785 O  O     . HOH N 4 .  ? 6.141   -1.191  -4.299  1.00 29.15 ? 206 HOH B O     1 
HETATM 786 O  O     . HOH N 4 .  ? -6.981  -2.080  4.340   1.00 34.57 ? 207 HOH B O     1 
HETATM 787 O  O     . HOH N 4 .  ? 2.278   -0.624  0.245   1.00 25.43 ? 208 HOH B O     1 
HETATM 788 O  O     . HOH N 4 .  ? 0.094   -0.574  2.014   1.00 27.45 ? 209 HOH B O     1 
HETATM 789 O  O     . HOH N 4 .  ? 8.441   0.931   -0.597  1.00 31.45 ? 210 HOH B O     1 
HETATM 790 O  O     . HOH N 4 .  ? 5.247   0.473   -9.502  1.00 35.94 ? 211 HOH B O     1 
HETATM 791 O  O     . HOH N 4 .  ? 5.339   3.698   9.095   1.00 40.12 ? 212 HOH B O     1 
HETATM 792 O  O     . HOH N 4 .  ? 4.343   9.106   2.998   1.00 23.94 ? 213 HOH B O     1 
HETATM 793 O  O     . HOH N 4 .  ? -4.149  -3.002  -13.409 1.00 36.15 ? 214 HOH B O     1 
HETATM 794 O  O     . HOH N 4 .  ? 3.152   2.744   -15.926 1.00 34.78 ? 215 HOH B O     1 
HETATM 795 O  O     . HOH N 4 .  ? -5.915  -3.383  7.605   1.00 30.43 ? 216 HOH B O     1 
HETATM 796 O  O     . HOH N 4 .  ? 5.346   2.510   1.347   1.00 32.71 ? 217 HOH B O     1 
HETATM 797 O  O     . HOH N 4 .  ? -0.570  0.113   -21.277 1.00 44.84 ? 218 HOH B O     1 
HETATM 798 O  O     . HOH N 4 .  ? -9.621  -8.537  7.397   1.00 37.44 ? 219 HOH B O     1 
HETATM 799 O  O     . HOH N 4 .  ? 9.418   -1.562  -3.417  1.00 33.59 ? 220 HOH B O     1 
HETATM 800 O  O     . HOH N 4 .  ? -13.819 -0.604  3.178   1.00 27.55 ? 221 HOH B O     1 
HETATM 801 O  O     . HOH N 4 .  ? -16.056 -9.818  12.844  0.50 32.25 ? 222 HOH B O     1 
HETATM 802 O  O     . HOH N 4 .  ? -5.491  -0.668  -14.528 1.00 35.16 ? 223 HOH B O     1 
HETATM 803 O  O     . HOH N 4 .  ? -3.302  2.002   3.362   1.00 32.18 ? 224 HOH B O     1 
HETATM 804 O  O     . HOH N 4 .  ? -5.182  -0.411  5.545   1.00 26.22 ? 225 HOH B O     1 
HETATM 805 O  O     . HOH N 4 .  ? -9.611  -0.695  1.256   1.00 26.96 ? 226 HOH B O     1 
HETATM 806 O  O     . HOH N 4 .  ? 3.693   6.398   0.178   1.00 27.28 ? 227 HOH B O     1 
HETATM 807 O  O     . HOH N 4 .  ? 6.406   -0.542  -1.515  1.00 27.30 ? 228 HOH B O     1 
HETATM 808 O  O     . HOH N 4 .  ? -2.061  9.300   5.835   1.00 21.11 ? 229 HOH B O     1 
HETATM 809 O  O     . HOH N 4 .  ? -2.398  -0.807  3.505   1.00 30.87 ? 230 HOH B O     1 
HETATM 810 O  O     . HOH N 4 .  ? 6.577   -1.323  -7.077  1.00 31.54 ? 231 HOH B O     1 
HETATM 811 O  O     . HOH N 4 .  ? -10.420 -4.003  3.084   1.00 34.66 ? 232 HOH B O     1 
HETATM 812 O  O     . HOH N 4 .  ? 3.908   -1.851  -15.212 1.00 35.34 ? 233 HOH B O     1 
HETATM 813 O  O     . HOH N 4 .  ? 4.743   7.926   7.210   1.00 32.76 ? 234 HOH B O     1 
HETATM 814 O  O     . HOH N 4 .  ? -8.864  -4.212  6.234   1.00 34.89 ? 235 HOH B O     1 
HETATM 815 O  O     . HOH N 4 .  ? 0.645   6.203   0.268   1.00 27.35 ? 236 HOH B O     1 
HETATM 816 O  O     . HOH N 4 .  ? -3.441  -2.559  6.540   1.00 27.07 ? 237 HOH B O     1 
HETATM 817 O  O     . HOH N 4 .  ? -2.000  -5.821  -10.327 1.00 37.87 ? 238 HOH B O     1 
HETATM 818 O  O     . HOH N 4 .  ? 1.324   3.173   2.473   1.00 27.44 ? 239 HOH B O     1 
HETATM 819 O  O     . HOH N 4 .  ? -5.555  -6.149  10.831  1.00 33.78 ? 240 HOH B O     1 
HETATM 820 O  O     . HOH N 4 .  ? 6.930   8.257   5.167   1.00 36.69 ? 241 HOH B O     1 
HETATM 821 O  O     . HOH N 4 .  ? 4.901   0.533   -13.999 1.00 34.77 ? 242 HOH B O     1 
HETATM 822 O  O     . HOH N 4 .  ? 4.376   0.974   -0.625  1.00 29.73 ? 243 HOH B O     1 
HETATM 823 O  O     . HOH N 4 .  ? 2.142   8.432   1.479   1.00 22.36 ? 244 HOH B O     1 
HETATM 824 O  O     . HOH N 4 .  ? 8.508   0.200   -5.311  1.00 31.46 ? 245 HOH B O     1 
HETATM 825 O  O     . HOH N 4 .  ? 8.185   2.919   -2.772  1.00 34.30 ? 246 HOH B O     1 
HETATM 826 O  O     . HOH N 4 .  ? 0.593   1.690   0.256   1.00 27.38 ? 247 HOH B O     1 
HETATM 827 O  O     . HOH N 4 .  ? 5.164   5.045   -1.657  1.00 40.33 ? 248 HOH B O     1 
HETATM 828 O  O     . HOH N 4 .  ? 12.354  -0.386  -9.464  1.00 55.69 ? 249 HOH B O     1 
HETATM 829 O  O     . HOH N 4 .  ? 6.999   1.669   -7.154  1.00 32.09 ? 250 HOH B O     1 
HETATM 830 O  O     . HOH N 4 .  ? 6.151   1.866   -4.379  1.00 30.23 ? 251 HOH B O     1 
# 
loop_
_pdbx_poly_seq_scheme.asym_id 
_pdbx_poly_seq_scheme.entity_id 
_pdbx_poly_seq_scheme.seq_id 
_pdbx_poly_seq_scheme.mon_id 
_pdbx_poly_seq_scheme.ndb_seq_num 
_pdbx_poly_seq_scheme.pdb_seq_num 
_pdbx_poly_seq_scheme.auth_seq_num 
_pdbx_poly_seq_scheme.pdb_mon_id 
_pdbx_poly_seq_scheme.auth_mon_id 
_pdbx_poly_seq_scheme.pdb_strand_id 
_pdbx_poly_seq_scheme.pdb_ins_code 
_pdbx_poly_seq_scheme.hetero 
A 1 1  LCC 1  1  1  LCC LCC A . n 
A 1 2  LCC 2  2  2  LCC LCC A . n 
A 1 3  LCC 3  3  3  LCC LCC A . n 
A 1 4  LCG 4  4  4  LCG LCG A . n 
A 1 5  A   5  5  5  A   A   A . n 
A 1 6  C   6  6  6  C   C   A . n 
A 1 7  U   7  7  7  U   U   A . n 
A 1 8  U   8  8  8  U   U   A . n 
A 1 9  A   9  9  9  A   A   A . n 
A 1 10 A   10 10 10 A   A   A . n 
A 1 11 G   11 11 11 G   G   A . n 
A 1 12 U   12 12 12 U   U   A . n 
A 1 13 C   13 13 13 C   C   A . n 
A 1 14 G   14 14 14 G   G   A . n 
B 1 1  LCC 1  1  1  LCC LCC B . n 
B 1 2  LCC 2  2  2  LCC LCC B . n 
B 1 3  LCC 3  3  3  LCC LCC B . n 
B 1 4  LCG 4  4  4  LCG LCG B . n 
B 1 5  A   5  5  5  A   A   B . n 
B 1 6  C   6  6  6  C   C   B . n 
B 1 7  U   7  7  7  U   U   B . n 
B 1 8  U   8  8  8  U   U   B . n 
B 1 9  A   9  9  9  A   A   B . n 
B 1 10 A   10 10 10 A   A   B . n 
B 1 11 G   11 11 11 G   G   B . n 
B 1 12 U   12 12 12 U   U   B . n 
B 1 13 C   13 13 13 C   C   B . n 
B 1 14 G   14 14 14 G   G   B . n 
# 
loop_
_pdbx_nonpoly_scheme.asym_id 
_pdbx_nonpoly_scheme.entity_id 
_pdbx_nonpoly_scheme.mon_id 
_pdbx_nonpoly_scheme.ndb_seq_num 
_pdbx_nonpoly_scheme.pdb_seq_num 
_pdbx_nonpoly_scheme.auth_seq_num 
_pdbx_nonpoly_scheme.pdb_mon_id 
_pdbx_nonpoly_scheme.auth_mon_id 
_pdbx_nonpoly_scheme.pdb_strand_id 
_pdbx_nonpoly_scheme.pdb_ins_code 
C 2 EQ4 1  101 1   EQ4 NG  A . 
D 2 EQ4 1  102 3   EQ4 NG  A . 
E 2 EQ4 1  103 4   EQ4 NG  A . 
F 3 MG  1  104 1   MG  MG  A . 
G 3 MG  1  105 2   MG  MG  A . 
H 3 MG  1  106 3   MG  MG  A . 
I 3 MG  1  107 4   MG  MG  A . 
J 3 MG  1  108 6   MG  MG  A . 
K 2 EQ4 1  101 2   EQ4 NG  B . 
L 3 MG  1  102 5   MG  MG  B . 
M 4 HOH 1  201 96  HOH HOH A . 
M 4 HOH 2  202 20  HOH HOH A . 
M 4 HOH 3  203 28  HOH HOH A . 
M 4 HOH 4  204 91  HOH HOH A . 
M 4 HOH 5  205 76  HOH HOH A . 
M 4 HOH 6  206 32  HOH HOH A . 
M 4 HOH 7  207 47  HOH HOH A . 
M 4 HOH 8  208 83  HOH HOH A . 
M 4 HOH 9  209 3   HOH HOH A . 
M 4 HOH 10 210 93  HOH HOH A . 
M 4 HOH 11 211 52  HOH HOH A . 
M 4 HOH 12 212 70  HOH HOH A . 
M 4 HOH 13 213 24  HOH HOH A . 
M 4 HOH 14 214 16  HOH HOH A . 
M 4 HOH 15 215 62  HOH HOH A . 
M 4 HOH 16 216 48  HOH HOH A . 
M 4 HOH 17 217 112 HOH HOH A . 
M 4 HOH 18 218 102 HOH HOH A . 
M 4 HOH 19 219 15  HOH HOH A . 
M 4 HOH 20 220 1   HOH HOH A . 
M 4 HOH 21 221 77  HOH HOH A . 
M 4 HOH 22 222 45  HOH HOH A . 
M 4 HOH 23 223 60  HOH HOH A . 
M 4 HOH 24 224 22  HOH HOH A . 
M 4 HOH 25 225 56  HOH HOH A . 
M 4 HOH 26 226 103 HOH HOH A . 
M 4 HOH 27 227 105 HOH HOH A . 
M 4 HOH 28 228 113 HOH HOH A . 
M 4 HOH 29 229 31  HOH HOH A . 
M 4 HOH 30 230 11  HOH HOH A . 
M 4 HOH 31 231 30  HOH HOH A . 
M 4 HOH 32 232 53  HOH HOH A . 
M 4 HOH 33 233 109 HOH HOH A . 
M 4 HOH 34 234 82  HOH HOH A . 
M 4 HOH 35 235 97  HOH HOH A . 
M 4 HOH 36 236 25  HOH HOH A . 
M 4 HOH 37 237 111 HOH HOH A . 
M 4 HOH 38 238 54  HOH HOH A . 
M 4 HOH 39 239 17  HOH HOH A . 
M 4 HOH 40 240 100 HOH HOH A . 
M 4 HOH 41 241 92  HOH HOH A . 
M 4 HOH 42 242 10  HOH HOH A . 
M 4 HOH 43 243 61  HOH HOH A . 
M 4 HOH 44 244 55  HOH HOH A . 
M 4 HOH 45 245 71  HOH HOH A . 
M 4 HOH 46 246 58  HOH HOH A . 
M 4 HOH 47 247 49  HOH HOH A . 
M 4 HOH 48 248 81  HOH HOH A . 
M 4 HOH 49 249 44  HOH HOH A . 
M 4 HOH 50 250 57  HOH HOH A . 
M 4 HOH 51 251 69  HOH HOH A . 
M 4 HOH 52 252 12  HOH HOH A . 
M 4 HOH 53 253 21  HOH HOH A . 
M 4 HOH 54 254 98  HOH HOH A . 
M 4 HOH 55 255 23  HOH HOH A . 
M 4 HOH 56 256 63  HOH HOH A . 
M 4 HOH 57 257 6   HOH HOH A . 
M 4 HOH 58 258 18  HOH HOH A . 
M 4 HOH 59 259 19  HOH HOH A . 
N 4 HOH 1  201 95  HOH HOH B . 
N 4 HOH 2  202 35  HOH HOH B . 
N 4 HOH 3  203 14  HOH HOH B . 
N 4 HOH 4  204 51  HOH HOH B . 
N 4 HOH 5  205 106 HOH HOH B . 
N 4 HOH 6  206 33  HOH HOH B . 
N 4 HOH 7  207 80  HOH HOH B . 
N 4 HOH 8  208 4   HOH HOH B . 
N 4 HOH 9  209 2   HOH HOH B . 
N 4 HOH 10 210 40  HOH HOH B . 
N 4 HOH 11 211 50  HOH HOH B . 
N 4 HOH 12 212 72  HOH HOH B . 
N 4 HOH 13 213 41  HOH HOH B . 
N 4 HOH 14 214 110 HOH HOH B . 
N 4 HOH 15 215 46  HOH HOH B . 
N 4 HOH 16 216 79  HOH HOH B . 
N 4 HOH 17 217 65  HOH HOH B . 
N 4 HOH 18 218 75  HOH HOH B . 
N 4 HOH 19 219 86  HOH HOH B . 
N 4 HOH 20 220 107 HOH HOH B . 
N 4 HOH 21 221 43  HOH HOH B . 
N 4 HOH 22 222 85  HOH HOH B . 
N 4 HOH 23 223 101 HOH HOH B . 
N 4 HOH 24 224 99  HOH HOH B . 
N 4 HOH 25 225 89  HOH HOH B . 
N 4 HOH 26 226 13  HOH HOH B . 
N 4 HOH 27 227 29  HOH HOH B . 
N 4 HOH 28 228 66  HOH HOH B . 
N 4 HOH 29 229 9   HOH HOH B . 
N 4 HOH 30 230 7   HOH HOH B . 
N 4 HOH 31 231 34  HOH HOH B . 
N 4 HOH 32 232 88  HOH HOH B . 
N 4 HOH 33 233 74  HOH HOH B . 
N 4 HOH 34 234 90  HOH HOH B . 
N 4 HOH 35 235 87  HOH HOH B . 
N 4 HOH 36 236 27  HOH HOH B . 
N 4 HOH 37 237 42  HOH HOH B . 
N 4 HOH 38 238 94  HOH HOH B . 
N 4 HOH 39 239 64  HOH HOH B . 
N 4 HOH 40 240 78  HOH HOH B . 
N 4 HOH 41 241 59  HOH HOH B . 
N 4 HOH 42 242 73  HOH HOH B . 
N 4 HOH 43 243 67  HOH HOH B . 
N 4 HOH 44 244 26  HOH HOH B . 
N 4 HOH 45 245 37  HOH HOH B . 
N 4 HOH 46 246 39  HOH HOH B . 
N 4 HOH 47 247 5   HOH HOH B . 
N 4 HOH 48 248 68  HOH HOH B . 
N 4 HOH 49 249 104 HOH HOH B . 
N 4 HOH 50 250 36  HOH HOH B . 
N 4 HOH 51 251 38  HOH HOH B . 
# 
_pdbx_struct_assembly.id                   1 
_pdbx_struct_assembly.details              author_and_software_defined_assembly 
_pdbx_struct_assembly.method_details       PISA 
_pdbx_struct_assembly.oligomeric_details   dimeric 
_pdbx_struct_assembly.oligomeric_count     2 
# 
_pdbx_struct_assembly_gen.assembly_id       1 
_pdbx_struct_assembly_gen.oper_expression   1 
_pdbx_struct_assembly_gen.asym_id_list      A,B,C,D,E,F,G,H,I,J,K,L,M,N 
# 
loop_
_pdbx_struct_assembly_prop.biol_id 
_pdbx_struct_assembly_prop.type 
_pdbx_struct_assembly_prop.value 
_pdbx_struct_assembly_prop.details 
1 'ABSA (A^2)' 3150 ? 
1 MORE         -14  ? 
1 'SSA (A^2)'  6040 ? 
# 
_pdbx_struct_oper_list.id                   1 
_pdbx_struct_oper_list.type                 'identity operation' 
_pdbx_struct_oper_list.name                 1_555 
_pdbx_struct_oper_list.symmetry_operation   x,y,z 
_pdbx_struct_oper_list.matrix[1][1]         1.0000000000 
_pdbx_struct_oper_list.matrix[1][2]         0.0000000000 
_pdbx_struct_oper_list.matrix[1][3]         0.0000000000 
_pdbx_struct_oper_list.vector[1]            0.0000000000 
_pdbx_struct_oper_list.matrix[2][1]         0.0000000000 
_pdbx_struct_oper_list.matrix[2][2]         1.0000000000 
_pdbx_struct_oper_list.matrix[2][3]         0.0000000000 
_pdbx_struct_oper_list.vector[2]            0.0000000000 
_pdbx_struct_oper_list.matrix[3][1]         0.0000000000 
_pdbx_struct_oper_list.matrix[3][2]         0.0000000000 
_pdbx_struct_oper_list.matrix[3][3]         1.0000000000 
_pdbx_struct_oper_list.vector[3]            0.0000000000 
# 
_pdbx_struct_special_symmetry.id              1 
_pdbx_struct_special_symmetry.PDB_model_num   1 
_pdbx_struct_special_symmetry.auth_asym_id    A 
_pdbx_struct_special_symmetry.auth_comp_id    MG 
_pdbx_struct_special_symmetry.auth_seq_id     108 
_pdbx_struct_special_symmetry.PDB_ins_code    ? 
_pdbx_struct_special_symmetry.label_asym_id   J 
_pdbx_struct_special_symmetry.label_comp_id   MG 
_pdbx_struct_special_symmetry.label_seq_id    . 
# 
loop_
_pdbx_struct_conn_angle.id 
_pdbx_struct_conn_angle.ptnr1_label_atom_id 
_pdbx_struct_conn_angle.ptnr1_label_alt_id 
_pdbx_struct_conn_angle.ptnr1_label_asym_id 
_pdbx_struct_conn_angle.ptnr1_label_comp_id 
_pdbx_struct_conn_angle.ptnr1_label_seq_id 
_pdbx_struct_conn_angle.ptnr1_auth_atom_id 
_pdbx_struct_conn_angle.ptnr1_auth_asym_id 
_pdbx_struct_conn_angle.ptnr1_auth_comp_id 
_pdbx_struct_conn_angle.ptnr1_auth_seq_id 
_pdbx_struct_conn_angle.ptnr1_PDB_ins_code 
_pdbx_struct_conn_angle.ptnr1_symmetry 
_pdbx_struct_conn_angle.ptnr2_label_atom_id 
_pdbx_struct_conn_angle.ptnr2_label_alt_id 
_pdbx_struct_conn_angle.ptnr2_label_asym_id 
_pdbx_struct_conn_angle.ptnr2_label_comp_id 
_pdbx_struct_conn_angle.ptnr2_label_seq_id 
_pdbx_struct_conn_angle.ptnr2_auth_atom_id 
_pdbx_struct_conn_angle.ptnr2_auth_asym_id 
_pdbx_struct_conn_angle.ptnr2_auth_comp_id 
_pdbx_struct_conn_angle.ptnr2_auth_seq_id 
_pdbx_struct_conn_angle.ptnr2_PDB_ins_code 
_pdbx_struct_conn_angle.ptnr2_symmetry 
_pdbx_struct_conn_angle.ptnr3_label_atom_id 
_pdbx_struct_conn_angle.ptnr3_label_alt_id 
_pdbx_struct_conn_angle.ptnr3_label_asym_id 
_pdbx_struct_conn_angle.ptnr3_label_comp_id 
_pdbx_struct_conn_angle.ptnr3_label_seq_id 
_pdbx_struct_conn_angle.ptnr3_auth_atom_id 
_pdbx_struct_conn_angle.ptnr3_auth_asym_id 
_pdbx_struct_conn_angle.ptnr3_auth_comp_id 
_pdbx_struct_conn_angle.ptnr3_auth_seq_id 
_pdbx_struct_conn_angle.ptnr3_PDB_ins_code 
_pdbx_struct_conn_angle.ptnr3_symmetry 
_pdbx_struct_conn_angle.value 
_pdbx_struct_conn_angle.value_esd 
1  O ? M HOH . ? A HOH 209 ? 1_555 MG ? F MG . ? A MG 104 ? 1_555 O ? M HOH . ? A HOH 220 ? 1_555 88.0  ? 
2  O ? M HOH . ? A HOH 209 ? 1_555 MG ? F MG . ? A MG 104 ? 1_555 O ? M HOH . ? A HOH 257 ? 1_555 86.8  ? 
3  O ? M HOH . ? A HOH 220 ? 1_555 MG ? F MG . ? A MG 104 ? 1_555 O ? M HOH . ? A HOH 257 ? 1_555 91.3  ? 
4  O ? M HOH . ? A HOH 209 ? 1_555 MG ? F MG . ? A MG 104 ? 1_555 O ? N HOH . ? B HOH 208 ? 1_555 92.2  ? 
5  O ? M HOH . ? A HOH 220 ? 1_555 MG ? F MG . ? A MG 104 ? 1_555 O ? N HOH . ? B HOH 208 ? 1_555 90.7  ? 
6  O ? M HOH . ? A HOH 257 ? 1_555 MG ? F MG . ? A MG 104 ? 1_555 O ? N HOH . ? B HOH 208 ? 1_555 177.7 ? 
7  O ? M HOH . ? A HOH 209 ? 1_555 MG ? F MG . ? A MG 104 ? 1_555 O ? N HOH . ? B HOH 209 ? 1_555 91.4  ? 
8  O ? M HOH . ? A HOH 220 ? 1_555 MG ? F MG . ? A MG 104 ? 1_555 O ? N HOH . ? B HOH 209 ? 1_555 178.0 ? 
9  O ? M HOH . ? A HOH 257 ? 1_555 MG ? F MG . ? A MG 104 ? 1_555 O ? N HOH . ? B HOH 209 ? 1_555 90.6  ? 
10 O ? N HOH . ? B HOH 208 ? 1_555 MG ? F MG . ? A MG 104 ? 1_555 O ? N HOH . ? B HOH 209 ? 1_555 87.4  ? 
11 O ? M HOH . ? A HOH 209 ? 1_555 MG ? F MG . ? A MG 104 ? 1_555 O ? N HOH . ? B HOH 247 ? 1_555 178.0 ? 
12 O ? M HOH . ? A HOH 220 ? 1_555 MG ? F MG . ? A MG 104 ? 1_555 O ? N HOH . ? B HOH 247 ? 1_555 90.1  ? 
13 O ? M HOH . ? A HOH 257 ? 1_555 MG ? F MG . ? A MG 104 ? 1_555 O ? N HOH . ? B HOH 247 ? 1_555 92.8  ? 
14 O ? N HOH . ? B HOH 208 ? 1_555 MG ? F MG . ? A MG 104 ? 1_555 O ? N HOH . ? B HOH 247 ? 1_555 88.3  ? 
15 O ? N HOH . ? B HOH 209 ? 1_555 MG ? F MG . ? A MG 104 ? 1_555 O ? N HOH . ? B HOH 247 ? 1_555 90.6  ? 
16 O ? M HOH . ? A HOH 202 ? 1_555 MG ? G MG . ? A MG 105 ? 1_555 O ? M HOH . ? A HOH 214 ? 1_555 93.4  ? 
17 O ? M HOH . ? A HOH 202 ? 1_555 MG ? G MG . ? A MG 105 ? 1_555 O ? M HOH . ? A HOH 239 ? 1_555 88.1  ? 
18 O ? M HOH . ? A HOH 214 ? 1_555 MG ? G MG . ? A MG 105 ? 1_555 O ? M HOH . ? A HOH 239 ? 1_555 85.6  ? 
19 O ? M HOH . ? A HOH 202 ? 1_555 MG ? G MG . ? A MG 105 ? 1_555 O ? M HOH . ? A HOH 253 ? 1_555 176.7 ? 
20 O ? M HOH . ? A HOH 214 ? 1_555 MG ? G MG . ? A MG 105 ? 1_555 O ? M HOH . ? A HOH 253 ? 1_555 89.4  ? 
21 O ? M HOH . ? A HOH 239 ? 1_555 MG ? G MG . ? A MG 105 ? 1_555 O ? M HOH . ? A HOH 253 ? 1_555 94.0  ? 
22 O ? M HOH . ? A HOH 202 ? 1_555 MG ? G MG . ? A MG 105 ? 1_555 O ? M HOH . ? A HOH 258 ? 1_555 92.1  ? 
23 O ? M HOH . ? A HOH 214 ? 1_555 MG ? G MG . ? A MG 105 ? 1_555 O ? M HOH . ? A HOH 258 ? 1_555 173.3 ? 
24 O ? M HOH . ? A HOH 239 ? 1_555 MG ? G MG . ? A MG 105 ? 1_555 O ? M HOH . ? A HOH 258 ? 1_555 90.7  ? 
25 O ? M HOH . ? A HOH 253 ? 1_555 MG ? G MG . ? A MG 105 ? 1_555 O ? M HOH . ? A HOH 258 ? 1_555 85.3  ? 
26 O ? M HOH . ? A HOH 202 ? 1_555 MG ? G MG . ? A MG 105 ? 1_555 O ? M HOH . ? A HOH 259 ? 1_555 84.8  ? 
27 O ? M HOH . ? A HOH 214 ? 1_555 MG ? G MG . ? A MG 105 ? 1_555 O ? M HOH . ? A HOH 259 ? 1_555 94.9  ? 
28 O ? M HOH . ? A HOH 239 ? 1_555 MG ? G MG . ? A MG 105 ? 1_555 O ? M HOH . ? A HOH 259 ? 1_555 172.9 ? 
29 O ? M HOH . ? A HOH 253 ? 1_555 MG ? G MG . ? A MG 105 ? 1_555 O ? M HOH . ? A HOH 259 ? 1_555 93.1  ? 
30 O ? M HOH . ? A HOH 258 ? 1_555 MG ? G MG . ? A MG 105 ? 1_555 O ? M HOH . ? A HOH 259 ? 1_555 89.4  ? 
31 O ? M HOH . ? A HOH 203 ? 3_665 MG ? H MG . ? A MG 106 ? 1_555 O ? M HOH . ? A HOH 229 ? 3_665 94.5  ? 
32 O ? M HOH . ? A HOH 203 ? 3_665 MG ? H MG . ? A MG 106 ? 1_555 O ? M HOH . ? A HOH 231 ? 3_665 90.1  ? 
33 O ? M HOH . ? A HOH 229 ? 3_665 MG ? H MG . ? A MG 106 ? 1_555 O ? M HOH . ? A HOH 231 ? 3_665 89.6  ? 
34 O ? M HOH . ? A HOH 203 ? 3_665 MG ? H MG . ? A MG 106 ? 1_555 O ? N HOH . ? B HOH 227 ? 3_665 90.1  ? 
35 O ? M HOH . ? A HOH 229 ? 3_665 MG ? H MG . ? A MG 106 ? 1_555 O ? N HOH . ? B HOH 227 ? 3_665 92.3  ? 
36 O ? M HOH . ? A HOH 231 ? 3_665 MG ? H MG . ? A MG 106 ? 1_555 O ? N HOH . ? B HOH 227 ? 3_665 178.1 ? 
37 O ? M HOH . ? A HOH 203 ? 3_665 MG ? H MG . ? A MG 106 ? 1_555 O ? N HOH . ? B HOH 236 ? 3_665 86.5  ? 
38 O ? M HOH . ? A HOH 229 ? 3_665 MG ? H MG . ? A MG 106 ? 1_555 O ? N HOH . ? B HOH 236 ? 3_665 176.1 ? 
39 O ? M HOH . ? A HOH 231 ? 3_665 MG ? H MG . ? A MG 106 ? 1_555 O ? N HOH . ? B HOH 236 ? 3_665 86.6  ? 
40 O ? N HOH . ? B HOH 227 ? 3_665 MG ? H MG . ? A MG 106 ? 1_555 O ? N HOH . ? B HOH 236 ? 3_665 91.5  ? 
41 O ? M HOH . ? A HOH 203 ? 3_665 MG ? H MG . ? A MG 106 ? 1_555 O ? N HOH . ? B HOH 244 ? 3_665 175.6 ? 
42 O ? M HOH . ? A HOH 229 ? 3_665 MG ? H MG . ? A MG 106 ? 1_555 O ? N HOH . ? B HOH 244 ? 3_665 90.0  ? 
43 O ? M HOH . ? A HOH 231 ? 3_665 MG ? H MG . ? A MG 106 ? 1_555 O ? N HOH . ? B HOH 244 ? 3_665 89.9  ? 
44 O ? N HOH . ? B HOH 227 ? 3_665 MG ? H MG . ? A MG 106 ? 1_555 O ? N HOH . ? B HOH 244 ? 3_665 89.7  ? 
45 O ? N HOH . ? B HOH 236 ? 3_665 MG ? H MG . ? A MG 106 ? 1_555 O ? N HOH . ? B HOH 244 ? 3_665 89.1  ? 
46 O ? N HOH . ? B HOH 202 ? 3_665 MG ? I MG . ? A MG 107 ? 1_555 O ? N HOH . ? B HOH 206 ? 3_665 92.2  ? 
47 O ? N HOH . ? B HOH 202 ? 3_665 MG ? I MG . ? A MG 107 ? 1_555 O ? N HOH . ? B HOH 231 ? 3_665 88.8  ? 
48 O ? N HOH . ? B HOH 206 ? 3_665 MG ? I MG . ? A MG 107 ? 1_555 O ? N HOH . ? B HOH 231 ? 3_665 83.2  ? 
49 O ? N HOH . ? B HOH 202 ? 3_665 MG ? I MG . ? A MG 107 ? 1_555 O ? N HOH . ? B HOH 245 ? 3_665 178.2 ? 
50 O ? N HOH . ? B HOH 206 ? 3_665 MG ? I MG . ? A MG 107 ? 1_555 O ? N HOH . ? B HOH 245 ? 3_665 88.8  ? 
51 O ? N HOH . ? B HOH 231 ? 3_665 MG ? I MG . ? A MG 107 ? 1_555 O ? N HOH . ? B HOH 245 ? 3_665 92.8  ? 
52 O ? N HOH . ? B HOH 202 ? 3_665 MG ? I MG . ? A MG 107 ? 1_555 O ? N HOH . ? B HOH 250 ? 3_665 92.4  ? 
53 O ? N HOH . ? B HOH 206 ? 3_665 MG ? I MG . ? A MG 107 ? 1_555 O ? N HOH . ? B HOH 250 ? 3_665 174.5 ? 
54 O ? N HOH . ? B HOH 231 ? 3_665 MG ? I MG . ? A MG 107 ? 1_555 O ? N HOH . ? B HOH 250 ? 3_665 93.9  ? 
55 O ? N HOH . ? B HOH 245 ? 3_665 MG ? I MG . ? A MG 107 ? 1_555 O ? N HOH . ? B HOH 250 ? 3_665 86.7  ? 
56 O ? N HOH . ? B HOH 202 ? 3_665 MG ? I MG . ? A MG 107 ? 1_555 O ? N HOH . ? B HOH 251 ? 3_665 84.6  ? 
57 O ? N HOH . ? B HOH 206 ? 3_665 MG ? I MG . ? A MG 107 ? 1_555 O ? N HOH . ? B HOH 251 ? 3_665 93.3  ? 
58 O ? N HOH . ? B HOH 231 ? 3_665 MG ? I MG . ? A MG 107 ? 1_555 O ? N HOH . ? B HOH 251 ? 3_665 172.3 ? 
59 O ? N HOH . ? B HOH 245 ? 3_665 MG ? I MG . ? A MG 107 ? 1_555 O ? N HOH . ? B HOH 251 ? 3_665 93.9  ? 
60 O ? N HOH . ? B HOH 250 ? 3_665 MG ? I MG . ? A MG 107 ? 1_555 O ? N HOH . ? B HOH 251 ? 3_665 90.2  ? 
61 O ? M HOH . ? A HOH 254 ? 1_555 MG ? J MG . ? A MG 108 ? 1_555 O ? M HOH . ? A HOH 254 ? 2_655 120.1 ? 
62 O ? M HOH . ? A HOH 230 ? 1_555 MG ? L MG . ? B MG 102 ? 1_555 O ? M HOH . ? A HOH 242 ? 1_555 92.4  ? 
63 O ? M HOH . ? A HOH 230 ? 1_555 MG ? L MG . ? B MG 102 ? 1_555 O ? M HOH . ? A HOH 252 ? 1_555 89.0  ? 
64 O ? M HOH . ? A HOH 242 ? 1_555 MG ? L MG . ? B MG 102 ? 1_555 O ? M HOH . ? A HOH 252 ? 1_555 89.7  ? 
65 O ? M HOH . ? A HOH 230 ? 1_555 MG ? L MG . ? B MG 102 ? 1_555 O ? N HOH . ? B HOH 203 ? 1_555 89.0  ? 
66 O ? M HOH . ? A HOH 242 ? 1_555 MG ? L MG . ? B MG 102 ? 1_555 O ? N HOH . ? B HOH 203 ? 1_555 85.8  ? 
67 O ? M HOH . ? A HOH 252 ? 1_555 MG ? L MG . ? B MG 102 ? 1_555 O ? N HOH . ? B HOH 203 ? 1_555 175.0 ? 
68 O ? M HOH . ? A HOH 230 ? 1_555 MG ? L MG . ? B MG 102 ? 1_555 O ? N HOH . ? B HOH 226 ? 1_555 91.1  ? 
69 O ? M HOH . ? A HOH 242 ? 1_555 MG ? L MG . ? B MG 102 ? 1_555 O ? N HOH . ? B HOH 226 ? 1_555 176.5 ? 
70 O ? M HOH . ? A HOH 252 ? 1_555 MG ? L MG . ? B MG 102 ? 1_555 O ? N HOH . ? B HOH 226 ? 1_555 90.6  ? 
71 O ? N HOH . ? B HOH 203 ? 1_555 MG ? L MG . ? B MG 102 ? 1_555 O ? N HOH . ? B HOH 226 ? 1_555 94.0  ? 
72 O ? M HOH . ? A HOH 230 ? 1_555 MG ? L MG . ? B MG 102 ? 1_555 O ? N HOH . ? B HOH 229 ? 3_665 178.5 ? 
73 O ? M HOH . ? A HOH 242 ? 1_555 MG ? L MG . ? B MG 102 ? 1_555 O ? N HOH . ? B HOH 229 ? 3_665 86.2  ? 
74 O ? M HOH . ? A HOH 252 ? 1_555 MG ? L MG . ? B MG 102 ? 1_555 O ? N HOH . ? B HOH 229 ? 3_665 90.5  ? 
75 O ? N HOH . ? B HOH 203 ? 1_555 MG ? L MG . ? B MG 102 ? 1_555 O ? N HOH . ? B HOH 229 ? 3_665 91.4  ? 
76 O ? N HOH . ? B HOH 226 ? 1_555 MG ? L MG . ? B MG 102 ? 1_555 O ? N HOH . ? B HOH 229 ? 3_665 90.3  ? 
# 
loop_
_pdbx_audit_revision_history.ordinal 
_pdbx_audit_revision_history.data_content_type 
_pdbx_audit_revision_history.major_revision 
_pdbx_audit_revision_history.minor_revision 
_pdbx_audit_revision_history.revision_date 
1 'Structure model' 1 0 2018-05-30 
2 'Structure model' 1 1 2018-10-31 
3 'Structure model' 1 2 2019-11-20 
4 'Structure model' 1 3 2023-10-04 
# 
_pdbx_audit_revision_details.ordinal             1 
_pdbx_audit_revision_details.revision_ordinal    1 
_pdbx_audit_revision_details.data_content_type   'Structure model' 
_pdbx_audit_revision_details.provider            repository 
_pdbx_audit_revision_details.type                'Initial release' 
_pdbx_audit_revision_details.description         ? 
_pdbx_audit_revision_details.details             ? 
# 
loop_
_pdbx_audit_revision_group.ordinal 
_pdbx_audit_revision_group.revision_ordinal 
_pdbx_audit_revision_group.data_content_type 
_pdbx_audit_revision_group.group 
1 2 'Structure model' 'Data collection'            
2 2 'Structure model' 'Database references'        
3 3 'Structure model' 'Author supporting evidence' 
4 4 'Structure model' 'Data collection'            
5 4 'Structure model' 'Database references'        
6 4 'Structure model' 'Derived calculations'       
7 4 'Structure model' 'Refinement description'     
# 
loop_
_pdbx_audit_revision_category.ordinal 
_pdbx_audit_revision_category.revision_ordinal 
_pdbx_audit_revision_category.data_content_type 
_pdbx_audit_revision_category.category 
1 2 'Structure model' citation                      
2 2 'Structure model' citation_author               
3 3 'Structure model' pdbx_audit_support            
4 4 'Structure model' chem_comp_atom                
5 4 'Structure model' chem_comp_bond                
6 4 'Structure model' database_2                    
7 4 'Structure model' pdbx_initial_refinement_model 
8 4 'Structure model' pdbx_struct_conn_angle        
9 4 'Structure model' struct_conn                   
# 
loop_
_pdbx_audit_revision_item.ordinal 
_pdbx_audit_revision_item.revision_ordinal 
_pdbx_audit_revision_item.data_content_type 
_pdbx_audit_revision_item.item 
1  2 'Structure model' '_citation.page_first'                        
2  2 'Structure model' '_citation.pdbx_database_id_PubMed'           
3  2 'Structure model' '_citation.title'                             
4  2 'Structure model' '_citation_author.identifier_ORCID'           
5  3 'Structure model' '_pdbx_audit_support.funding_organization'    
6  4 'Structure model' '_database_2.pdbx_DOI'                        
7  4 'Structure model' '_database_2.pdbx_database_accession'         
8  4 'Structure model' '_pdbx_struct_conn_angle.ptnr1_auth_asym_id'  
9  4 'Structure model' '_pdbx_struct_conn_angle.ptnr1_auth_seq_id'   
10 4 'Structure model' '_pdbx_struct_conn_angle.ptnr1_label_asym_id' 
11 4 'Structure model' '_pdbx_struct_conn_angle.ptnr1_symmetry'      
12 4 'Structure model' '_pdbx_struct_conn_angle.ptnr2_auth_asym_id'  
13 4 'Structure model' '_pdbx_struct_conn_angle.ptnr2_auth_seq_id'   
14 4 'Structure model' '_pdbx_struct_conn_angle.ptnr2_label_asym_id' 
15 4 'Structure model' '_pdbx_struct_conn_angle.ptnr3_auth_asym_id'  
16 4 'Structure model' '_pdbx_struct_conn_angle.ptnr3_auth_seq_id'   
17 4 'Structure model' '_pdbx_struct_conn_angle.ptnr3_label_asym_id' 
18 4 'Structure model' '_pdbx_struct_conn_angle.ptnr3_symmetry'      
19 4 'Structure model' '_pdbx_struct_conn_angle.value'               
20 4 'Structure model' '_struct_conn.pdbx_dist_value'                
21 4 'Structure model' '_struct_conn.ptnr1_auth_asym_id'             
22 4 'Structure model' '_struct_conn.ptnr1_auth_comp_id'             
23 4 'Structure model' '_struct_conn.ptnr1_auth_seq_id'              
24 4 'Structure model' '_struct_conn.ptnr1_label_asym_id'            
25 4 'Structure model' '_struct_conn.ptnr1_label_atom_id'            
26 4 'Structure model' '_struct_conn.ptnr1_label_comp_id'            
27 4 'Structure model' '_struct_conn.ptnr2_auth_asym_id'             
28 4 'Structure model' '_struct_conn.ptnr2_auth_comp_id'             
29 4 'Structure model' '_struct_conn.ptnr2_auth_seq_id'              
30 4 'Structure model' '_struct_conn.ptnr2_label_asym_id'            
31 4 'Structure model' '_struct_conn.ptnr2_label_atom_id'            
32 4 'Structure model' '_struct_conn.ptnr2_label_comp_id'            
33 4 'Structure model' '_struct_conn.ptnr2_symmetry'                 
# 
loop_
_software.citation_id 
_software.classification 
_software.compiler_name 
_software.compiler_version 
_software.contact_author 
_software.contact_author_email 
_software.date 
_software.description 
_software.dependencies 
_software.hardware 
_software.language 
_software.location 
_software.mods 
_software.name 
_software.os 
_software.os_version 
_software.type 
_software.version 
_software.pdbx_ordinal 
? refinement       ? ? ? ? ? ? ? ? ? ? ? REFMAC   ? ? ? 5.8.0135 1 
? 'data reduction' ? ? ? ? ? ? ? ? ? ? ? HKL-2000 ? ? ? .        2 
? 'data scaling'   ? ? ? ? ? ? ? ? ? ? ? HKL-2000 ? ? ? .        3 
? phasing          ? ? ? ? ? ? ? ? ? ? ? PHASER   ? ? ? .        4 
# 
loop_
_pdbx_validate_rmsd_bond.id 
_pdbx_validate_rmsd_bond.PDB_model_num 
_pdbx_validate_rmsd_bond.auth_atom_id_1 
_pdbx_validate_rmsd_bond.auth_asym_id_1 
_pdbx_validate_rmsd_bond.auth_comp_id_1 
_pdbx_validate_rmsd_bond.auth_seq_id_1 
_pdbx_validate_rmsd_bond.PDB_ins_code_1 
_pdbx_validate_rmsd_bond.label_alt_id_1 
_pdbx_validate_rmsd_bond.auth_atom_id_2 
_pdbx_validate_rmsd_bond.auth_asym_id_2 
_pdbx_validate_rmsd_bond.auth_comp_id_2 
_pdbx_validate_rmsd_bond.auth_seq_id_2 
_pdbx_validate_rmsd_bond.PDB_ins_code_2 
_pdbx_validate_rmsd_bond.label_alt_id_2 
_pdbx_validate_rmsd_bond.bond_value 
_pdbx_validate_rmsd_bond.bond_target_value 
_pdbx_validate_rmsd_bond.bond_deviation 
_pdbx_validate_rmsd_bond.bond_standard_deviation 
_pdbx_validate_rmsd_bond.linker_flag 
1 1 "O3'" A C   6 ? ? P A U   7 ? ? 1.535 1.607 -0.072 0.012 Y 
2 1 "O3'" A U   7 ? ? P A U   8 ? ? 1.519 1.607 -0.088 0.012 Y 
3 1 "O3'" B LCC 2 ? ? P B LCC 3 ? ? 1.708 1.607 0.101  0.012 Y 
4 1 "O3'" B U   7 ? ? P B U   8 ? ? 1.511 1.607 -0.096 0.012 Y 
# 
loop_
_chem_comp_atom.comp_id 
_chem_comp_atom.atom_id 
_chem_comp_atom.type_symbol 
_chem_comp_atom.pdbx_aromatic_flag 
_chem_comp_atom.pdbx_stereo_config 
_chem_comp_atom.pdbx_ordinal 
A   OP3    O  N N 1   
A   P      P  N N 2   
A   OP1    O  N N 3   
A   OP2    O  N N 4   
A   "O5'"  O  N N 5   
A   "C5'"  C  N N 6   
A   "C4'"  C  N R 7   
A   "O4'"  O  N N 8   
A   "C3'"  C  N S 9   
A   "O3'"  O  N N 10  
A   "C2'"  C  N R 11  
A   "O2'"  O  N N 12  
A   "C1'"  C  N R 13  
A   N9     N  Y N 14  
A   C8     C  Y N 15  
A   N7     N  Y N 16  
A   C5     C  Y N 17  
A   C6     C  Y N 18  
A   N6     N  N N 19  
A   N1     N  Y N 20  
A   C2     C  Y N 21  
A   N3     N  Y N 22  
A   C4     C  Y N 23  
A   HOP3   H  N N 24  
A   HOP2   H  N N 25  
A   "H5'"  H  N N 26  
A   "H5''" H  N N 27  
A   "H4'"  H  N N 28  
A   "H3'"  H  N N 29  
A   "HO3'" H  N N 30  
A   "H2'"  H  N N 31  
A   "HO2'" H  N N 32  
A   "H1'"  H  N N 33  
A   H8     H  N N 34  
A   H61    H  N N 35  
A   H62    H  N N 36  
A   H2     H  N N 37  
C   OP3    O  N N 38  
C   P      P  N N 39  
C   OP1    O  N N 40  
C   OP2    O  N N 41  
C   "O5'"  O  N N 42  
C   "C5'"  C  N N 43  
C   "C4'"  C  N R 44  
C   "O4'"  O  N N 45  
C   "C3'"  C  N S 46  
C   "O3'"  O  N N 47  
C   "C2'"  C  N R 48  
C   "O2'"  O  N N 49  
C   "C1'"  C  N R 50  
C   N1     N  N N 51  
C   C2     C  N N 52  
C   O2     O  N N 53  
C   N3     N  N N 54  
C   C4     C  N N 55  
C   N4     N  N N 56  
C   C5     C  N N 57  
C   C6     C  N N 58  
C   HOP3   H  N N 59  
C   HOP2   H  N N 60  
C   "H5'"  H  N N 61  
C   "H5''" H  N N 62  
C   "H4'"  H  N N 63  
C   "H3'"  H  N N 64  
C   "HO3'" H  N N 65  
C   "H2'"  H  N N 66  
C   "HO2'" H  N N 67  
C   "H1'"  H  N N 68  
C   H41    H  N N 69  
C   H42    H  N N 70  
C   H5     H  N N 71  
C   H6     H  N N 72  
EQ4 P1     P  N N 73  
EQ4 O1     O  N N 74  
EQ4 O2     O  N N 75  
EQ4 C1     C  N N 76  
EQ4 O3     O  N N 77  
EQ4 C2     C  N R 78  
EQ4 O4     O  N N 79  
EQ4 C3     C  N S 80  
EQ4 O5     O  N N 81  
EQ4 C4     C  N R 82  
EQ4 O6     O  N N 83  
EQ4 C5     C  N R 84  
EQ4 N1     N  N N 85  
EQ4 C6     C  N N 86  
EQ4 N2     N  N N 87  
EQ4 N3     N  N N 88  
EQ4 C7     C  Y N 89  
EQ4 C8     C  Y N 90  
EQ4 C9     C  N N 91  
EQ4 O7     O  N N 92  
EQ4 N4     N  Y N 93  
EQ4 C10    C  Y N 94  
EQ4 N5     N  Y N 95  
EQ4 N6     N  Y N 96  
EQ4 C11    C  Y N 97  
EQ4 C12    C  Y N 98  
EQ4 N7     N  Y N 99  
EQ4 C13    C  Y N 100 
EQ4 N8     N  N N 101 
EQ4 H1     H  N N 102 
EQ4 H2     H  N N 103 
EQ4 H3     H  N N 104 
EQ4 H4     H  N N 105 
EQ4 H5     H  N N 106 
EQ4 H6     H  N N 107 
EQ4 H7     H  N N 108 
EQ4 H8     H  N N 109 
EQ4 H9     H  N N 110 
EQ4 H10    H  N N 111 
EQ4 H11    H  N N 112 
EQ4 H12    H  N N 113 
EQ4 H13    H  N N 114 
EQ4 H14    H  N N 115 
EQ4 H15    H  N N 116 
EQ4 H16    H  N N 117 
EQ4 H17    H  N N 118 
G   OP3    O  N N 119 
G   P      P  N N 120 
G   OP1    O  N N 121 
G   OP2    O  N N 122 
G   "O5'"  O  N N 123 
G   "C5'"  C  N N 124 
G   "C4'"  C  N R 125 
G   "O4'"  O  N N 126 
G   "C3'"  C  N S 127 
G   "O3'"  O  N N 128 
G   "C2'"  C  N R 129 
G   "O2'"  O  N N 130 
G   "C1'"  C  N R 131 
G   N9     N  Y N 132 
G   C8     C  Y N 133 
G   N7     N  Y N 134 
G   C5     C  Y N 135 
G   C6     C  N N 136 
G   O6     O  N N 137 
G   N1     N  N N 138 
G   C2     C  N N 139 
G   N2     N  N N 140 
G   N3     N  N N 141 
G   C4     C  Y N 142 
G   HOP3   H  N N 143 
G   HOP2   H  N N 144 
G   "H5'"  H  N N 145 
G   "H5''" H  N N 146 
G   "H4'"  H  N N 147 
G   "H3'"  H  N N 148 
G   "HO3'" H  N N 149 
G   "H2'"  H  N N 150 
G   "HO2'" H  N N 151 
G   "H1'"  H  N N 152 
G   H8     H  N N 153 
G   H1     H  N N 154 
G   H21    H  N N 155 
G   H22    H  N N 156 
HOH O      O  N N 157 
HOH H1     H  N N 158 
HOH H2     H  N N 159 
LCC "O5'"  O  N N 160 
LCC "C5'"  C  N N 161 
LCC "C4'"  C  N R 162 
LCC "O4'"  O  N N 163 
LCC "C1'"  C  N R 164 
LCC N1     N  N N 165 
LCC C6     C  N N 166 
LCC C5     C  N N 167 
LCC C5M    C  N N 168 
LCC C4     C  N N 169 
LCC N4     N  N N 170 
LCC N3     N  N N 171 
LCC C2     C  N N 172 
LCC O2     O  N N 173 
LCC "C3'"  C  N S 174 
LCC "C2'"  C  N R 175 
LCC "O2'"  O  N N 176 
LCC "O3'"  O  N N 177 
LCC "C6'"  C  N N 178 
LCC P      P  N N 179 
LCC O1P    O  N N 180 
LCC O2P    O  N N 181 
LCC OXT    O  N N 182 
LCC "H5'1" H  N N 183 
LCC "H5'2" H  N N 184 
LCC "H1'"  H  N N 185 
LCC H6     H  N N 186 
LCC H5M1   H  N N 187 
LCC H5M2   H  N N 188 
LCC H5M3   H  N N 189 
LCC H41    H  N N 190 
LCC H42    H  N N 191 
LCC "H3'"  H  N N 192 
LCC "H2'1" H  N N 193 
LCC H3T    H  N N 194 
LCC "H6'1" H  N N 195 
LCC "H6'2" H  N N 196 
LCC H1P    H  N N 197 
LCC HXT    H  N N 198 
LCG P      P  N N 199 
LCG OP1    O  N N 200 
LCG "O5'"  O  N N 201 
LCG "C5'"  C  N N 202 
LCG "C3'"  C  N S 203 
LCG "C6'"  C  N N 204 
LCG N9     N  Y N 205 
LCG C8     C  Y N 206 
LCG C4     C  Y N 207 
LCG N7     N  Y N 208 
LCG C5     C  Y N 209 
LCG C6     C  N N 210 
LCG "C2'"  C  N R 211 
LCG O6     O  N N 212 
LCG "C4'"  C  N R 213 
LCG "C1'"  C  N R 214 
LCG C2     C  N N 215 
LCG N1     N  N N 216 
LCG "O4'"  O  N N 217 
LCG OP2    O  N N 218 
LCG N2     N  N N 219 
LCG N3     N  N N 220 
LCG "O2'"  O  N N 221 
LCG "O3'"  O  N N 222 
LCG OP3    O  N N 223 
LCG "H5'"  H  N N 224 
LCG "H5''" H  N N 225 
LCG "H3'"  H  N N 226 
LCG "H6'1" H  N N 227 
LCG "H6'2" H  N N 228 
LCG H8     H  N N 229 
LCG "H2'"  H  N N 230 
LCG "H1'"  H  N N 231 
LCG H1     H  N N 232 
LCG HOP2   H  N N 233 
LCG H21    H  N N 234 
LCG H22    H  N N 235 
LCG "HO3'" H  N N 236 
LCG HOP3   H  N N 237 
MG  MG     MG N N 238 
U   OP3    O  N N 239 
U   P      P  N N 240 
U   OP1    O  N N 241 
U   OP2    O  N N 242 
U   "O5'"  O  N N 243 
U   "C5'"  C  N N 244 
U   "C4'"  C  N R 245 
U   "O4'"  O  N N 246 
U   "C3'"  C  N S 247 
U   "O3'"  O  N N 248 
U   "C2'"  C  N R 249 
U   "O2'"  O  N N 250 
U   "C1'"  C  N R 251 
U   N1     N  N N 252 
U   C2     C  N N 253 
U   O2     O  N N 254 
U   N3     N  N N 255 
U   C4     C  N N 256 
U   O4     O  N N 257 
U   C5     C  N N 258 
U   C6     C  N N 259 
U   HOP3   H  N N 260 
U   HOP2   H  N N 261 
U   "H5'"  H  N N 262 
U   "H5''" H  N N 263 
U   "H4'"  H  N N 264 
U   "H3'"  H  N N 265 
U   "HO3'" H  N N 266 
U   "H2'"  H  N N 267 
U   "HO2'" H  N N 268 
U   "H1'"  H  N N 269 
U   H3     H  N N 270 
U   H5     H  N N 271 
U   H6     H  N N 272 
# 
loop_
_chem_comp_bond.comp_id 
_chem_comp_bond.atom_id_1 
_chem_comp_bond.atom_id_2 
_chem_comp_bond.value_order 
_chem_comp_bond.pdbx_aromatic_flag 
_chem_comp_bond.pdbx_stereo_config 
_chem_comp_bond.pdbx_ordinal 
A   OP3   P      sing N N 1   
A   OP3   HOP3   sing N N 2   
A   P     OP1    doub N N 3   
A   P     OP2    sing N N 4   
A   P     "O5'"  sing N N 5   
A   OP2   HOP2   sing N N 6   
A   "O5'" "C5'"  sing N N 7   
A   "C5'" "C4'"  sing N N 8   
A   "C5'" "H5'"  sing N N 9   
A   "C5'" "H5''" sing N N 10  
A   "C4'" "O4'"  sing N N 11  
A   "C4'" "C3'"  sing N N 12  
A   "C4'" "H4'"  sing N N 13  
A   "O4'" "C1'"  sing N N 14  
A   "C3'" "O3'"  sing N N 15  
A   "C3'" "C2'"  sing N N 16  
A   "C3'" "H3'"  sing N N 17  
A   "O3'" "HO3'" sing N N 18  
A   "C2'" "O2'"  sing N N 19  
A   "C2'" "C1'"  sing N N 20  
A   "C2'" "H2'"  sing N N 21  
A   "O2'" "HO2'" sing N N 22  
A   "C1'" N9     sing N N 23  
A   "C1'" "H1'"  sing N N 24  
A   N9    C8     sing Y N 25  
A   N9    C4     sing Y N 26  
A   C8    N7     doub Y N 27  
A   C8    H8     sing N N 28  
A   N7    C5     sing Y N 29  
A   C5    C6     sing Y N 30  
A   C5    C4     doub Y N 31  
A   C6    N6     sing N N 32  
A   C6    N1     doub Y N 33  
A   N6    H61    sing N N 34  
A   N6    H62    sing N N 35  
A   N1    C2     sing Y N 36  
A   C2    N3     doub Y N 37  
A   C2    H2     sing N N 38  
A   N3    C4     sing Y N 39  
C   OP3   P      sing N N 40  
C   OP3   HOP3   sing N N 41  
C   P     OP1    doub N N 42  
C   P     OP2    sing N N 43  
C   P     "O5'"  sing N N 44  
C   OP2   HOP2   sing N N 45  
C   "O5'" "C5'"  sing N N 46  
C   "C5'" "C4'"  sing N N 47  
C   "C5'" "H5'"  sing N N 48  
C   "C5'" "H5''" sing N N 49  
C   "C4'" "O4'"  sing N N 50  
C   "C4'" "C3'"  sing N N 51  
C   "C4'" "H4'"  sing N N 52  
C   "O4'" "C1'"  sing N N 53  
C   "C3'" "O3'"  sing N N 54  
C   "C3'" "C2'"  sing N N 55  
C   "C3'" "H3'"  sing N N 56  
C   "O3'" "HO3'" sing N N 57  
C   "C2'" "O2'"  sing N N 58  
C   "C2'" "C1'"  sing N N 59  
C   "C2'" "H2'"  sing N N 60  
C   "O2'" "HO2'" sing N N 61  
C   "C1'" N1     sing N N 62  
C   "C1'" "H1'"  sing N N 63  
C   N1    C2     sing N N 64  
C   N1    C6     sing N N 65  
C   C2    O2     doub N N 66  
C   C2    N3     sing N N 67  
C   N3    C4     doub N N 68  
C   C4    N4     sing N N 69  
C   C4    C5     sing N N 70  
C   N4    H41    sing N N 71  
C   N4    H42    sing N N 72  
C   C5    C6     doub N N 73  
C   C5    H5     sing N N 74  
C   C6    H6     sing N N 75  
EQ4 C12   N7     sing Y N 76  
EQ4 C12   C11    doub Y N 77  
EQ4 N7    C13    doub Y N 78  
EQ4 C11   N6     sing Y N 79  
EQ4 C13   N8     sing N N 80  
EQ4 C13   N6     sing Y N 81  
EQ4 N6    P1     sing N N 82  
EQ4 O2    P1     doub N N 83  
EQ4 O5    C3     sing N N 84  
EQ4 P1    O3     sing N N 85  
EQ4 P1    O1     sing N N 86  
EQ4 O3    C1     sing N N 87  
EQ4 C3    C2     sing N N 88  
EQ4 C3    C4     sing N N 89  
EQ4 O6    C4     sing N N 90  
EQ4 C2    C1     sing N N 91  
EQ4 C2    O4     sing N N 92  
EQ4 C4    C5     sing N N 93  
EQ4 O4    C5     sing N N 94  
EQ4 C5    N5     sing N N 95  
EQ4 C10   N5     sing Y N 96  
EQ4 C10   N4     doub Y N 97  
EQ4 N5    C7     sing Y N 98  
EQ4 N4    C8     sing Y N 99  
EQ4 C7    C8     doub Y N 100 
EQ4 C7    N3     sing N N 101 
EQ4 C8    C9     sing N N 102 
EQ4 N3    C6     doub N N 103 
EQ4 C9    O7     doub N N 104 
EQ4 C9    N1     sing N N 105 
EQ4 C6    N1     sing N N 106 
EQ4 C6    N2     sing N N 107 
EQ4 O1    H1     sing N N 108 
EQ4 C1    H2     sing N N 109 
EQ4 C1    H3     sing N N 110 
EQ4 C2    H4     sing N N 111 
EQ4 C3    H5     sing N N 112 
EQ4 O5    H6     sing N N 113 
EQ4 C4    H7     sing N N 114 
EQ4 O6    H8     sing N N 115 
EQ4 C5    H9     sing N N 116 
EQ4 N1    H10    sing N N 117 
EQ4 N2    H11    sing N N 118 
EQ4 N2    H12    sing N N 119 
EQ4 C10   H13    sing N N 120 
EQ4 C11   H14    sing N N 121 
EQ4 C12   H15    sing N N 122 
EQ4 N8    H16    sing N N 123 
EQ4 N8    H17    sing N N 124 
G   OP3   P      sing N N 125 
G   OP3   HOP3   sing N N 126 
G   P     OP1    doub N N 127 
G   P     OP2    sing N N 128 
G   P     "O5'"  sing N N 129 
G   OP2   HOP2   sing N N 130 
G   "O5'" "C5'"  sing N N 131 
G   "C5'" "C4'"  sing N N 132 
G   "C5'" "H5'"  sing N N 133 
G   "C5'" "H5''" sing N N 134 
G   "C4'" "O4'"  sing N N 135 
G   "C4'" "C3'"  sing N N 136 
G   "C4'" "H4'"  sing N N 137 
G   "O4'" "C1'"  sing N N 138 
G   "C3'" "O3'"  sing N N 139 
G   "C3'" "C2'"  sing N N 140 
G   "C3'" "H3'"  sing N N 141 
G   "O3'" "HO3'" sing N N 142 
G   "C2'" "O2'"  sing N N 143 
G   "C2'" "C1'"  sing N N 144 
G   "C2'" "H2'"  sing N N 145 
G   "O2'" "HO2'" sing N N 146 
G   "C1'" N9     sing N N 147 
G   "C1'" "H1'"  sing N N 148 
G   N9    C8     sing Y N 149 
G   N9    C4     sing Y N 150 
G   C8    N7     doub Y N 151 
G   C8    H8     sing N N 152 
G   N7    C5     sing Y N 153 
G   C5    C6     sing N N 154 
G   C5    C4     doub Y N 155 
G   C6    O6     doub N N 156 
G   C6    N1     sing N N 157 
G   N1    C2     sing N N 158 
G   N1    H1     sing N N 159 
G   C2    N2     sing N N 160 
G   C2    N3     doub N N 161 
G   N2    H21    sing N N 162 
G   N2    H22    sing N N 163 
G   N3    C4     sing N N 164 
HOH O     H1     sing N N 165 
HOH O     H2     sing N N 166 
LCC "O5'" "C5'"  sing N N 167 
LCC "O5'" P      sing N N 168 
LCC "C5'" "C4'"  sing N N 169 
LCC "C5'" "H5'1" sing N N 170 
LCC "C5'" "H5'2" sing N N 171 
LCC "C4'" "O4'"  sing N N 172 
LCC "C4'" "C3'"  sing N N 173 
LCC "C4'" "C6'"  sing N N 174 
LCC "O4'" "C1'"  sing N N 175 
LCC "C1'" N1     sing N N 176 
LCC "C1'" "C2'"  sing N N 177 
LCC "C1'" "H1'"  sing N N 178 
LCC N1    C6     sing N N 179 
LCC N1    C2     sing N N 180 
LCC C6    C5     doub N N 181 
LCC C6    H6     sing N N 182 
LCC C5    C5M    sing N N 183 
LCC C5    C4     sing N N 184 
LCC C5M   H5M1   sing N N 185 
LCC C5M   H5M2   sing N N 186 
LCC C5M   H5M3   sing N N 187 
LCC C4    N4     sing N N 188 
LCC C4    N3     doub N N 189 
LCC N4    H41    sing N N 190 
LCC N4    H42    sing N N 191 
LCC N3    C2     sing N N 192 
LCC C2    O2     doub N N 193 
LCC "C3'" "C2'"  sing N N 194 
LCC "C3'" "O3'"  sing N N 195 
LCC "C3'" "H3'"  sing N N 196 
LCC "C2'" "O2'"  sing N N 197 
LCC "C2'" "H2'1" sing N N 198 
LCC "O2'" "C6'"  sing N N 199 
LCC "O3'" H3T    sing N N 200 
LCC "C6'" "H6'1" sing N N 201 
LCC "C6'" "H6'2" sing N N 202 
LCC P     O1P    sing N N 203 
LCC P     O2P    doub N N 204 
LCC P     OXT    sing N N 205 
LCC O1P   H1P    sing N N 206 
LCC OXT   HXT    sing N N 207 
LCG P     OP1    doub N N 208 
LCG P     "O5'"  sing N N 209 
LCG P     OP2    sing N N 210 
LCG P     OP3    sing N N 211 
LCG "O5'" "C5'"  sing N N 212 
LCG "C5'" "C4'"  sing N N 213 
LCG "C5'" "H5'"  sing N N 214 
LCG "C5'" "H5''" sing N N 215 
LCG "C3'" "C2'"  sing N N 216 
LCG "C3'" "C4'"  sing N N 217 
LCG "C3'" "O3'"  sing N N 218 
LCG "C3'" "H3'"  sing N N 219 
LCG "C6'" "C4'"  sing N N 220 
LCG "C6'" "O2'"  sing N N 221 
LCG "C6'" "H6'1" sing N N 222 
LCG "C6'" "H6'2" sing N N 223 
LCG N9    C8     sing Y N 224 
LCG N9    C4     sing Y N 225 
LCG N9    "C1'"  sing N N 226 
LCG C8    N7     doub Y N 227 
LCG C8    H8     sing N N 228 
LCG C4    C5     doub Y N 229 
LCG C4    N3     sing N N 230 
LCG N7    C5     sing Y N 231 
LCG C5    C6     sing N N 232 
LCG C6    O6     doub N N 233 
LCG C6    N1     sing N N 234 
LCG "C2'" "C1'"  sing N N 235 
LCG "C2'" "O2'"  sing N N 236 
LCG "C2'" "H2'"  sing N N 237 
LCG "C4'" "O4'"  sing N N 238 
LCG "C1'" "O4'"  sing N N 239 
LCG "C1'" "H1'"  sing N N 240 
LCG C2    N1     sing N N 241 
LCG C2    N2     sing N N 242 
LCG C2    N3     doub N N 243 
LCG N1    H1     sing N N 244 
LCG OP2   HOP2   sing N N 245 
LCG N2    H21    sing N N 246 
LCG N2    H22    sing N N 247 
LCG "O3'" "HO3'" sing N N 248 
LCG OP3   HOP3   sing N N 249 
U   OP3   P      sing N N 250 
U   OP3   HOP3   sing N N 251 
U   P     OP1    doub N N 252 
U   P     OP2    sing N N 253 
U   P     "O5'"  sing N N 254 
U   OP2   HOP2   sing N N 255 
U   "O5'" "C5'"  sing N N 256 
U   "C5'" "C4'"  sing N N 257 
U   "C5'" "H5'"  sing N N 258 
U   "C5'" "H5''" sing N N 259 
U   "C4'" "O4'"  sing N N 260 
U   "C4'" "C3'"  sing N N 261 
U   "C4'" "H4'"  sing N N 262 
U   "O4'" "C1'"  sing N N 263 
U   "C3'" "O3'"  sing N N 264 
U   "C3'" "C2'"  sing N N 265 
U   "C3'" "H3'"  sing N N 266 
U   "O3'" "HO3'" sing N N 267 
U   "C2'" "O2'"  sing N N 268 
U   "C2'" "C1'"  sing N N 269 
U   "C2'" "H2'"  sing N N 270 
U   "O2'" "HO2'" sing N N 271 
U   "C1'" N1     sing N N 272 
U   "C1'" "H1'"  sing N N 273 
U   N1    C2     sing N N 274 
U   N1    C6     sing N N 275 
U   C2    O2     doub N N 276 
U   C2    N3     sing N N 277 
U   N3    C4     sing N N 278 
U   N3    H3     sing N N 279 
U   C4    O4     doub N N 280 
U   C4    C5     sing N N 281 
U   C5    C6     doub N N 282 
U   C5    H5     sing N N 283 
U   C6    H6     sing N N 284 
# 
_ndb_struct_conf_na.entry_id   6C8J 
_ndb_struct_conf_na.feature    'a-form double helix' 
# 
loop_
_ndb_struct_na_base_pair.model_number 
_ndb_struct_na_base_pair.i_label_asym_id 
_ndb_struct_na_base_pair.i_label_comp_id 
_ndb_struct_na_base_pair.i_label_seq_id 
_ndb_struct_na_base_pair.i_symmetry 
_ndb_struct_na_base_pair.j_label_asym_id 
_ndb_struct_na_base_pair.j_label_comp_id 
_ndb_struct_na_base_pair.j_label_seq_id 
_ndb_struct_na_base_pair.j_symmetry 
_ndb_struct_na_base_pair.shear 
_ndb_struct_na_base_pair.stretch 
_ndb_struct_na_base_pair.stagger 
_ndb_struct_na_base_pair.buckle 
_ndb_struct_na_base_pair.propeller 
_ndb_struct_na_base_pair.opening 
_ndb_struct_na_base_pair.pair_number 
_ndb_struct_na_base_pair.pair_name 
_ndb_struct_na_base_pair.i_auth_asym_id 
_ndb_struct_na_base_pair.i_auth_seq_id 
_ndb_struct_na_base_pair.i_PDB_ins_code 
_ndb_struct_na_base_pair.j_auth_asym_id 
_ndb_struct_na_base_pair.j_auth_seq_id 
_ndb_struct_na_base_pair.j_PDB_ins_code 
_ndb_struct_na_base_pair.hbond_type_28 
_ndb_struct_na_base_pair.hbond_type_12 
1 A LCG 4  1_555 B C   13 1_555 -0.189 -0.189 0.024  -3.763  -15.886 -0.440 1  A_LCG4:C13_B A 4  ? B 13 ? 19 1 
1 A A   5  1_555 B U   12 1_555 0.069  -0.133 0.084  3.746   -9.666  -4.633 2  A_A5:U12_B   A 5  ? B 12 ? 20 1 
1 A C   6  1_555 B G   11 1_555 0.273  -0.166 -0.049 10.051  -17.495 -0.193 3  A_C6:G11_B   A 6  ? B 11 ? 19 1 
1 A U   7  1_555 B A   10 1_555 -0.017 -0.160 -0.030 1.867   -17.265 3.847  4  A_U7:A10_B   A 7  ? B 10 ? 20 1 
1 A U   8  1_555 B A   9  1_555 0.004  -0.094 -0.103 3.305   -9.436  1.864  5  A_U8:A9_B    A 8  ? B 9  ? 20 1 
1 A A   9  1_555 B U   8  1_555 -0.001 -0.091 -0.087 -3.419  -9.192  1.642  6  A_A9:U8_B    A 9  ? B 8  ? 20 1 
1 A A   10 1_555 B U   7  1_555 -0.022 -0.165 -0.042 -2.138  -17.282 3.709  7  A_A10:U7_B   A 10 ? B 7  ? 20 1 
1 A G   11 1_555 B C   6  1_555 -0.256 -0.180 -0.073 -10.237 -17.762 -0.162 8  A_G11:C6_B   A 11 ? B 6  ? 19 1 
1 A U   12 1_555 B A   5  1_555 -0.038 -0.149 0.069  -3.411  -8.916  -4.900 9  A_U12:A5_B   A 12 ? B 5  ? 20 1 
1 A C   13 1_555 B LCG 4  1_555 0.191  -0.188 0.039  3.910   -16.374 -0.236 10 A_C13:LCG4_B A 13 ? B 4  ? 19 1 
# 
loop_
_ndb_struct_na_base_pair_step.model_number 
_ndb_struct_na_base_pair_step.i_label_asym_id_1 
_ndb_struct_na_base_pair_step.i_label_comp_id_1 
_ndb_struct_na_base_pair_step.i_label_seq_id_1 
_ndb_struct_na_base_pair_step.i_symmetry_1 
_ndb_struct_na_base_pair_step.j_label_asym_id_1 
_ndb_struct_na_base_pair_step.j_label_comp_id_1 
_ndb_struct_na_base_pair_step.j_label_seq_id_1 
_ndb_struct_na_base_pair_step.j_symmetry_1 
_ndb_struct_na_base_pair_step.i_label_asym_id_2 
_ndb_struct_na_base_pair_step.i_label_comp_id_2 
_ndb_struct_na_base_pair_step.i_label_seq_id_2 
_ndb_struct_na_base_pair_step.i_symmetry_2 
_ndb_struct_na_base_pair_step.j_label_asym_id_2 
_ndb_struct_na_base_pair_step.j_label_comp_id_2 
_ndb_struct_na_base_pair_step.j_label_seq_id_2 
_ndb_struct_na_base_pair_step.j_symmetry_2 
_ndb_struct_na_base_pair_step.shift 
_ndb_struct_na_base_pair_step.slide 
_ndb_struct_na_base_pair_step.rise 
_ndb_struct_na_base_pair_step.tilt 
_ndb_struct_na_base_pair_step.roll 
_ndb_struct_na_base_pair_step.twist 
_ndb_struct_na_base_pair_step.x_displacement 
_ndb_struct_na_base_pair_step.y_displacement 
_ndb_struct_na_base_pair_step.helical_rise 
_ndb_struct_na_base_pair_step.inclination 
_ndb_struct_na_base_pair_step.tip 
_ndb_struct_na_base_pair_step.helical_twist 
_ndb_struct_na_base_pair_step.step_number 
_ndb_struct_na_base_pair_step.step_name 
_ndb_struct_na_base_pair_step.i_auth_asym_id_1 
_ndb_struct_na_base_pair_step.i_auth_seq_id_1 
_ndb_struct_na_base_pair_step.i_PDB_ins_code_1 
_ndb_struct_na_base_pair_step.j_auth_asym_id_1 
_ndb_struct_na_base_pair_step.j_auth_seq_id_1 
_ndb_struct_na_base_pair_step.j_PDB_ins_code_1 
_ndb_struct_na_base_pair_step.i_auth_asym_id_2 
_ndb_struct_na_base_pair_step.i_auth_seq_id_2 
_ndb_struct_na_base_pair_step.i_PDB_ins_code_2 
_ndb_struct_na_base_pair_step.j_auth_asym_id_2 
_ndb_struct_na_base_pair_step.j_auth_seq_id_2 
_ndb_struct_na_base_pair_step.j_PDB_ins_code_2 
1 A LCG 4  1_555 B C 13 1_555 A A 5  1_555 B U   12 1_555 -0.535 -1.099 3.067 -1.811 4.569  33.044 -2.608 0.656  2.917 7.978  
3.163  33.397 1 AA_LCG4A5:U12C13_BB A 4  ? B 13 ? A 5  ? B 12 ? 
1 A A   5  1_555 B U 12 1_555 A C 6  1_555 B G   11 1_555 0.542  -1.374 3.113 1.426  5.146  33.188 -3.154 -0.722 2.894 8.938  
-2.477 33.603 2 AA_A5C6:G11U12_BB   A 5  ? B 12 ? A 6  ? B 11 ? 
1 A C   6  1_555 B G 11 1_555 A U 7  1_555 B A   10 1_555 -0.233 -1.634 3.463 -1.847 11.828 28.356 -5.324 0.090  2.599 22.897 
3.575  30.732 3 AA_C6U7:A10G11_BB   A 6  ? B 11 ? A 7  ? B 10 ? 
1 A U   7  1_555 B A 10 1_555 A U 8  1_555 B A   9  1_555 -0.417 -1.289 3.237 -2.368 9.708  30.625 -3.950 0.356  2.735 17.795 
4.341  32.177 4 AA_U7U8:A9A10_BB    A 7  ? B 10 ? A 8  ? B 9  ? 
1 A U   8  1_555 B A 9  1_555 A A 9  1_555 B U   8  1_555 -0.005 -1.265 3.371 -0.035 16.770 32.160 -4.269 0.004  2.437 28.020 
0.058  36.167 5 AA_U8A9:U8A9_BB     A 8  ? B 9  ? A 9  ? B 8  ? 
1 A A   9  1_555 B U 8  1_555 A A 10 1_555 B U   7  1_555 0.435  -1.299 3.244 2.475  9.731  29.969 -4.081 -0.368 2.726 18.186 
-4.626 31.570 6 AA_A9A10:U7U8_BB    A 9  ? B 8  ? A 10 ? B 7  ? 
1 A A   10 1_555 B U 7  1_555 A G 11 1_555 B C   6  1_555 0.239  -1.629 3.458 2.038  12.479 28.935 -5.235 -0.074 2.565 23.603 
-3.855 31.523 7 AA_A10G11:C6U7_BB   A 10 ? B 7  ? A 11 ? B 6  ? 
1 A G   11 1_555 B C 6  1_555 A U 12 1_555 B A   5  1_555 -0.557 -1.362 3.096 -1.761 4.668  33.221 -3.063 0.698  2.908 8.108  
3.059  33.583 8 AA_G11U12:A5C6_BB   A 11 ? B 6  ? A 12 ? B 5  ? 
1 A U   12 1_555 B A 5  1_555 A C 13 1_555 B LCG 4  1_555 0.546  -1.098 3.076 1.783  4.578  32.783 -2.636 -0.680 2.925 8.055  
-3.138 33.140 9 AA_U12C13:LCG4A5_BB A 12 ? B 5  ? A 13 ? B 4  ? 
# 
_pdbx_audit_support.funding_organization   'Howard Hughes Medical Institute (HHMI)' 
_pdbx_audit_support.country                'United States' 
_pdbx_audit_support.grant_number           ? 
_pdbx_audit_support.ordinal                1 
# 
loop_
_pdbx_entity_nonpoly.entity_id 
_pdbx_entity_nonpoly.name 
_pdbx_entity_nonpoly.comp_id 
2 "5'-O-[(R)-(2-amino-1H-imidazol-1-yl)(hydroxy)phosphoryl]guanosine" EQ4 
3 'MAGNESIUM ION'                                                     MG  
4 water                                                               HOH 
# 
_pdbx_initial_refinement_model.id               1 
_pdbx_initial_refinement_model.entity_id_list   ? 
_pdbx_initial_refinement_model.type             'experimental model' 
_pdbx_initial_refinement_model.source_name      PDB 
_pdbx_initial_refinement_model.accession_code   5DHC 
_pdbx_initial_refinement_model.details          ? 
# 
_pdbx_struct_assembly_auth_evidence.id                     1 
_pdbx_struct_assembly_auth_evidence.assembly_id            1 
_pdbx_struct_assembly_auth_evidence.experimental_support   none 
_pdbx_struct_assembly_auth_evidence.details                ? 
# 
